data_1Z8R
#
_entry.id   1Z8R
#
_cell.length_a   1.000
_cell.length_b   1.000
_cell.length_c   1.000
_cell.angle_alpha   90.00
_cell.angle_beta   90.00
_cell.angle_gamma   90.00
#
_symmetry.space_group_name_H-M   'P 1'
#
loop_
_entity.id
_entity.type
_entity.pdbx_description
1 polymer 'Coxsackievirus B4 polyprotein'
2 non-polymer 'ZINC ION'
#
_entity_poly.entity_id   1
_entity_poly.type   'polypeptide(L)'
_entity_poly.pdbx_seq_one_letter_code
;MAHHHHHHERASLITTGPYGHQSGAVYVGNYKVVNRHLATHVDWQNCVWEDYNRDLLVSTTTAHGCDTIARCQCTTGVYF
CASKSKHYPVSFEGPGLVEVQESEYYPKRYQSHVLLATGFSEPGDAGGILRCEHGVIGLVTMGGEGVVGFADVRDLLWLE
DDAMEQ
;
_entity_poly.pdbx_strand_id   A
#
loop_
_chem_comp.id
_chem_comp.type
_chem_comp.name
_chem_comp.formula
ZN non-polymer 'ZINC ION' 'Zn 2'
#
# COMPACT_ATOMS: atom_id res chain seq x y z
N GLY A 17 25.42 2.83 14.32
CA GLY A 17 25.24 3.23 12.90
C GLY A 17 23.82 3.64 12.58
N PRO A 18 22.97 2.69 12.14
CA PRO A 18 21.58 2.98 11.81
C PRO A 18 20.73 3.27 13.04
N TYR A 19 19.49 3.68 12.82
CA TYR A 19 18.58 3.99 13.92
C TYR A 19 17.14 4.01 13.43
N GLY A 20 16.90 4.68 12.31
CA GLY A 20 15.56 4.75 11.75
C GLY A 20 15.06 3.42 11.25
N HIS A 21 13.83 3.09 11.59
CA HIS A 21 13.22 1.82 11.17
C HIS A 21 12.14 2.06 10.12
N GLN A 22 11.96 1.09 9.24
CA GLN A 22 10.96 1.19 8.18
C GLN A 22 10.68 -0.17 7.56
N SER A 23 9.43 -0.42 7.21
CA SER A 23 9.03 -1.69 6.60
C SER A 23 8.83 -1.54 5.09
N GLY A 24 8.14 -0.47 4.70
CA GLY A 24 7.90 -0.22 3.29
C GLY A 24 7.04 -1.30 2.65
N ALA A 25 6.27 -2.00 3.48
CA ALA A 25 5.40 -3.07 2.98
C ALA A 25 4.37 -3.46 4.04
N VAL A 26 3.52 -4.41 3.69
CA VAL A 26 2.49 -4.89 4.62
C VAL A 26 2.64 -6.39 4.88
N TYR A 27 3.05 -6.74 6.08
CA TYR A 27 3.23 -8.14 6.45
C TYR A 27 1.96 -8.67 7.13
N VAL A 28 1.31 -9.64 6.51
CA VAL A 28 0.10 -10.22 7.06
C VAL A 28 0.25 -11.73 7.27
N GLY A 29 0.33 -12.15 8.53
CA GLY A 29 0.47 -13.56 8.84
C GLY A 29 1.54 -14.26 8.01
N ASN A 30 1.14 -15.33 7.33
CA ASN A 30 2.07 -16.10 6.50
C ASN A 30 2.11 -15.58 5.07
N TYR A 31 1.55 -14.40 4.84
CA TYR A 31 1.52 -13.79 3.51
C TYR A 31 2.01 -12.34 3.60
N LYS A 32 2.98 -11.98 2.77
CA LYS A 32 3.50 -10.62 2.77
C LYS A 32 3.24 -9.95 1.43
N VAL A 33 2.42 -8.89 1.45
CA VAL A 33 2.10 -8.17 0.22
C VAL A 33 2.93 -6.89 0.12
N VAL A 34 3.69 -6.77 -0.95
CA VAL A 34 4.53 -5.60 -1.18
C VAL A 34 4.44 -5.12 -2.63
N ASN A 35 4.83 -3.87 -2.86
CA ASN A 35 4.79 -3.30 -4.20
C ASN A 35 5.69 -4.11 -5.15
N ARG A 36 5.24 -4.29 -6.39
CA ARG A 36 5.99 -5.05 -7.38
C ARG A 36 7.38 -4.45 -7.56
N HIS A 37 7.45 -3.13 -7.70
CA HIS A 37 8.73 -2.45 -7.88
C HIS A 37 9.55 -2.50 -6.60
N LEU A 38 8.94 -2.97 -5.50
CA LEU A 38 9.63 -3.05 -4.22
C LEU A 38 9.89 -4.50 -3.81
N ALA A 39 9.27 -5.45 -4.52
CA ALA A 39 9.45 -6.85 -4.20
C ALA A 39 10.85 -7.33 -4.61
N THR A 40 11.37 -8.32 -3.90
CA THR A 40 12.68 -8.85 -4.20
C THR A 40 12.55 -10.20 -4.90
N HIS A 41 13.67 -10.70 -5.43
CA HIS A 41 13.67 -11.98 -6.13
C HIS A 41 13.10 -13.08 -5.25
N VAL A 42 13.26 -12.92 -3.94
CA VAL A 42 12.76 -13.88 -2.97
C VAL A 42 11.24 -13.79 -2.82
N ASP A 43 10.69 -12.59 -3.00
CA ASP A 43 9.26 -12.38 -2.89
C ASP A 43 8.56 -13.10 -4.02
N TRP A 44 9.12 -12.95 -5.23
CA TRP A 44 8.55 -13.59 -6.39
C TRP A 44 8.84 -15.09 -6.39
N GLN A 45 9.98 -15.47 -5.82
CA GLN A 45 10.37 -16.87 -5.75
C GLN A 45 9.30 -17.68 -5.01
N ASN A 46 8.81 -17.13 -3.90
CA ASN A 46 7.79 -17.80 -3.11
C ASN A 46 6.48 -17.01 -3.17
N CYS A 47 6.23 -16.37 -4.31
CA CYS A 47 5.03 -15.57 -4.50
C CYS A 47 3.83 -16.45 -4.83
N VAL A 48 2.71 -16.17 -4.15
CA VAL A 48 1.48 -16.91 -4.38
C VAL A 48 0.57 -16.16 -5.34
N TRP A 49 0.51 -14.85 -5.20
CA TRP A 49 -0.33 -14.02 -6.07
C TRP A 49 0.39 -12.73 -6.45
N GLU A 50 0.04 -12.17 -7.60
CA GLU A 50 0.65 -10.94 -8.08
C GLU A 50 -0.23 -10.26 -9.13
N ASP A 51 -0.68 -9.04 -8.83
CA ASP A 51 -1.53 -8.29 -9.73
C ASP A 51 -0.76 -7.14 -10.37
N TYR A 52 -0.50 -7.25 -11.67
CA TYR A 52 0.23 -6.21 -12.40
C TYR A 52 -0.49 -4.86 -12.32
N ASN A 53 -1.80 -4.88 -12.57
CA ASN A 53 -2.59 -3.66 -12.53
C ASN A 53 -2.53 -3.02 -11.15
N ARG A 54 -2.29 -3.84 -10.13
CA ARG A 54 -2.21 -3.34 -8.76
C ARG A 54 -0.75 -3.17 -8.32
N ASP A 55 0.18 -3.63 -9.15
CA ASP A 55 1.61 -3.53 -8.82
C ASP A 55 1.87 -4.08 -7.43
N LEU A 56 1.12 -5.12 -7.06
CA LEU A 56 1.25 -5.73 -5.75
C LEU A 56 1.30 -7.25 -5.87
N LEU A 57 2.00 -7.90 -4.95
CA LEU A 57 2.12 -9.35 -4.94
C LEU A 57 2.16 -9.91 -3.52
N VAL A 58 1.78 -11.17 -3.38
CA VAL A 58 1.77 -11.80 -2.07
C VAL A 58 2.73 -12.99 -2.05
N SER A 59 3.62 -12.99 -1.07
CA SER A 59 4.58 -14.06 -0.89
C SER A 59 4.40 -14.69 0.49
N THR A 60 4.84 -15.92 0.64
CA THR A 60 4.68 -16.61 1.92
C THR A 60 5.95 -16.52 2.76
N THR A 61 5.76 -16.46 4.08
CA THR A 61 6.87 -16.36 5.02
C THR A 61 6.65 -17.30 6.20
N THR A 62 7.72 -17.52 6.97
CA THR A 62 7.65 -18.39 8.13
C THR A 62 7.35 -17.60 9.40
N ALA A 63 7.86 -16.37 9.46
CA ALA A 63 7.65 -15.50 10.62
C ALA A 63 6.32 -14.75 10.50
N HIS A 64 5.52 -14.83 11.55
CA HIS A 64 4.22 -14.16 11.57
C HIS A 64 4.39 -12.66 11.39
N GLY A 65 3.41 -12.02 10.76
CA GLY A 65 3.47 -10.59 10.53
C GLY A 65 3.07 -9.78 11.75
N CYS A 66 3.15 -8.47 11.63
CA CYS A 66 2.80 -7.59 12.74
C CYS A 66 1.87 -6.47 12.26
N ASP A 67 1.03 -6.78 11.29
CA ASP A 67 0.09 -5.79 10.75
C ASP A 67 -1.28 -6.42 10.51
N THR A 68 -2.33 -5.64 10.73
CA THR A 68 -3.69 -6.11 10.55
C THR A 68 -4.43 -5.25 9.52
N ILE A 69 -4.80 -5.88 8.40
CA ILE A 69 -5.50 -5.17 7.33
C ILE A 69 -6.95 -4.90 7.72
N ALA A 70 -7.43 -3.70 7.38
CA ALA A 70 -8.80 -3.32 7.69
C ALA A 70 -9.73 -3.64 6.52
N ARG A 71 -10.87 -4.25 6.83
CA ARG A 71 -11.85 -4.58 5.80
C ARG A 71 -12.88 -3.48 5.68
N CYS A 72 -12.47 -2.26 6.02
CA CYS A 72 -13.36 -1.10 5.95
C CYS A 72 -13.11 -0.29 4.68
N GLN A 73 -14.01 0.62 4.38
CA GLN A 73 -13.89 1.47 3.19
C GLN A 73 -14.03 2.95 3.56
N CYS A 74 -13.59 3.30 4.77
CA CYS A 74 -13.65 4.68 5.23
C CYS A 74 -12.94 5.62 4.26
N THR A 75 -13.61 6.72 3.92
CA THR A 75 -13.02 7.69 3.00
C THR A 75 -11.94 8.51 3.69
N THR A 76 -11.81 8.35 5.01
CA THR A 76 -10.81 9.07 5.77
C THR A 76 -9.82 8.11 6.44
N GLY A 77 -8.53 8.39 6.27
CA GLY A 77 -7.50 7.55 6.85
C GLY A 77 -6.22 8.33 7.11
N VAL A 78 -5.14 7.62 7.42
CA VAL A 78 -3.86 8.26 7.68
C VAL A 78 -2.74 7.56 6.92
N TYR A 79 -1.97 8.33 6.16
CA TYR A 79 -0.87 7.79 5.38
C TYR A 79 0.47 8.27 5.93
N PHE A 80 1.51 7.48 5.70
CA PHE A 80 2.85 7.82 6.17
C PHE A 80 3.62 8.57 5.08
N CYS A 81 4.44 9.54 5.49
CA CYS A 81 5.22 10.32 4.55
C CYS A 81 6.72 10.20 4.83
N ALA A 82 7.51 10.05 3.78
CA ALA A 82 8.95 9.91 3.91
C ALA A 82 9.59 11.25 4.27
N SER A 83 9.18 12.31 3.58
CA SER A 83 9.70 13.64 3.83
C SER A 83 9.34 14.12 5.23
N LYS A 84 8.06 14.01 5.56
CA LYS A 84 7.58 14.43 6.88
C LYS A 84 7.98 13.42 7.96
N SER A 85 8.15 12.16 7.55
CA SER A 85 8.52 11.10 8.48
C SER A 85 7.48 10.96 9.59
N LYS A 86 6.27 11.44 9.32
CA LYS A 86 5.18 11.37 10.28
C LYS A 86 3.90 10.88 9.60
N HIS A 87 2.89 10.58 10.41
CA HIS A 87 1.62 10.11 9.90
C HIS A 87 0.75 11.31 9.50
N TYR A 88 0.05 11.19 8.37
CA TYR A 88 -0.78 12.27 7.88
C TYR A 88 -2.22 11.81 7.61
N PRO A 89 -3.20 12.30 8.38
CA PRO A 89 -4.60 11.95 8.19
C PRO A 89 -5.16 12.64 6.95
N VAL A 90 -5.63 11.86 5.99
CA VAL A 90 -6.16 12.42 4.75
C VAL A 90 -7.34 11.63 4.22
N SER A 91 -8.26 12.33 3.58
CA SER A 91 -9.43 11.71 2.98
C SER A 91 -9.14 11.36 1.53
N PHE A 92 -9.55 10.17 1.11
CA PHE A 92 -9.29 9.73 -0.26
C PHE A 92 -10.42 8.86 -0.80
N GLU A 93 -10.37 8.62 -2.11
CA GLU A 93 -11.37 7.80 -2.77
C GLU A 93 -10.73 6.52 -3.28
N GLY A 94 -11.55 5.49 -3.50
CA GLY A 94 -11.03 4.22 -3.98
C GLY A 94 -11.35 3.97 -5.45
N PRO A 95 -10.73 4.75 -6.37
CA PRO A 95 -10.97 4.58 -7.81
C PRO A 95 -10.41 3.27 -8.33
N GLY A 96 -11.20 2.58 -9.15
CA GLY A 96 -10.77 1.32 -9.71
C GLY A 96 -9.49 1.45 -10.53
N LEU A 97 -9.64 1.87 -11.78
CA LEU A 97 -8.50 2.03 -12.66
C LEU A 97 -8.04 3.48 -12.71
N VAL A 98 -6.78 3.71 -12.31
CA VAL A 98 -6.21 5.05 -12.33
C VAL A 98 -4.91 5.05 -13.14
N GLU A 99 -4.86 5.88 -14.18
CA GLU A 99 -3.68 5.97 -15.03
C GLU A 99 -2.55 6.69 -14.31
N VAL A 100 -1.53 5.94 -13.92
CA VAL A 100 -0.39 6.52 -13.22
C VAL A 100 0.59 7.15 -14.20
N GLN A 101 0.93 8.42 -13.94
CA GLN A 101 1.85 9.17 -14.78
C GLN A 101 3.27 8.65 -14.63
N GLU A 102 4.06 8.78 -15.69
CA GLU A 102 5.44 8.32 -15.66
C GLU A 102 6.28 9.16 -14.69
N SER A 103 6.53 8.60 -13.52
CA SER A 103 7.31 9.30 -12.50
C SER A 103 8.19 8.34 -11.71
N GLU A 104 9.17 8.89 -11.01
CA GLU A 104 10.09 8.10 -10.20
C GLU A 104 10.81 7.05 -11.04
N TYR A 105 10.15 5.93 -11.29
CA TYR A 105 10.74 4.84 -12.08
C TYR A 105 9.65 3.99 -12.72
N TYR A 106 8.46 4.56 -12.88
CA TYR A 106 7.35 3.84 -13.48
C TYR A 106 6.80 4.59 -14.70
N PRO A 107 6.51 3.86 -15.79
CA PRO A 107 5.97 4.44 -17.02
C PRO A 107 4.46 4.67 -16.94
N LYS A 108 3.99 5.71 -17.65
CA LYS A 108 2.56 6.04 -17.67
C LYS A 108 1.73 4.81 -17.96
N ARG A 109 1.34 4.08 -16.92
CA ARG A 109 0.54 2.87 -17.07
C ARG A 109 -0.77 2.93 -16.28
N TYR A 110 -1.63 1.95 -16.55
CA TYR A 110 -2.91 1.85 -15.87
C TYR A 110 -2.81 0.99 -14.61
N GLN A 111 -3.35 1.48 -13.51
CA GLN A 111 -3.31 0.75 -12.24
C GLN A 111 -4.72 0.55 -11.68
N SER A 112 -5.02 -0.68 -11.28
CA SER A 112 -6.34 -1.00 -10.73
C SER A 112 -6.32 -1.09 -9.21
N HIS A 113 -7.43 -0.70 -8.59
CA HIS A 113 -7.56 -0.75 -7.13
C HIS A 113 -6.58 0.20 -6.44
N VAL A 114 -6.63 1.48 -6.80
CA VAL A 114 -5.74 2.47 -6.19
C VAL A 114 -6.54 3.61 -5.57
N LEU A 115 -6.15 4.01 -4.36
CA LEU A 115 -6.82 5.09 -3.65
C LEU A 115 -5.97 6.36 -3.71
N LEU A 116 -6.59 7.49 -4.03
CA LEU A 116 -5.86 8.74 -4.12
C LEU A 116 -6.32 9.77 -3.09
N ALA A 117 -5.35 10.47 -2.50
CA ALA A 117 -5.62 11.47 -1.47
C ALA A 117 -4.93 12.79 -1.80
N THR A 118 -5.72 13.84 -1.97
CA THR A 118 -5.17 15.17 -2.27
C THR A 118 -4.82 15.91 -0.98
N GLY A 119 -3.52 16.11 -0.75
CA GLY A 119 -3.08 16.80 0.44
C GLY A 119 -3.38 18.29 0.40
N PHE A 120 -2.74 19.04 1.29
CA PHE A 120 -2.95 20.49 1.35
C PHE A 120 -1.62 21.22 1.21
N SER A 121 -0.68 20.62 0.48
CA SER A 121 0.62 21.22 0.28
C SER A 121 1.30 20.62 -0.95
N GLU A 122 2.54 21.05 -1.21
CA GLU A 122 3.29 20.56 -2.36
C GLU A 122 3.98 19.22 -2.04
N PRO A 123 4.63 19.11 -0.86
CA PRO A 123 5.32 17.88 -0.46
C PRO A 123 4.37 16.68 -0.40
N GLY A 124 4.93 15.50 -0.16
CA GLY A 124 4.13 14.30 -0.08
C GLY A 124 4.17 13.48 -1.34
N ASP A 125 5.17 12.60 -1.44
CA ASP A 125 5.32 11.75 -2.62
C ASP A 125 5.22 10.27 -2.23
N ALA A 126 6.16 9.81 -1.41
CA ALA A 126 6.17 8.43 -0.97
C ALA A 126 6.15 8.34 0.55
N GLY A 127 6.16 7.11 1.07
CA GLY A 127 6.15 6.92 2.50
C GLY A 127 6.19 5.45 2.90
N GLY A 128 5.05 4.92 3.31
CA GLY A 128 4.98 3.53 3.71
C GLY A 128 3.68 2.87 3.31
N ILE A 129 2.82 2.62 4.30
CA ILE A 129 1.53 1.99 4.05
C ILE A 129 0.38 2.82 4.61
N LEU A 130 -0.76 2.78 3.91
CA LEU A 130 -1.93 3.53 4.32
C LEU A 130 -2.78 2.71 5.29
N ARG A 131 -2.91 3.19 6.53
CA ARG A 131 -3.68 2.50 7.55
C ARG A 131 -4.86 3.33 8.05
N CYS A 132 -5.96 2.65 8.34
CA CYS A 132 -7.16 3.31 8.86
C CYS A 132 -7.33 2.94 10.34
N GLU A 133 -8.19 3.65 11.04
CA GLU A 133 -8.44 3.37 12.45
C GLU A 133 -8.84 1.91 12.66
N HIS A 134 -9.28 1.26 11.58
CA HIS A 134 -9.71 -0.13 11.64
C HIS A 134 -8.54 -1.08 11.34
N GLY A 135 -7.66 -0.70 10.41
CA GLY A 135 -6.53 -1.55 10.08
C GLY A 135 -5.67 -1.01 8.95
N VAL A 136 -5.21 -1.91 8.09
CA VAL A 136 -4.36 -1.54 6.96
C VAL A 136 -5.15 -1.47 5.66
N ILE A 137 -4.91 -0.43 4.87
CA ILE A 137 -5.59 -0.27 3.59
C ILE A 137 -4.70 -0.75 2.45
N GLY A 138 -3.58 -0.07 2.25
CA GLY A 138 -2.67 -0.45 1.17
C GLY A 138 -1.29 0.16 1.30
N LEU A 139 -0.51 0.08 0.24
CA LEU A 139 0.84 0.62 0.21
C LEU A 139 0.97 1.74 -0.83
N VAL A 140 2.02 2.53 -0.71
CA VAL A 140 2.26 3.64 -1.64
C VAL A 140 2.40 3.15 -3.09
N THR A 141 1.39 3.45 -3.90
CA THR A 141 1.42 3.07 -5.31
C THR A 141 2.04 4.20 -6.14
N MET A 142 1.22 5.14 -6.60
CA MET A 142 1.72 6.25 -7.39
C MET A 142 1.25 7.59 -6.82
N GLY A 143 1.92 8.67 -7.21
CA GLY A 143 1.56 9.98 -6.73
C GLY A 143 1.44 11.01 -7.85
N GLY A 144 0.70 12.08 -7.59
CA GLY A 144 0.51 13.11 -8.58
C GLY A 144 1.14 14.43 -8.18
N GLU A 145 0.61 15.53 -8.70
CA GLU A 145 1.13 16.85 -8.38
C GLU A 145 0.75 17.25 -6.96
N GLY A 146 -0.26 16.58 -6.40
CA GLY A 146 -0.70 16.88 -5.04
C GLY A 146 -1.66 15.84 -4.49
N VAL A 147 -1.53 14.61 -4.98
CA VAL A 147 -2.40 13.53 -4.54
C VAL A 147 -1.59 12.30 -4.14
N VAL A 148 -2.16 11.45 -3.31
CA VAL A 148 -1.48 10.24 -2.83
C VAL A 148 -2.16 8.99 -3.37
N GLY A 149 -1.43 8.20 -4.15
CA GLY A 149 -1.99 6.97 -4.70
C GLY A 149 -1.56 5.76 -3.89
N PHE A 150 -2.53 5.00 -3.40
CA PHE A 150 -2.24 3.81 -2.60
C PHE A 150 -2.90 2.56 -3.17
N ALA A 151 -2.17 1.45 -3.15
CA ALA A 151 -2.69 0.17 -3.65
C ALA A 151 -3.39 -0.56 -2.52
N ASP A 152 -4.71 -0.62 -2.59
CA ASP A 152 -5.50 -1.27 -1.54
C ASP A 152 -5.29 -2.78 -1.49
N VAL A 153 -5.29 -3.30 -0.27
CA VAL A 153 -5.13 -4.74 -0.02
C VAL A 153 -6.47 -5.38 0.28
N ARG A 154 -7.53 -4.59 0.13
CA ARG A 154 -8.89 -5.06 0.38
C ARG A 154 -9.36 -6.03 -0.71
N ASP A 155 -8.56 -6.19 -1.76
CA ASP A 155 -8.92 -7.08 -2.86
C ASP A 155 -8.24 -8.45 -2.71
N LEU A 156 -7.43 -8.60 -1.67
CA LEU A 156 -6.73 -9.84 -1.41
C LEU A 156 -6.38 -9.94 0.07
N LEU A 157 -7.42 -10.00 0.89
CA LEU A 157 -7.26 -10.07 2.34
C LEU A 157 -6.86 -11.47 2.82
N TRP A 158 -7.01 -12.47 1.96
CA TRP A 158 -6.66 -13.84 2.33
C TRP A 158 -5.24 -13.92 2.86
N LEU A 159 -5.08 -13.55 4.13
CA LEU A 159 -3.78 -13.59 4.80
C LEU A 159 -3.97 -13.77 6.30
N GLU A 160 -4.86 -12.97 6.87
CA GLU A 160 -5.15 -13.03 8.30
C GLU A 160 -6.55 -12.47 8.58
N ASP A 161 -6.88 -12.30 9.86
CA ASP A 161 -8.17 -11.78 10.25
C ASP A 161 -8.42 -10.40 9.65
N ASP A 162 -9.67 -10.13 9.29
CA ASP A 162 -10.04 -8.85 8.69
C ASP A 162 -10.79 -7.98 9.70
N ALA A 163 -10.72 -6.67 9.50
CA ALA A 163 -11.39 -5.73 10.40
C ALA A 163 -12.82 -5.44 9.93
N MET A 164 -13.75 -5.42 10.89
CA MET A 164 -15.14 -5.17 10.58
C MET A 164 -15.64 -3.91 11.29
N GLU A 165 -16.89 -3.55 11.05
CA GLU A 165 -17.50 -2.37 11.67
C GLU A 165 -18.49 -2.78 12.75
N GLN A 166 -19.15 -3.91 12.55
CA GLN A 166 -20.13 -4.41 13.50
C GLN A 166 -19.47 -4.71 14.85
ZN ZN B . -11.77 2.43 8.59
N GLY A 17 24.92 -0.97 8.82
CA GLY A 17 24.90 0.45 8.33
C GLY A 17 23.92 0.66 7.19
N PRO A 18 22.61 0.69 7.48
CA PRO A 18 21.58 0.89 6.47
C PRO A 18 21.85 2.11 5.59
N TYR A 19 21.09 2.23 4.51
CA TYR A 19 21.25 3.35 3.59
C TYR A 19 20.27 4.46 3.92
N GLY A 20 19.03 4.10 4.18
CA GLY A 20 18.01 5.08 4.51
C GLY A 20 16.80 4.47 5.21
N HIS A 21 15.90 3.92 4.43
CA HIS A 21 14.69 3.30 4.98
C HIS A 21 14.83 1.79 5.04
N GLN A 22 15.21 1.19 3.91
CA GLN A 22 15.37 -0.26 3.84
C GLN A 22 14.06 -0.98 4.12
N SER A 23 13.50 -1.61 3.09
CA SER A 23 12.24 -2.33 3.23
C SER A 23 11.10 -1.38 3.59
N GLY A 24 9.99 -1.50 2.88
CA GLY A 24 8.85 -0.64 3.14
C GLY A 24 7.54 -1.23 2.64
N ALA A 25 7.41 -2.55 2.79
CA ALA A 25 6.21 -3.24 2.35
C ALA A 25 5.32 -3.60 3.54
N VAL A 26 4.25 -4.35 3.27
CA VAL A 26 3.33 -4.76 4.32
C VAL A 26 3.04 -6.26 4.25
N TYR A 27 3.49 -7.00 5.24
CA TYR A 27 3.29 -8.44 5.28
C TYR A 27 2.32 -8.84 6.40
N VAL A 28 1.37 -9.70 6.07
CA VAL A 28 0.39 -10.16 7.04
C VAL A 28 0.47 -11.67 7.25
N GLY A 29 0.57 -12.09 8.51
CA GLY A 29 0.64 -13.51 8.82
C GLY A 29 1.67 -14.25 8.01
N ASN A 30 1.25 -15.33 7.36
CA ASN A 30 2.14 -16.14 6.53
C ASN A 30 2.18 -15.64 5.09
N TYR A 31 1.68 -14.42 4.88
CA TYR A 31 1.67 -13.83 3.54
C TYR A 31 2.27 -12.43 3.60
N LYS A 32 3.04 -12.07 2.57
CA LYS A 32 3.67 -10.75 2.51
C LYS A 32 3.35 -10.05 1.20
N VAL A 33 2.61 -8.95 1.28
CA VAL A 33 2.26 -8.21 0.07
C VAL A 33 3.13 -6.97 -0.08
N VAL A 34 3.84 -6.89 -1.21
CA VAL A 34 4.72 -5.77 -1.49
C VAL A 34 4.56 -5.31 -2.93
N ASN A 35 4.99 -4.08 -3.21
CA ASN A 35 4.91 -3.53 -4.55
C ASN A 35 5.74 -4.37 -5.52
N ARG A 36 5.22 -4.55 -6.74
CA ARG A 36 5.92 -5.35 -7.74
C ARG A 36 7.32 -4.81 -7.98
N HIS A 37 7.44 -3.51 -8.16
CA HIS A 37 8.73 -2.87 -8.38
C HIS A 37 9.58 -2.91 -7.11
N LEU A 38 8.97 -3.31 -5.99
CA LEU A 38 9.68 -3.39 -4.72
C LEU A 38 9.90 -4.84 -4.29
N ALA A 39 9.25 -5.78 -4.96
CA ALA A 39 9.40 -7.19 -4.63
C ALA A 39 10.78 -7.70 -5.00
N THR A 40 11.26 -8.68 -4.26
CA THR A 40 12.57 -9.27 -4.54
C THR A 40 12.43 -10.63 -5.21
N HIS A 41 13.53 -11.16 -5.71
CA HIS A 41 13.52 -12.46 -6.36
C HIS A 41 12.91 -13.53 -5.45
N VAL A 42 13.07 -13.32 -4.14
CA VAL A 42 12.55 -14.25 -3.15
C VAL A 42 11.03 -14.11 -3.01
N ASP A 43 10.52 -12.89 -3.22
CA ASP A 43 9.09 -12.65 -3.12
C ASP A 43 8.37 -13.39 -4.23
N TRP A 44 8.92 -13.29 -5.43
CA TRP A 44 8.33 -13.95 -6.57
C TRP A 44 8.59 -15.46 -6.54
N GLN A 45 9.71 -15.85 -5.94
CA GLN A 45 10.07 -17.26 -5.83
C GLN A 45 8.99 -18.02 -5.07
N ASN A 46 8.52 -17.44 -3.98
CA ASN A 46 7.48 -18.05 -3.16
C ASN A 46 6.19 -17.23 -3.22
N CYS A 47 5.94 -16.62 -4.37
CA CYS A 47 4.76 -15.80 -4.56
C CYS A 47 3.52 -16.64 -4.83
N VAL A 48 2.43 -16.30 -4.15
CA VAL A 48 1.17 -17.02 -4.31
C VAL A 48 0.25 -16.26 -5.25
N TRP A 49 0.25 -14.93 -5.14
CA TRP A 49 -0.60 -14.09 -5.98
C TRP A 49 0.15 -12.83 -6.42
N GLU A 50 -0.24 -12.30 -7.57
CA GLU A 50 0.39 -11.09 -8.11
C GLU A 50 -0.51 -10.42 -9.14
N ASP A 51 -0.88 -9.17 -8.87
CA ASP A 51 -1.73 -8.41 -9.78
C ASP A 51 -0.93 -7.34 -10.52
N TYR A 52 -0.78 -7.53 -11.82
CA TYR A 52 -0.04 -6.58 -12.65
C TYR A 52 -0.70 -5.20 -12.62
N ASN A 53 -2.02 -5.18 -12.74
CA ASN A 53 -2.77 -3.93 -12.72
C ASN A 53 -2.65 -3.24 -11.36
N ARG A 54 -2.37 -4.03 -10.33
CA ARG A 54 -2.23 -3.49 -8.98
C ARG A 54 -0.76 -3.44 -8.55
N ASP A 55 0.14 -3.90 -9.42
CA ASP A 55 1.57 -3.91 -9.12
C ASP A 55 1.82 -4.39 -7.70
N LEU A 56 1.04 -5.37 -7.27
CA LEU A 56 1.16 -5.92 -5.92
C LEU A 56 1.14 -7.44 -5.96
N LEU A 57 1.96 -8.07 -5.12
CA LEU A 57 2.03 -9.53 -5.06
C LEU A 57 2.12 -10.04 -3.63
N VAL A 58 1.70 -11.28 -3.42
CA VAL A 58 1.75 -11.88 -2.09
C VAL A 58 2.64 -13.12 -2.10
N SER A 59 3.55 -13.15 -1.14
CA SER A 59 4.48 -14.26 -0.97
C SER A 59 4.32 -14.85 0.42
N THR A 60 4.70 -16.11 0.58
CA THR A 60 4.57 -16.77 1.87
C THR A 60 5.87 -16.74 2.66
N THR A 61 5.79 -16.20 3.88
CA THR A 61 6.94 -16.10 4.76
C THR A 61 6.78 -16.98 5.98
N THR A 62 7.88 -17.24 6.67
CA THR A 62 7.86 -18.08 7.86
C THR A 62 8.09 -17.25 9.12
N ALA A 63 7.54 -16.03 9.13
CA ALA A 63 7.68 -15.14 10.26
C ALA A 63 6.32 -14.65 10.76
N HIS A 64 6.32 -14.00 11.91
CA HIS A 64 5.08 -13.48 12.50
C HIS A 64 4.73 -12.12 11.91
N GLY A 65 3.44 -11.89 11.67
CA GLY A 65 3.01 -10.63 11.11
C GLY A 65 2.66 -9.61 12.17
N CYS A 66 2.80 -8.33 11.84
CA CYS A 66 2.51 -7.26 12.78
C CYS A 66 1.42 -6.34 12.22
N ASP A 67 1.57 -5.95 10.97
CA ASP A 67 0.60 -5.08 10.31
C ASP A 67 -0.78 -5.71 10.30
N THR A 68 -1.79 -4.92 10.62
CA THR A 68 -3.18 -5.40 10.63
C THR A 68 -4.02 -4.67 9.60
N ILE A 69 -4.51 -5.40 8.61
CA ILE A 69 -5.34 -4.81 7.56
C ILE A 69 -6.78 -4.69 8.03
N ALA A 70 -7.42 -3.58 7.68
CA ALA A 70 -8.79 -3.33 8.07
C ALA A 70 -9.78 -3.72 6.97
N ARG A 71 -10.79 -4.49 7.34
CA ARG A 71 -11.82 -4.91 6.40
C ARG A 71 -12.98 -3.93 6.45
N CYS A 72 -12.62 -2.65 6.49
CA CYS A 72 -13.59 -1.56 6.58
C CYS A 72 -13.82 -0.91 5.21
N GLN A 73 -14.87 -0.10 5.13
CA GLN A 73 -15.18 0.61 3.90
C GLN A 73 -15.10 2.12 4.12
N CYS A 74 -14.29 2.51 5.11
CA CYS A 74 -14.11 3.92 5.43
C CYS A 74 -13.43 4.67 4.30
N THR A 75 -13.81 5.93 4.10
CA THR A 75 -13.23 6.76 3.05
C THR A 75 -12.22 7.75 3.62
N THR A 76 -11.82 7.54 4.88
CA THR A 76 -10.86 8.42 5.53
C THR A 76 -9.77 7.61 6.24
N GLY A 77 -8.53 7.90 5.91
CA GLY A 77 -7.41 7.19 6.52
C GLY A 77 -6.16 8.05 6.59
N VAL A 78 -5.19 7.60 7.38
CA VAL A 78 -3.94 8.34 7.54
C VAL A 78 -2.80 7.67 6.77
N TYR A 79 -2.03 8.49 6.05
CA TYR A 79 -0.90 7.98 5.28
C TYR A 79 0.42 8.43 5.88
N PHE A 80 1.49 7.73 5.53
CA PHE A 80 2.82 8.06 6.04
C PHE A 80 3.47 9.14 5.21
N CYS A 81 3.97 10.18 5.87
CA CYS A 81 4.63 11.29 5.19
C CYS A 81 6.14 11.20 5.35
N ALA A 82 6.86 11.55 4.28
CA ALA A 82 8.32 11.51 4.31
C ALA A 82 8.89 12.87 4.72
N SER A 83 8.35 13.94 4.14
CA SER A 83 8.82 15.29 4.45
C SER A 83 8.40 15.69 5.87
N LYS A 84 7.27 15.16 6.32
CA LYS A 84 6.77 15.46 7.66
C LYS A 84 7.22 14.42 8.67
N SER A 85 7.49 13.21 8.19
CA SER A 85 7.93 12.13 9.06
C SER A 85 6.87 11.82 10.12
N LYS A 86 5.62 12.18 9.82
CA LYS A 86 4.51 11.95 10.74
C LYS A 86 3.31 11.37 10.00
N HIS A 87 2.32 10.94 10.77
CA HIS A 87 1.10 10.37 10.19
C HIS A 87 0.13 11.49 9.81
N TYR A 88 -0.28 11.50 8.55
CA TYR A 88 -1.20 12.52 8.06
C TYR A 88 -2.58 11.95 7.74
N PRO A 89 -3.62 12.35 8.49
CA PRO A 89 -4.98 11.88 8.25
C PRO A 89 -5.56 12.55 7.01
N VAL A 90 -5.94 11.74 6.02
CA VAL A 90 -6.47 12.28 4.78
C VAL A 90 -7.61 11.43 4.22
N SER A 91 -8.59 12.09 3.61
CA SER A 91 -9.70 11.40 3.00
C SER A 91 -9.40 11.15 1.53
N PHE A 92 -9.71 9.94 1.05
CA PHE A 92 -9.43 9.60 -0.33
C PHE A 92 -10.54 8.74 -0.93
N GLU A 93 -10.47 8.56 -2.24
CA GLU A 93 -11.46 7.76 -2.96
C GLU A 93 -10.81 6.49 -3.49
N GLY A 94 -11.62 5.47 -3.77
CA GLY A 94 -11.09 4.21 -4.26
C GLY A 94 -11.36 4.00 -5.75
N PRO A 95 -10.72 4.79 -6.62
CA PRO A 95 -10.91 4.67 -8.07
C PRO A 95 -10.34 3.36 -8.61
N GLY A 96 -11.11 2.71 -9.48
CA GLY A 96 -10.66 1.45 -10.06
C GLY A 96 -9.37 1.61 -10.84
N LEU A 97 -9.49 1.89 -12.13
CA LEU A 97 -8.32 2.05 -12.98
C LEU A 97 -7.83 3.50 -12.97
N VAL A 98 -6.60 3.70 -12.53
CA VAL A 98 -6.00 5.02 -12.50
C VAL A 98 -4.66 5.00 -13.22
N GLU A 99 -4.53 5.85 -14.23
CA GLU A 99 -3.29 5.92 -15.01
C GLU A 99 -2.20 6.58 -14.20
N VAL A 100 -1.24 5.78 -13.75
CA VAL A 100 -0.12 6.29 -12.96
C VAL A 100 0.86 7.04 -13.85
N GLN A 101 1.13 8.29 -13.50
CA GLN A 101 2.05 9.14 -14.26
C GLN A 101 3.48 8.65 -14.09
N GLU A 102 4.30 8.89 -15.12
CA GLU A 102 5.69 8.46 -15.07
C GLU A 102 6.47 9.26 -14.03
N SER A 103 6.71 8.64 -12.88
CA SER A 103 7.43 9.30 -11.80
C SER A 103 8.34 8.31 -11.06
N GLU A 104 9.31 8.86 -10.32
CA GLU A 104 10.24 8.06 -9.54
C GLU A 104 10.99 7.06 -10.42
N TYR A 105 10.34 5.96 -10.77
CA TYR A 105 10.96 4.93 -11.61
C TYR A 105 9.90 4.05 -12.27
N TYR A 106 8.70 4.59 -12.43
CA TYR A 106 7.61 3.85 -13.04
C TYR A 106 7.03 4.61 -14.24
N PRO A 107 6.97 3.96 -15.42
CA PRO A 107 6.43 4.58 -16.65
C PRO A 107 4.93 4.81 -16.57
N LYS A 108 4.46 5.86 -17.25
CA LYS A 108 3.04 6.19 -17.27
C LYS A 108 2.21 4.98 -17.70
N ARG A 109 1.76 4.19 -16.73
CA ARG A 109 0.96 3.00 -17.02
C ARG A 109 -0.39 3.03 -16.31
N TYR A 110 -1.20 2.01 -16.59
CA TYR A 110 -2.53 1.89 -15.99
C TYR A 110 -2.50 0.93 -14.79
N GLN A 111 -3.10 1.36 -13.68
CA GLN A 111 -3.14 0.54 -12.48
C GLN A 111 -4.57 0.48 -11.92
N SER A 112 -5.03 -0.72 -11.58
CA SER A 112 -6.38 -0.88 -11.05
C SER A 112 -6.38 -1.08 -9.53
N HIS A 113 -7.39 -0.50 -8.88
CA HIS A 113 -7.56 -0.61 -7.43
C HIS A 113 -6.58 0.29 -6.67
N VAL A 114 -6.60 1.59 -6.98
CA VAL A 114 -5.73 2.54 -6.32
C VAL A 114 -6.54 3.66 -5.67
N LEU A 115 -6.14 4.08 -4.48
CA LEU A 115 -6.83 5.14 -3.76
C LEU A 115 -6.01 6.42 -3.81
N LEU A 116 -6.66 7.54 -4.11
CA LEU A 116 -5.95 8.81 -4.18
C LEU A 116 -6.45 9.81 -3.16
N ALA A 117 -5.50 10.53 -2.55
CA ALA A 117 -5.81 11.53 -1.52
C ALA A 117 -5.13 12.86 -1.82
N THR A 118 -5.92 13.91 -1.98
CA THR A 118 -5.38 15.23 -2.25
C THR A 118 -5.03 15.95 -0.95
N GLY A 119 -3.73 16.14 -0.71
CA GLY A 119 -3.29 16.81 0.50
C GLY A 119 -3.28 18.32 0.36
N PHE A 120 -2.14 18.88 -0.01
CA PHE A 120 -2.00 20.32 -0.17
C PHE A 120 -0.84 20.65 -1.11
N SER A 121 0.29 19.99 -0.90
CA SER A 121 1.47 20.22 -1.73
C SER A 121 2.56 19.20 -1.41
N GLU A 122 2.43 18.01 -1.96
CA GLU A 122 3.41 16.94 -1.74
C GLU A 122 4.04 16.49 -3.05
N PRO A 123 5.15 17.14 -3.45
CA PRO A 123 5.86 16.80 -4.70
C PRO A 123 6.16 15.30 -4.79
N GLY A 124 6.93 14.80 -3.84
CA GLY A 124 7.28 13.40 -3.83
C GLY A 124 6.37 12.56 -2.94
N ASP A 125 6.72 11.29 -2.77
CA ASP A 125 5.92 10.39 -1.94
C ASP A 125 6.77 9.23 -1.44
N ALA A 126 7.39 9.40 -0.28
CA ALA A 126 8.22 8.36 0.30
C ALA A 126 7.73 7.97 1.69
N GLY A 127 6.53 7.39 1.74
CA GLY A 127 5.96 6.98 3.01
C GLY A 127 6.10 5.50 3.26
N GLY A 128 5.01 4.76 3.07
CA GLY A 128 5.04 3.32 3.27
C GLY A 128 3.71 2.66 2.96
N ILE A 129 2.89 2.51 3.98
CA ILE A 129 1.57 1.89 3.82
C ILE A 129 0.46 2.78 4.35
N LEU A 130 -0.70 2.74 3.70
CA LEU A 130 -1.83 3.56 4.13
C LEU A 130 -2.65 2.83 5.19
N ARG A 131 -2.63 3.37 6.40
CA ARG A 131 -3.38 2.79 7.51
C ARG A 131 -4.42 3.76 8.07
N CYS A 132 -5.54 3.22 8.54
CA CYS A 132 -6.60 4.03 9.13
C CYS A 132 -6.81 3.62 10.58
N GLU A 133 -7.72 4.32 11.26
CA GLU A 133 -8.02 4.00 12.65
C GLU A 133 -8.45 2.55 12.82
N HIS A 134 -8.86 1.92 11.71
CA HIS A 134 -9.31 0.54 11.74
C HIS A 134 -8.18 -0.44 11.43
N GLY A 135 -7.24 -0.03 10.58
CA GLY A 135 -6.13 -0.91 10.23
C GLY A 135 -5.35 -0.45 9.00
N VAL A 136 -5.07 -1.39 8.11
CA VAL A 136 -4.32 -1.10 6.88
C VAL A 136 -5.21 -1.13 5.65
N ILE A 137 -5.04 -0.13 4.78
CA ILE A 137 -5.83 -0.04 3.56
C ILE A 137 -5.00 -0.44 2.34
N GLY A 138 -3.84 0.17 2.18
CA GLY A 138 -3.00 -0.15 1.03
C GLY A 138 -1.56 0.26 1.20
N LEU A 139 -0.81 0.24 0.10
CA LEU A 139 0.60 0.61 0.11
C LEU A 139 0.89 1.72 -0.89
N VAL A 140 2.05 2.36 -0.74
CA VAL A 140 2.43 3.45 -1.63
C VAL A 140 2.46 3.01 -3.10
N THR A 141 1.56 3.59 -3.89
CA THR A 141 1.48 3.27 -5.31
C THR A 141 2.07 4.42 -6.14
N MET A 142 1.24 5.39 -6.51
CA MET A 142 1.72 6.53 -7.29
C MET A 142 1.24 7.85 -6.70
N GLY A 143 1.89 8.94 -7.08
CA GLY A 143 1.52 10.25 -6.58
C GLY A 143 1.42 11.29 -7.67
N GLY A 144 0.73 12.39 -7.40
CA GLY A 144 0.57 13.44 -8.38
C GLY A 144 1.15 14.76 -7.92
N GLU A 145 0.64 15.86 -8.45
CA GLU A 145 1.12 17.18 -8.09
C GLU A 145 0.65 17.55 -6.67
N GLY A 146 -0.36 16.87 -6.18
CA GLY A 146 -0.87 17.14 -4.85
C GLY A 146 -1.83 16.07 -4.37
N VAL A 147 -1.65 14.84 -4.83
CA VAL A 147 -2.51 13.73 -4.44
C VAL A 147 -1.68 12.51 -4.04
N VAL A 148 -2.28 11.63 -3.24
CA VAL A 148 -1.61 10.43 -2.76
C VAL A 148 -2.25 9.18 -3.34
N GLY A 149 -1.49 8.42 -4.11
CA GLY A 149 -2.02 7.20 -4.69
C GLY A 149 -1.55 5.96 -3.95
N PHE A 150 -2.50 5.17 -3.44
CA PHE A 150 -2.17 3.97 -2.68
C PHE A 150 -2.82 2.73 -3.27
N ALA A 151 -2.11 1.61 -3.22
CA ALA A 151 -2.63 0.34 -3.73
C ALA A 151 -3.38 -0.37 -2.62
N ASP A 152 -4.69 -0.53 -2.79
CA ASP A 152 -5.53 -1.17 -1.79
C ASP A 152 -5.22 -2.65 -1.63
N VAL A 153 -5.19 -3.09 -0.38
CA VAL A 153 -4.95 -4.50 -0.05
C VAL A 153 -6.27 -5.21 0.24
N ARG A 154 -7.36 -4.47 0.09
CA ARG A 154 -8.69 -5.02 0.33
C ARG A 154 -9.11 -6.00 -0.77
N ASP A 155 -8.29 -6.12 -1.81
CA ASP A 155 -8.59 -7.04 -2.91
C ASP A 155 -7.89 -8.38 -2.73
N LEU A 156 -7.20 -8.53 -1.61
CA LEU A 156 -6.50 -9.77 -1.31
C LEU A 156 -6.17 -9.85 0.18
N LEU A 157 -7.20 -9.65 0.99
CA LEU A 157 -7.06 -9.69 2.44
C LEU A 157 -6.74 -11.08 2.96
N TRP A 158 -6.93 -12.10 2.13
CA TRP A 158 -6.68 -13.48 2.54
C TRP A 158 -5.26 -13.64 3.09
N LEU A 159 -5.09 -13.28 4.35
CA LEU A 159 -3.80 -13.38 5.04
C LEU A 159 -4.03 -13.61 6.53
N GLU A 160 -4.96 -12.85 7.10
CA GLU A 160 -5.29 -12.96 8.52
C GLU A 160 -6.78 -12.69 8.74
N ASP A 161 -7.13 -12.33 9.97
CA ASP A 161 -8.52 -12.03 10.31
C ASP A 161 -8.92 -10.64 9.82
N ASP A 162 -10.20 -10.48 9.48
CA ASP A 162 -10.71 -9.20 9.01
C ASP A 162 -11.10 -8.30 10.17
N ALA A 163 -11.08 -6.99 9.94
CA ALA A 163 -11.43 -6.03 10.98
C ALA A 163 -12.91 -5.69 10.92
N MET A 164 -13.54 -5.63 12.09
CA MET A 164 -14.96 -5.32 12.18
C MET A 164 -15.23 -3.89 11.69
N GLU A 165 -16.49 -3.46 11.81
CA GLU A 165 -16.88 -2.12 11.39
C GLU A 165 -17.27 -1.26 12.60
N GLN A 166 -17.01 0.03 12.50
CA GLN A 166 -17.33 0.96 13.58
C GLN A 166 -18.17 2.12 13.06
ZN ZN B . -10.84 2.11 8.03
N GLY A 17 12.97 -5.55 13.29
CA GLY A 17 13.48 -4.37 12.52
C GLY A 17 14.69 -3.73 13.17
N PRO A 18 15.90 -4.26 12.90
CA PRO A 18 17.13 -3.73 13.47
C PRO A 18 17.28 -2.23 13.24
N TYR A 19 16.79 -1.44 14.19
CA TYR A 19 16.87 0.01 14.10
C TYR A 19 16.12 0.52 12.87
N GLY A 20 16.03 1.83 12.74
CA GLY A 20 15.33 2.43 11.61
C GLY A 20 13.84 2.27 11.71
N HIS A 21 13.18 2.16 10.56
CA HIS A 21 11.72 2.00 10.52
C HIS A 21 11.31 1.11 9.35
N GLN A 22 10.50 0.09 9.65
CA GLN A 22 10.02 -0.82 8.62
C GLN A 22 8.95 -0.17 7.76
N SER A 23 9.36 0.79 6.94
CA SER A 23 8.44 1.50 6.06
C SER A 23 8.74 1.21 4.60
N GLY A 24 7.82 0.51 3.93
CA GLY A 24 8.02 0.17 2.53
C GLY A 24 7.03 -0.88 2.05
N ALA A 25 6.94 -1.98 2.78
CA ALA A 25 6.03 -3.06 2.43
C ALA A 25 5.15 -3.44 3.62
N VAL A 26 4.07 -4.17 3.35
CA VAL A 26 3.16 -4.59 4.40
C VAL A 26 2.91 -6.10 4.33
N TYR A 27 3.49 -6.83 5.29
CA TYR A 27 3.34 -8.27 5.34
C TYR A 27 2.36 -8.68 6.43
N VAL A 28 1.39 -9.52 6.07
CA VAL A 28 0.38 -9.98 7.01
C VAL A 28 0.40 -11.49 7.17
N GLY A 29 0.36 -11.95 8.43
CA GLY A 29 0.38 -13.38 8.71
C GLY A 29 1.48 -14.11 7.98
N ASN A 30 1.12 -15.18 7.28
CA ASN A 30 2.08 -15.97 6.52
C ASN A 30 2.21 -15.48 5.09
N TYR A 31 1.74 -14.25 4.84
CA TYR A 31 1.81 -13.65 3.52
C TYR A 31 2.41 -12.26 3.60
N LYS A 32 3.11 -11.85 2.55
CA LYS A 32 3.72 -10.53 2.52
C LYS A 32 3.43 -9.83 1.19
N VAL A 33 2.67 -8.74 1.24
CA VAL A 33 2.34 -8.00 0.04
C VAL A 33 3.20 -6.76 -0.11
N VAL A 34 3.94 -6.69 -1.21
CA VAL A 34 4.83 -5.56 -1.47
C VAL A 34 4.73 -5.10 -2.93
N ASN A 35 5.18 -3.88 -3.20
CA ASN A 35 5.16 -3.33 -4.55
C ASN A 35 6.01 -4.19 -5.48
N ARG A 36 5.55 -4.37 -6.71
CA ARG A 36 6.28 -5.20 -7.68
C ARG A 36 7.71 -4.70 -7.87
N HIS A 37 7.86 -3.39 -8.05
CA HIS A 37 9.17 -2.79 -8.25
C HIS A 37 10.01 -2.86 -6.96
N LEU A 38 9.39 -3.30 -5.86
CA LEU A 38 10.08 -3.38 -4.58
C LEU A 38 10.21 -4.82 -4.09
N ALA A 39 9.68 -5.79 -4.83
CA ALA A 39 9.77 -7.18 -4.42
C ALA A 39 11.06 -7.81 -4.91
N THR A 40 11.80 -8.41 -3.99
CA THR A 40 13.07 -9.06 -4.32
C THR A 40 12.82 -10.40 -5.02
N HIS A 41 13.85 -10.94 -5.65
CA HIS A 41 13.73 -12.20 -6.38
C HIS A 41 13.16 -13.30 -5.48
N VAL A 42 13.44 -13.20 -4.18
CA VAL A 42 12.94 -14.19 -3.23
C VAL A 42 11.43 -14.04 -3.04
N ASP A 43 10.93 -12.80 -3.16
CA ASP A 43 9.51 -12.54 -3.00
C ASP A 43 8.74 -13.17 -4.14
N TRP A 44 9.27 -13.01 -5.35
CA TRP A 44 8.63 -13.55 -6.53
C TRP A 44 8.83 -15.06 -6.59
N GLN A 45 9.99 -15.51 -6.10
CA GLN A 45 10.33 -16.93 -6.08
C GLN A 45 9.27 -17.73 -5.33
N ASN A 46 8.84 -17.20 -4.19
CA ASN A 46 7.82 -17.85 -3.38
C ASN A 46 6.53 -17.03 -3.38
N CYS A 47 6.30 -16.32 -4.48
CA CYS A 47 5.12 -15.49 -4.63
C CYS A 47 3.89 -16.34 -4.93
N VAL A 48 2.80 -16.09 -4.20
CA VAL A 48 1.56 -16.82 -4.39
C VAL A 48 0.64 -16.07 -5.34
N TRP A 49 0.59 -14.73 -5.20
CA TRP A 49 -0.27 -13.92 -6.05
C TRP A 49 0.42 -12.62 -6.47
N GLU A 50 -0.01 -12.08 -7.62
CA GLU A 50 0.55 -10.85 -8.15
C GLU A 50 -0.44 -10.20 -9.14
N ASP A 51 -0.85 -8.97 -8.83
CA ASP A 51 -1.79 -8.25 -9.69
C ASP A 51 -1.10 -7.12 -10.45
N TYR A 52 -1.10 -7.24 -11.78
CA TYR A 52 -0.49 -6.23 -12.63
C TYR A 52 -1.24 -4.90 -12.55
N ASN A 53 -2.54 -4.98 -12.30
CA ASN A 53 -3.37 -3.79 -12.19
C ASN A 53 -3.00 -2.96 -10.97
N ARG A 54 -2.43 -3.62 -9.96
CA ARG A 54 -2.02 -2.92 -8.74
C ARG A 54 -0.51 -3.01 -8.52
N ASP A 55 0.19 -3.70 -9.43
CA ASP A 55 1.64 -3.85 -9.32
C ASP A 55 2.02 -4.35 -7.94
N LEU A 56 1.21 -5.24 -7.39
CA LEU A 56 1.44 -5.79 -6.06
C LEU A 56 1.48 -7.32 -6.11
N LEU A 57 2.21 -7.92 -5.17
CA LEU A 57 2.32 -9.38 -5.11
C LEU A 57 2.39 -9.87 -3.67
N VAL A 58 2.00 -11.13 -3.46
CA VAL A 58 2.02 -11.71 -2.13
C VAL A 58 2.92 -12.93 -2.10
N SER A 59 3.82 -12.95 -1.12
CA SER A 59 4.75 -14.05 -0.91
C SER A 59 4.53 -14.65 0.46
N THR A 60 4.92 -15.90 0.66
CA THR A 60 4.73 -16.55 1.94
C THR A 60 5.99 -16.50 2.80
N THR A 61 5.84 -15.94 3.99
CA THR A 61 6.96 -15.80 4.92
C THR A 61 6.70 -16.59 6.19
N THR A 62 7.74 -17.24 6.71
CA THR A 62 7.62 -18.03 7.92
C THR A 62 8.02 -17.21 9.15
N ALA A 63 7.52 -15.98 9.22
CA ALA A 63 7.84 -15.10 10.34
C ALA A 63 6.57 -14.68 11.08
N HIS A 64 6.74 -13.92 12.14
CA HIS A 64 5.60 -13.44 12.93
C HIS A 64 5.07 -12.12 12.38
N GLY A 65 3.80 -12.11 12.01
CA GLY A 65 3.19 -10.92 11.47
C GLY A 65 3.13 -9.78 12.48
N CYS A 66 2.67 -8.62 12.06
CA CYS A 66 2.56 -7.46 12.93
C CYS A 66 1.48 -6.50 12.45
N ASP A 67 1.48 -6.22 11.15
CA ASP A 67 0.50 -5.32 10.56
C ASP A 67 -0.87 -5.99 10.48
N THR A 68 -1.92 -5.19 10.70
CA THR A 68 -3.29 -5.70 10.64
C THR A 68 -4.08 -4.95 9.57
N ILE A 69 -4.58 -5.68 8.58
CA ILE A 69 -5.33 -5.08 7.51
C ILE A 69 -6.72 -4.64 7.98
N ALA A 70 -7.14 -3.47 7.52
CA ALA A 70 -8.43 -2.90 7.90
C ALA A 70 -9.58 -3.60 7.18
N ARG A 71 -9.43 -3.77 5.86
CA ARG A 71 -10.47 -4.42 5.07
C ARG A 71 -11.72 -3.55 4.99
N CYS A 72 -11.59 -2.29 5.41
CA CYS A 72 -12.71 -1.36 5.38
C CYS A 72 -12.64 -0.45 4.16
N GLN A 73 -13.74 0.25 3.88
CA GLN A 73 -13.79 1.16 2.75
C GLN A 73 -14.12 2.58 3.18
N CYS A 74 -13.54 3.00 4.30
CA CYS A 74 -13.75 4.34 4.82
C CYS A 74 -13.25 5.39 3.83
N THR A 75 -13.79 6.60 3.94
CA THR A 75 -13.39 7.68 3.05
C THR A 75 -12.27 8.53 3.69
N THR A 76 -12.15 8.42 5.02
CA THR A 76 -11.13 9.18 5.74
C THR A 76 -10.13 8.24 6.40
N GLY A 77 -8.85 8.44 6.08
CA GLY A 77 -7.80 7.61 6.65
C GLY A 77 -6.57 8.43 6.99
N VAL A 78 -5.44 7.75 7.21
CA VAL A 78 -4.20 8.44 7.53
C VAL A 78 -3.00 7.81 6.85
N TYR A 79 -2.19 8.65 6.20
CA TYR A 79 -0.99 8.20 5.52
C TYR A 79 0.25 8.66 6.28
N PHE A 80 1.13 7.73 6.60
CA PHE A 80 2.34 8.06 7.36
C PHE A 80 3.59 7.80 6.53
N CYS A 81 4.63 8.58 6.80
CA CYS A 81 5.90 8.44 6.09
C CYS A 81 5.74 8.67 4.60
N ALA A 82 4.70 9.39 4.20
CA ALA A 82 4.45 9.67 2.79
C ALA A 82 5.09 10.99 2.38
N SER A 83 4.91 12.01 3.22
CA SER A 83 5.48 13.33 2.95
C SER A 83 6.48 13.72 4.03
N LYS A 84 6.15 13.38 5.27
CA LYS A 84 7.02 13.69 6.40
C LYS A 84 7.33 12.42 7.19
N SER A 85 7.93 12.59 8.37
CA SER A 85 8.27 11.46 9.22
C SER A 85 7.20 11.24 10.28
N LYS A 86 5.95 11.53 9.92
CA LYS A 86 4.82 11.39 10.82
C LYS A 86 3.58 10.93 10.08
N HIS A 87 2.53 10.58 10.82
CA HIS A 87 1.29 10.13 10.23
C HIS A 87 0.44 11.33 9.84
N TYR A 88 -0.20 11.25 8.67
CA TYR A 88 -1.02 12.36 8.17
C TYR A 88 -2.45 11.89 7.86
N PRO A 89 -3.45 12.39 8.60
CA PRO A 89 -4.85 12.03 8.35
C PRO A 89 -5.39 12.73 7.11
N VAL A 90 -5.83 11.94 6.14
CA VAL A 90 -6.35 12.50 4.89
C VAL A 90 -7.59 11.75 4.40
N SER A 91 -8.37 12.41 3.56
CA SER A 91 -9.56 11.82 2.99
C SER A 91 -9.28 11.38 1.55
N PHE A 92 -9.51 10.11 1.26
CA PHE A 92 -9.25 9.59 -0.08
C PHE A 92 -10.48 8.90 -0.66
N GLU A 93 -10.46 8.74 -1.98
CA GLU A 93 -11.54 8.10 -2.70
C GLU A 93 -11.06 6.76 -3.25
N GLY A 94 -11.99 5.87 -3.55
CA GLY A 94 -11.62 4.56 -4.07
C GLY A 94 -11.87 4.42 -5.56
N PRO A 95 -11.14 5.16 -6.41
CA PRO A 95 -11.31 5.09 -7.86
C PRO A 95 -10.87 3.73 -8.43
N GLY A 96 -11.69 3.20 -9.32
CA GLY A 96 -11.38 1.91 -9.92
C GLY A 96 -10.10 1.92 -10.71
N LEU A 97 -10.16 2.32 -11.97
CA LEU A 97 -8.99 2.36 -12.82
C LEU A 97 -8.33 3.74 -12.85
N VAL A 98 -7.08 3.79 -12.42
CA VAL A 98 -6.31 5.03 -12.42
C VAL A 98 -5.02 4.82 -13.21
N GLU A 99 -4.81 5.65 -14.22
CA GLU A 99 -3.62 5.53 -15.05
C GLU A 99 -2.38 6.00 -14.31
N VAL A 100 -1.54 5.04 -13.93
CA VAL A 100 -0.31 5.35 -13.21
C VAL A 100 0.71 5.98 -14.15
N GLN A 101 1.03 7.24 -13.88
CA GLN A 101 1.99 7.99 -14.69
C GLN A 101 3.41 7.56 -14.35
N GLU A 102 4.31 7.66 -15.32
CA GLU A 102 5.69 7.26 -15.10
C GLU A 102 6.38 8.22 -14.13
N SER A 103 6.49 7.79 -12.88
CA SER A 103 7.12 8.60 -11.84
C SER A 103 7.88 7.72 -10.86
N GLU A 104 9.02 8.20 -10.39
CA GLU A 104 9.84 7.47 -9.43
C GLU A 104 10.27 6.11 -10.00
N TYR A 105 9.38 5.12 -9.94
CA TYR A 105 9.68 3.79 -10.45
C TYR A 105 8.40 3.08 -10.92
N TYR A 106 7.37 3.86 -11.23
CA TYR A 106 6.11 3.30 -11.69
C TYR A 106 5.89 3.63 -13.17
N PRO A 107 5.88 2.61 -14.05
CA PRO A 107 5.69 2.80 -15.50
C PRO A 107 4.35 3.45 -15.84
N LYS A 108 4.34 4.23 -16.91
CA LYS A 108 3.12 4.90 -17.36
C LYS A 108 2.10 3.88 -17.86
N ARG A 109 1.51 3.13 -16.95
CA ARG A 109 0.53 2.11 -17.29
C ARG A 109 -0.79 2.32 -16.56
N TYR A 110 -1.70 1.37 -16.74
CA TYR A 110 -3.02 1.43 -16.11
C TYR A 110 -3.04 0.61 -14.82
N GLN A 111 -3.56 1.20 -13.75
CA GLN A 111 -3.64 0.52 -12.45
C GLN A 111 -5.04 0.63 -11.86
N SER A 112 -5.62 -0.51 -11.50
CA SER A 112 -6.97 -0.53 -10.93
C SER A 112 -6.93 -0.71 -9.41
N HIS A 113 -8.06 -0.36 -8.77
CA HIS A 113 -8.19 -0.47 -7.32
C HIS A 113 -7.17 0.40 -6.59
N VAL A 114 -7.19 1.70 -6.87
CA VAL A 114 -6.26 2.63 -6.22
C VAL A 114 -7.01 3.75 -5.49
N LEU A 115 -6.47 4.16 -4.35
CA LEU A 115 -7.07 5.24 -3.56
C LEU A 115 -6.22 6.49 -3.67
N LEU A 116 -6.86 7.66 -3.71
CA LEU A 116 -6.13 8.91 -3.83
C LEU A 116 -6.60 9.96 -2.83
N ALA A 117 -5.65 10.69 -2.25
CA ALA A 117 -5.94 11.74 -1.28
C ALA A 117 -4.98 12.91 -1.44
N THR A 118 -5.48 14.12 -1.19
CA THR A 118 -4.64 15.31 -1.31
C THR A 118 -4.22 15.84 0.06
N GLY A 119 -2.93 16.12 0.21
CA GLY A 119 -2.42 16.62 1.46
C GLY A 119 -1.48 17.80 1.28
N PHE A 120 -2.01 18.90 0.74
CA PHE A 120 -1.22 20.10 0.52
C PHE A 120 -0.59 20.60 1.81
N SER A 121 0.65 20.21 2.05
CA SER A 121 1.36 20.62 3.26
C SER A 121 2.87 20.60 3.04
N GLU A 122 3.35 19.51 2.44
CA GLU A 122 4.79 19.37 2.18
C GLU A 122 5.02 18.51 0.93
N PRO A 123 6.17 18.69 0.26
CA PRO A 123 6.50 17.93 -0.95
C PRO A 123 6.37 16.43 -0.74
N GLY A 124 5.87 15.73 -1.75
CA GLY A 124 5.71 14.29 -1.65
C GLY A 124 6.20 13.56 -2.88
N ASP A 125 6.33 12.25 -2.77
CA ASP A 125 6.80 11.42 -3.89
C ASP A 125 6.64 9.94 -3.58
N ALA A 126 7.27 9.50 -2.49
CA ALA A 126 7.19 8.11 -2.08
C ALA A 126 6.85 8.00 -0.60
N GLY A 127 6.16 6.92 -0.24
CA GLY A 127 5.79 6.71 1.15
C GLY A 127 5.78 5.24 1.54
N GLY A 128 4.96 4.90 2.54
CA GLY A 128 4.88 3.53 2.99
C GLY A 128 3.54 2.89 2.67
N ILE A 129 2.74 2.68 3.71
CA ILE A 129 1.42 2.07 3.54
C ILE A 129 0.33 2.93 4.17
N LEU A 130 -0.84 2.92 3.56
CA LEU A 130 -1.97 3.70 4.05
C LEU A 130 -2.75 2.89 5.09
N ARG A 131 -2.87 3.44 6.29
CA ARG A 131 -3.57 2.76 7.37
C ARG A 131 -4.78 3.55 7.86
N CYS A 132 -5.86 2.82 8.11
CA CYS A 132 -7.11 3.41 8.60
C CYS A 132 -7.28 3.07 10.08
N GLU A 133 -8.21 3.75 10.74
CA GLU A 133 -8.47 3.50 12.16
C GLU A 133 -8.78 2.02 12.41
N HIS A 134 -9.19 1.31 11.36
CA HIS A 134 -9.53 -0.10 11.47
C HIS A 134 -8.31 -1.00 11.25
N GLY A 135 -7.43 -0.58 10.34
CA GLY A 135 -6.23 -1.36 10.04
C GLY A 135 -5.50 -0.87 8.82
N VAL A 136 -4.95 -1.81 8.04
CA VAL A 136 -4.22 -1.46 6.83
C VAL A 136 -5.16 -1.41 5.63
N ILE A 137 -5.03 -0.38 4.80
CA ILE A 137 -5.87 -0.24 3.63
C ILE A 137 -5.10 -0.56 2.36
N GLY A 138 -3.95 0.09 2.17
CA GLY A 138 -3.16 -0.15 0.98
C GLY A 138 -1.73 0.30 1.12
N LEU A 139 -0.98 0.20 0.02
CA LEU A 139 0.43 0.61 0.01
C LEU A 139 0.67 1.70 -1.04
N VAL A 140 1.81 2.37 -0.92
CA VAL A 140 2.16 3.46 -1.84
C VAL A 140 2.13 2.99 -3.29
N THR A 141 1.40 3.72 -4.13
CA THR A 141 1.29 3.40 -5.54
C THR A 141 1.79 4.57 -6.39
N MET A 142 0.89 5.50 -6.75
CA MET A 142 1.29 6.66 -7.55
C MET A 142 0.95 7.96 -6.85
N GLY A 143 1.95 8.82 -6.68
CA GLY A 143 1.72 10.10 -6.02
C GLY A 143 1.82 11.27 -6.98
N GLY A 144 0.80 12.13 -6.97
CA GLY A 144 0.79 13.29 -7.85
C GLY A 144 1.56 14.46 -7.27
N GLU A 145 1.28 15.65 -7.77
CA GLU A 145 1.95 16.86 -7.30
C GLU A 145 1.47 17.23 -5.89
N GLY A 146 0.31 16.72 -5.50
CA GLY A 146 -0.23 17.01 -4.19
C GLY A 146 -1.23 15.98 -3.72
N VAL A 147 -1.18 14.79 -4.31
CA VAL A 147 -2.10 13.71 -3.95
C VAL A 147 -1.33 12.42 -3.66
N VAL A 148 -1.94 11.53 -2.89
CA VAL A 148 -1.32 10.27 -2.54
C VAL A 148 -2.08 9.09 -3.12
N GLY A 149 -1.43 8.31 -3.98
CA GLY A 149 -2.07 7.17 -4.58
C GLY A 149 -1.68 5.86 -3.90
N PHE A 150 -2.60 5.27 -3.17
CA PHE A 150 -2.33 4.02 -2.47
C PHE A 150 -3.11 2.86 -3.09
N ALA A 151 -2.46 1.70 -3.19
CA ALA A 151 -3.11 0.52 -3.76
C ALA A 151 -3.83 -0.25 -2.67
N ASP A 152 -5.13 -0.41 -2.83
CA ASP A 152 -5.95 -1.10 -1.83
C ASP A 152 -5.62 -2.59 -1.75
N VAL A 153 -5.55 -3.08 -0.51
CA VAL A 153 -5.26 -4.49 -0.25
C VAL A 153 -6.57 -5.30 -0.17
N ARG A 154 -7.67 -4.65 -0.51
CA ARG A 154 -8.99 -5.29 -0.48
C ARG A 154 -9.14 -6.34 -1.60
N ASP A 155 -8.15 -6.41 -2.49
CA ASP A 155 -8.20 -7.36 -3.58
C ASP A 155 -7.38 -8.61 -3.29
N LEU A 156 -6.96 -8.76 -2.03
CA LEU A 156 -6.18 -9.93 -1.63
C LEU A 156 -5.98 -9.93 -0.12
N LEU A 157 -7.07 -9.74 0.60
CA LEU A 157 -7.04 -9.71 2.06
C LEU A 157 -6.70 -11.08 2.65
N TRP A 158 -6.80 -12.13 1.84
CA TRP A 158 -6.52 -13.49 2.30
C TRP A 158 -5.11 -13.60 2.89
N LEU A 159 -4.98 -13.21 4.16
CA LEU A 159 -3.71 -13.26 4.87
C LEU A 159 -3.97 -13.51 6.36
N GLU A 160 -4.90 -12.74 6.91
CA GLU A 160 -5.26 -12.85 8.32
C GLU A 160 -6.65 -12.28 8.56
N ASP A 161 -7.02 -12.10 9.84
CA ASP A 161 -8.33 -11.56 10.18
C ASP A 161 -8.53 -10.17 9.58
N ASP A 162 -9.73 -9.92 9.07
CA ASP A 162 -10.05 -8.63 8.46
C ASP A 162 -10.93 -7.80 9.38
N ALA A 163 -10.86 -6.48 9.23
CA ALA A 163 -11.67 -5.58 10.04
C ALA A 163 -12.90 -5.10 9.30
N MET A 164 -13.95 -4.78 10.04
CA MET A 164 -15.20 -4.30 9.44
C MET A 164 -16.00 -3.47 10.44
N GLU A 165 -16.32 -4.07 11.57
CA GLU A 165 -17.08 -3.38 12.61
C GLU A 165 -16.33 -2.16 13.13
N GLN A 166 -17.00 -1.35 13.94
CA GLN A 166 -16.39 -0.16 14.50
C GLN A 166 -16.35 -0.23 16.02
ZN ZN B . -11.61 2.29 8.20
N GLY A 17 22.23 3.86 10.53
CA GLY A 17 22.81 2.80 11.40
C GLY A 17 23.77 1.88 10.67
N PRO A 18 23.88 0.61 11.09
CA PRO A 18 24.77 -0.35 10.46
C PRO A 18 24.29 -0.76 9.07
N TYR A 19 22.98 -0.70 8.86
CA TYR A 19 22.39 -1.05 7.57
C TYR A 19 21.50 0.07 7.05
N GLY A 20 20.43 0.35 7.78
CA GLY A 20 19.51 1.40 7.38
C GLY A 20 18.61 0.98 6.24
N HIS A 21 17.46 0.40 6.59
CA HIS A 21 16.51 -0.06 5.58
C HIS A 21 15.28 0.85 5.54
N GLN A 22 15.38 1.93 4.79
CA GLN A 22 14.28 2.90 4.66
C GLN A 22 13.07 2.24 4.01
N SER A 23 13.32 1.27 3.13
CA SER A 23 12.24 0.57 2.45
C SER A 23 11.31 -0.13 3.46
N GLY A 24 10.06 -0.28 3.07
CA GLY A 24 9.09 -0.93 3.94
C GLY A 24 7.93 -1.52 3.19
N ALA A 25 7.47 -2.69 3.62
CA ALA A 25 6.35 -3.37 2.98
C ALA A 25 5.26 -3.71 3.99
N VAL A 26 4.26 -4.45 3.54
CA VAL A 26 3.15 -4.84 4.42
C VAL A 26 3.16 -6.34 4.67
N TYR A 27 3.62 -6.74 5.85
CA TYR A 27 3.68 -8.16 6.19
C TYR A 27 2.46 -8.55 7.04
N VAL A 28 1.63 -9.44 6.49
CA VAL A 28 0.44 -9.90 7.20
C VAL A 28 0.46 -11.41 7.38
N GLY A 29 0.66 -11.86 8.62
CA GLY A 29 0.68 -13.29 8.91
C GLY A 29 1.67 -14.05 8.05
N ASN A 30 1.19 -15.13 7.42
CA ASN A 30 2.04 -15.97 6.57
C ASN A 30 2.06 -15.47 5.12
N TYR A 31 1.57 -14.25 4.91
CA TYR A 31 1.55 -13.65 3.58
C TYR A 31 2.13 -12.24 3.65
N LYS A 32 3.10 -11.96 2.78
CA LYS A 32 3.73 -10.64 2.77
C LYS A 32 3.52 -9.97 1.42
N VAL A 33 2.76 -8.86 1.40
CA VAL A 33 2.51 -8.15 0.16
C VAL A 33 3.41 -6.91 0.04
N VAL A 34 4.19 -6.88 -1.02
CA VAL A 34 5.10 -5.77 -1.28
C VAL A 34 5.06 -5.35 -2.75
N ASN A 35 5.54 -4.14 -3.03
CA ASN A 35 5.57 -3.64 -4.39
C ASN A 35 6.40 -4.55 -5.29
N ARG A 36 5.95 -4.76 -6.52
CA ARG A 36 6.66 -5.63 -7.45
C ARG A 36 8.11 -5.18 -7.64
N HIS A 37 8.30 -3.89 -7.86
CA HIS A 37 9.65 -3.35 -8.05
C HIS A 37 10.46 -3.42 -6.75
N LEU A 38 9.80 -3.76 -5.65
CA LEU A 38 10.47 -3.84 -4.36
C LEU A 38 10.47 -5.27 -3.80
N ALA A 39 9.92 -6.23 -4.54
CA ALA A 39 9.90 -7.60 -4.05
C ALA A 39 11.18 -8.35 -4.43
N THR A 40 11.79 -9.00 -3.44
CA THR A 40 13.02 -9.75 -3.65
C THR A 40 12.73 -11.05 -4.39
N HIS A 41 13.78 -11.65 -4.96
CA HIS A 41 13.63 -12.91 -5.70
C HIS A 41 12.94 -13.96 -4.85
N VAL A 42 13.12 -13.87 -3.53
CA VAL A 42 12.49 -14.82 -2.62
C VAL A 42 10.99 -14.60 -2.56
N ASP A 43 10.56 -13.34 -2.72
CA ASP A 43 9.16 -13.00 -2.69
C ASP A 43 8.46 -13.59 -3.90
N TRP A 44 9.10 -13.45 -5.05
CA TRP A 44 8.55 -13.98 -6.29
C TRP A 44 8.71 -15.50 -6.33
N GLN A 45 9.78 -15.99 -5.74
CA GLN A 45 10.06 -17.43 -5.70
C GLN A 45 8.90 -18.17 -5.06
N ASN A 46 8.39 -17.64 -3.96
CA ASN A 46 7.27 -18.25 -3.26
C ASN A 46 6.05 -17.35 -3.32
N CYS A 47 5.93 -16.60 -4.40
CA CYS A 47 4.81 -15.68 -4.60
C CYS A 47 3.53 -16.44 -4.90
N VAL A 48 2.49 -16.16 -4.13
CA VAL A 48 1.20 -16.80 -4.31
C VAL A 48 0.34 -16.01 -5.30
N TRP A 49 0.39 -14.68 -5.19
CA TRP A 49 -0.39 -13.81 -6.08
C TRP A 49 0.41 -12.58 -6.50
N GLU A 50 0.09 -12.04 -7.66
CA GLU A 50 0.77 -10.86 -8.18
C GLU A 50 -0.10 -10.12 -9.20
N ASP A 51 -0.42 -8.86 -8.90
CA ASP A 51 -1.24 -8.05 -9.79
C ASP A 51 -0.41 -6.99 -10.50
N TYR A 52 -0.36 -7.07 -11.82
CA TYR A 52 0.40 -6.12 -12.62
C TYR A 52 -0.24 -4.72 -12.57
N ASN A 53 -1.56 -4.68 -12.55
CA ASN A 53 -2.29 -3.42 -12.50
C ASN A 53 -2.13 -2.76 -11.14
N ARG A 54 -1.61 -3.51 -10.17
CA ARG A 54 -1.41 -2.98 -8.83
C ARG A 54 0.08 -2.98 -8.46
N ASP A 55 0.92 -3.56 -9.31
CA ASP A 55 2.35 -3.63 -9.06
C ASP A 55 2.61 -4.18 -7.66
N LEU A 56 1.77 -5.13 -7.25
CA LEU A 56 1.89 -5.74 -5.93
C LEU A 56 1.80 -7.25 -6.02
N LEU A 57 2.42 -7.94 -5.06
CA LEU A 57 2.39 -9.40 -5.03
C LEU A 57 2.42 -9.94 -3.60
N VAL A 58 1.91 -11.14 -3.41
CA VAL A 58 1.89 -11.77 -2.10
C VAL A 58 2.76 -13.00 -2.09
N SER A 59 3.61 -13.08 -1.08
CA SER A 59 4.50 -14.22 -0.90
C SER A 59 4.28 -14.84 0.47
N THR A 60 4.65 -16.11 0.61
CA THR A 60 4.45 -16.81 1.88
C THR A 60 5.73 -16.82 2.71
N THR A 61 5.54 -16.74 4.02
CA THR A 61 6.66 -16.72 4.96
C THR A 61 6.34 -17.56 6.20
N THR A 62 7.35 -17.77 7.04
CA THR A 62 7.18 -18.55 8.25
C THR A 62 7.60 -17.75 9.48
N ALA A 63 6.91 -16.64 9.73
CA ALA A 63 7.21 -15.79 10.87
C ALA A 63 5.93 -15.36 11.59
N HIS A 64 6.08 -14.47 12.57
CA HIS A 64 4.94 -13.99 13.33
C HIS A 64 4.35 -12.73 12.70
N GLY A 65 3.03 -12.61 12.74
CA GLY A 65 2.36 -11.47 12.16
C GLY A 65 2.78 -10.17 12.82
N CYS A 66 2.57 -9.06 12.11
CA CYS A 66 2.93 -7.74 12.63
C CYS A 66 1.89 -6.70 12.23
N ASP A 67 1.50 -6.70 10.96
CA ASP A 67 0.52 -5.75 10.44
C ASP A 67 -0.84 -6.43 10.27
N THR A 68 -1.90 -5.68 10.56
CA THR A 68 -3.26 -6.19 10.43
C THR A 68 -4.05 -5.34 9.45
N ILE A 69 -4.54 -5.97 8.39
CA ILE A 69 -5.31 -5.25 7.37
C ILE A 69 -6.72 -4.94 7.88
N ALA A 70 -7.20 -3.74 7.57
CA ALA A 70 -8.52 -3.31 7.99
C ALA A 70 -9.55 -3.57 6.89
N ARG A 71 -10.62 -4.27 7.26
CA ARG A 71 -11.69 -4.57 6.31
C ARG A 71 -12.77 -3.49 6.35
N CYS A 72 -12.35 -2.26 6.58
CA CYS A 72 -13.28 -1.13 6.66
C CYS A 72 -13.31 -0.36 5.35
N GLN A 73 -14.37 0.41 5.15
CA GLN A 73 -14.52 1.21 3.93
C GLN A 73 -14.48 2.69 4.24
N CYS A 74 -13.68 3.08 5.23
CA CYS A 74 -13.55 4.48 5.62
C CYS A 74 -13.09 5.33 4.43
N THR A 75 -13.84 6.38 4.15
CA THR A 75 -13.50 7.27 3.04
C THR A 75 -12.23 8.06 3.34
N THR A 76 -11.87 8.11 4.63
CA THR A 76 -10.67 8.84 5.04
C THR A 76 -9.78 7.98 5.93
N GLY A 77 -8.48 8.25 5.88
CA GLY A 77 -7.52 7.50 6.67
C GLY A 77 -6.27 8.32 6.95
N VAL A 78 -5.13 7.64 7.05
CA VAL A 78 -3.88 8.32 7.31
C VAL A 78 -2.74 7.71 6.50
N TYR A 79 -2.08 8.56 5.71
CA TYR A 79 -0.96 8.11 4.88
C TYR A 79 0.37 8.34 5.58
N PHE A 80 1.44 7.83 4.99
CA PHE A 80 2.78 7.99 5.56
C PHE A 80 3.56 9.05 4.81
N CYS A 81 4.02 10.07 5.54
CA CYS A 81 4.79 11.15 4.95
C CYS A 81 6.27 10.80 4.89
N ALA A 82 6.93 11.24 3.82
CA ALA A 82 8.36 10.99 3.65
C ALA A 82 9.20 12.11 4.24
N SER A 83 8.80 13.34 3.98
CA SER A 83 9.51 14.51 4.48
C SER A 83 9.14 14.79 5.94
N LYS A 84 7.84 14.86 6.20
CA LYS A 84 7.35 15.12 7.55
C LYS A 84 7.71 13.98 8.49
N SER A 85 7.93 12.79 7.94
CA SER A 85 8.29 11.63 8.74
C SER A 85 7.23 11.38 9.82
N LYS A 86 6.01 11.82 9.55
CA LYS A 86 4.91 11.66 10.49
C LYS A 86 3.65 11.16 9.78
N HIS A 87 2.65 10.78 10.56
CA HIS A 87 1.39 10.30 10.01
C HIS A 87 0.48 11.47 9.66
N TYR A 88 -0.08 11.44 8.46
CA TYR A 88 -0.97 12.50 8.00
C TYR A 88 -2.35 11.95 7.64
N PRO A 89 -3.40 12.34 8.38
CA PRO A 89 -4.76 11.88 8.11
C PRO A 89 -5.37 12.61 6.92
N VAL A 90 -5.76 11.87 5.90
CA VAL A 90 -6.34 12.46 4.69
C VAL A 90 -7.55 11.67 4.20
N SER A 91 -8.41 12.34 3.46
CA SER A 91 -9.60 11.72 2.90
C SER A 91 -9.34 11.30 1.45
N PHE A 92 -9.51 10.02 1.16
CA PHE A 92 -9.27 9.52 -0.19
C PHE A 92 -10.50 8.81 -0.76
N GLU A 93 -10.49 8.64 -2.07
CA GLU A 93 -11.57 7.96 -2.78
C GLU A 93 -11.06 6.63 -3.32
N GLY A 94 -11.96 5.70 -3.60
CA GLY A 94 -11.56 4.40 -4.10
C GLY A 94 -11.81 4.21 -5.59
N PRO A 95 -11.13 4.97 -6.46
CA PRO A 95 -11.30 4.85 -7.91
C PRO A 95 -10.77 3.52 -8.44
N GLY A 96 -11.57 2.89 -9.29
CA GLY A 96 -11.18 1.61 -9.86
C GLY A 96 -9.89 1.67 -10.65
N LEU A 97 -10.00 2.01 -11.93
CA LEU A 97 -8.82 2.09 -12.78
C LEU A 97 -8.28 3.51 -12.90
N VAL A 98 -7.03 3.68 -12.48
CA VAL A 98 -6.35 4.97 -12.56
C VAL A 98 -5.07 4.81 -13.36
N GLU A 99 -4.96 5.60 -14.43
CA GLU A 99 -3.78 5.52 -15.30
C GLU A 99 -2.55 6.12 -14.62
N VAL A 100 -1.62 5.26 -14.24
CA VAL A 100 -0.39 5.70 -13.59
C VAL A 100 0.53 6.40 -14.59
N GLN A 101 0.74 7.69 -14.38
CA GLN A 101 1.60 8.49 -15.24
C GLN A 101 3.07 8.16 -14.98
N GLU A 102 3.90 8.27 -16.00
CA GLU A 102 5.31 7.99 -15.85
C GLU A 102 5.98 9.02 -14.96
N SER A 103 6.20 8.66 -13.70
CA SER A 103 6.83 9.56 -12.75
C SER A 103 7.73 8.79 -11.77
N GLU A 104 8.72 9.47 -11.21
CA GLU A 104 9.63 8.86 -10.25
C GLU A 104 10.22 7.55 -10.80
N TYR A 105 9.49 6.45 -10.63
CA TYR A 105 9.95 5.15 -11.12
C TYR A 105 8.77 4.30 -11.60
N TYR A 106 7.66 4.97 -11.91
CA TYR A 106 6.47 4.28 -12.39
C TYR A 106 6.26 4.55 -13.88
N PRO A 107 5.84 3.52 -14.65
CA PRO A 107 5.60 3.65 -16.09
C PRO A 107 4.19 4.14 -16.41
N LYS A 108 4.08 4.88 -17.52
CA LYS A 108 2.79 5.41 -17.95
C LYS A 108 1.83 4.28 -18.34
N ARG A 109 1.36 3.53 -17.35
CA ARG A 109 0.47 2.41 -17.59
C ARG A 109 -0.84 2.56 -16.79
N TYR A 110 -1.68 1.53 -16.87
CA TYR A 110 -2.95 1.52 -16.16
C TYR A 110 -2.87 0.73 -14.86
N GLN A 111 -3.39 1.32 -13.78
CA GLN A 111 -3.36 0.67 -12.47
C GLN A 111 -4.76 0.66 -11.85
N SER A 112 -5.22 -0.52 -11.44
CA SER A 112 -6.55 -0.65 -10.86
C SER A 112 -6.50 -0.71 -9.33
N HIS A 113 -7.66 -0.45 -8.71
CA HIS A 113 -7.79 -0.47 -7.26
C HIS A 113 -6.82 0.49 -6.58
N VAL A 114 -6.94 1.78 -6.89
CA VAL A 114 -6.06 2.77 -6.28
C VAL A 114 -6.87 3.86 -5.59
N LEU A 115 -6.37 4.34 -4.44
CA LEU A 115 -7.05 5.39 -3.69
C LEU A 115 -6.29 6.70 -3.81
N LEU A 116 -7.01 7.81 -3.90
CA LEU A 116 -6.36 9.11 -4.05
C LEU A 116 -6.88 10.12 -3.01
N ALA A 117 -5.95 10.88 -2.43
CA ALA A 117 -6.29 11.89 -1.43
C ALA A 117 -5.40 13.12 -1.58
N THR A 118 -5.98 14.29 -1.37
CA THR A 118 -5.24 15.53 -1.49
C THR A 118 -4.79 16.03 -0.12
N GLY A 119 -3.47 16.18 0.04
CA GLY A 119 -2.92 16.64 1.31
C GLY A 119 -1.79 17.63 1.12
N PHE A 120 -0.58 17.20 1.46
CA PHE A 120 0.59 18.06 1.33
C PHE A 120 1.67 17.38 0.51
N SER A 121 1.64 17.59 -0.80
CA SER A 121 2.62 16.99 -1.70
C SER A 121 3.69 18.00 -2.10
N GLU A 122 4.44 18.48 -1.11
CA GLU A 122 5.50 19.45 -1.36
C GLU A 122 6.71 18.80 -2.03
N PRO A 123 7.20 17.67 -1.50
CA PRO A 123 8.35 16.98 -2.06
C PRO A 123 8.00 16.19 -3.32
N GLY A 124 8.95 15.40 -3.80
CA GLY A 124 8.72 14.61 -5.00
C GLY A 124 9.18 13.18 -4.84
N ASP A 125 8.95 12.61 -3.65
CA ASP A 125 9.33 11.23 -3.38
C ASP A 125 8.12 10.39 -3.00
N ALA A 126 8.36 9.11 -2.75
CA ALA A 126 7.28 8.19 -2.38
C ALA A 126 7.79 7.11 -1.43
N GLY A 127 6.86 6.28 -0.96
CA GLY A 127 7.22 5.21 -0.05
C GLY A 127 6.38 5.20 1.21
N GLY A 128 5.93 4.01 1.61
CA GLY A 128 5.11 3.89 2.80
C GLY A 128 3.81 3.15 2.53
N ILE A 129 3.04 2.91 3.59
CA ILE A 129 1.76 2.21 3.46
C ILE A 129 0.63 3.01 4.08
N LEU A 130 -0.56 2.90 3.50
CA LEU A 130 -1.73 3.62 4.00
C LEU A 130 -2.43 2.78 5.06
N ARG A 131 -2.52 3.33 6.27
CA ARG A 131 -3.16 2.63 7.38
C ARG A 131 -4.39 3.37 7.89
N CYS A 132 -5.32 2.62 8.44
CA CYS A 132 -6.55 3.17 8.99
C CYS A 132 -6.65 2.86 10.47
N GLU A 133 -7.48 3.61 11.19
CA GLU A 133 -7.67 3.39 12.62
C GLU A 133 -8.10 1.96 12.91
N HIS A 134 -8.60 1.27 11.87
CA HIS A 134 -9.05 -0.10 12.01
C HIS A 134 -7.95 -1.10 11.65
N GLY A 135 -7.11 -0.74 10.68
CA GLY A 135 -6.03 -1.62 10.27
C GLY A 135 -5.22 -1.09 9.10
N VAL A 136 -4.88 -1.97 8.17
CA VAL A 136 -4.10 -1.61 7.00
C VAL A 136 -5.00 -1.49 5.77
N ILE A 137 -4.79 -0.43 4.99
CA ILE A 137 -5.57 -0.20 3.77
C ILE A 137 -4.79 -0.67 2.54
N GLY A 138 -3.70 0.02 2.23
CA GLY A 138 -2.90 -0.34 1.08
C GLY A 138 -1.49 0.24 1.14
N LEU A 139 -0.81 0.23 0.01
CA LEU A 139 0.55 0.76 -0.08
C LEU A 139 0.62 1.95 -1.01
N VAL A 140 1.70 2.72 -0.93
CA VAL A 140 1.87 3.89 -1.77
C VAL A 140 2.02 3.51 -3.24
N THR A 141 1.18 4.09 -4.09
CA THR A 141 1.22 3.81 -5.52
C THR A 141 1.76 5.02 -6.30
N MET A 142 0.88 5.93 -6.72
CA MET A 142 1.32 7.11 -7.45
C MET A 142 0.79 8.40 -6.83
N GLY A 143 1.69 9.32 -6.53
CA GLY A 143 1.28 10.59 -5.94
C GLY A 143 1.41 11.75 -6.91
N GLY A 144 0.33 12.51 -7.06
CA GLY A 144 0.35 13.65 -7.95
C GLY A 144 0.98 14.88 -7.33
N GLU A 145 0.72 16.04 -7.93
CA GLU A 145 1.28 17.29 -7.42
C GLU A 145 0.61 17.71 -6.12
N GLY A 146 -0.57 17.16 -5.85
CA GLY A 146 -1.29 17.48 -4.63
C GLY A 146 -2.11 16.34 -4.06
N VAL A 147 -2.20 15.24 -4.81
CA VAL A 147 -2.97 14.07 -4.35
C VAL A 147 -2.06 12.87 -4.14
N VAL A 148 -2.51 11.93 -3.31
CA VAL A 148 -1.72 10.74 -3.01
C VAL A 148 -2.41 9.47 -3.53
N GLY A 149 -1.75 8.76 -4.43
CA GLY A 149 -2.32 7.53 -4.97
C GLY A 149 -1.78 6.30 -4.27
N PHE A 150 -2.67 5.54 -3.64
CA PHE A 150 -2.28 4.34 -2.92
C PHE A 150 -2.96 3.09 -3.47
N ALA A 151 -2.23 1.99 -3.48
CA ALA A 151 -2.78 0.73 -3.96
C ALA A 151 -3.41 -0.05 -2.81
N ASP A 152 -4.74 -0.15 -2.84
CA ASP A 152 -5.47 -0.84 -1.78
C ASP A 152 -5.18 -2.34 -1.77
N VAL A 153 -5.13 -2.90 -0.57
CA VAL A 153 -4.88 -4.34 -0.39
C VAL A 153 -6.20 -5.11 -0.39
N ARG A 154 -7.29 -4.43 -0.72
CA ARG A 154 -8.61 -5.06 -0.76
C ARG A 154 -8.73 -6.05 -1.90
N ASP A 155 -7.73 -6.08 -2.78
CA ASP A 155 -7.74 -6.99 -3.93
C ASP A 155 -7.08 -8.33 -3.58
N LEU A 156 -6.76 -8.54 -2.32
CA LEU A 156 -6.13 -9.78 -1.88
C LEU A 156 -6.04 -9.85 -0.36
N LEU A 157 -7.12 -9.43 0.31
CA LEU A 157 -7.17 -9.43 1.76
C LEU A 157 -6.96 -10.84 2.34
N TRP A 158 -7.07 -11.86 1.51
CA TRP A 158 -6.89 -13.24 1.95
C TRP A 158 -5.50 -13.45 2.57
N LEU A 159 -5.34 -13.03 3.82
CA LEU A 159 -4.07 -13.17 4.53
C LEU A 159 -4.32 -13.62 5.97
N GLU A 160 -5.27 -12.97 6.63
CA GLU A 160 -5.61 -13.31 8.01
C GLU A 160 -6.95 -12.69 8.41
N ASP A 161 -7.19 -12.60 9.71
CA ASP A 161 -8.44 -12.04 10.22
C ASP A 161 -8.62 -10.59 9.74
N ASP A 162 -9.79 -10.29 9.21
CA ASP A 162 -10.09 -8.94 8.73
C ASP A 162 -11.01 -8.21 9.69
N ALA A 163 -10.96 -6.88 9.69
CA ALA A 163 -11.79 -6.08 10.58
C ALA A 163 -13.27 -6.24 10.23
N MET A 164 -14.13 -6.04 11.22
CA MET A 164 -15.57 -6.15 11.02
C MET A 164 -15.94 -7.54 10.51
N GLU A 165 -15.84 -8.54 11.38
CA GLU A 165 -16.16 -9.92 11.03
C GLU A 165 -17.48 -10.36 11.68
N GLN A 166 -17.89 -11.58 11.37
CA GLN A 166 -19.13 -12.12 11.92
C GLN A 166 -18.84 -13.09 13.06
ZN ZN B . -11.14 2.45 8.85
N GLY A 17 12.21 2.49 19.03
CA GLY A 17 12.08 2.76 17.57
C GLY A 17 12.78 1.71 16.73
N PRO A 18 12.15 0.54 16.52
CA PRO A 18 12.74 -0.54 15.71
C PRO A 18 12.80 -0.18 14.23
N TYR A 19 13.99 -0.33 13.64
CA TYR A 19 14.19 -0.03 12.23
C TYR A 19 14.27 -1.31 11.40
N GLY A 20 13.29 -1.50 10.53
CA GLY A 20 13.27 -2.69 9.68
C GLY A 20 14.50 -2.80 8.81
N HIS A 21 14.85 -1.71 8.14
CA HIS A 21 16.01 -1.69 7.26
C HIS A 21 15.84 -2.66 6.10
N GLN A 22 16.29 -2.26 4.92
CA GLN A 22 16.19 -3.10 3.73
C GLN A 22 14.74 -3.42 3.40
N SER A 23 14.10 -2.53 2.64
CA SER A 23 12.70 -2.72 2.26
C SER A 23 11.80 -2.76 3.50
N GLY A 24 10.50 -2.92 3.26
CA GLY A 24 9.55 -2.97 4.35
C GLY A 24 8.23 -3.61 3.94
N ALA A 25 7.42 -2.85 3.22
CA ALA A 25 6.13 -3.34 2.76
C ALA A 25 5.22 -3.71 3.93
N VAL A 26 4.13 -4.41 3.64
CA VAL A 26 3.20 -4.83 4.67
C VAL A 26 2.95 -6.34 4.59
N TYR A 27 3.51 -7.08 5.54
CA TYR A 27 3.35 -8.53 5.56
C TYR A 27 2.34 -8.94 6.64
N VAL A 28 1.35 -9.73 6.23
CA VAL A 28 0.31 -10.18 7.16
C VAL A 28 0.29 -11.70 7.27
N GLY A 29 0.22 -12.20 8.50
CA GLY A 29 0.19 -13.63 8.74
C GLY A 29 1.30 -14.38 8.02
N ASN A 30 0.93 -15.44 7.31
CA ASN A 30 1.90 -16.24 6.56
C ASN A 30 2.04 -15.72 5.13
N TYR A 31 1.61 -14.49 4.90
CA TYR A 31 1.69 -13.87 3.58
C TYR A 31 2.34 -12.50 3.69
N LYS A 32 3.13 -12.12 2.68
CA LYS A 32 3.78 -10.82 2.67
C LYS A 32 3.49 -10.10 1.36
N VAL A 33 2.78 -8.97 1.44
CA VAL A 33 2.46 -8.21 0.24
C VAL A 33 3.35 -6.98 0.13
N VAL A 34 4.08 -6.89 -0.97
CA VAL A 34 4.98 -5.77 -1.22
C VAL A 34 4.85 -5.28 -2.67
N ASN A 35 5.29 -4.05 -2.91
CA ASN A 35 5.25 -3.47 -4.25
C ASN A 35 6.07 -4.32 -5.23
N ARG A 36 5.56 -4.46 -6.45
CA ARG A 36 6.26 -5.25 -7.46
C ARG A 36 7.67 -4.75 -7.68
N HIS A 37 7.82 -3.43 -7.83
CA HIS A 37 9.13 -2.83 -8.04
C HIS A 37 9.99 -2.94 -6.78
N LEU A 38 9.39 -3.37 -5.67
CA LEU A 38 10.12 -3.50 -4.42
C LEU A 38 10.32 -4.97 -4.03
N ALA A 39 9.63 -5.87 -4.72
CA ALA A 39 9.76 -7.29 -4.43
C ALA A 39 11.13 -7.81 -4.85
N THR A 40 11.62 -8.83 -4.15
CA THR A 40 12.91 -9.42 -4.45
C THR A 40 12.74 -10.75 -5.15
N HIS A 41 13.84 -11.30 -5.68
CA HIS A 41 13.80 -12.58 -6.38
C HIS A 41 13.19 -13.66 -5.49
N VAL A 42 13.37 -13.50 -4.19
CA VAL A 42 12.84 -14.45 -3.22
C VAL A 42 11.34 -14.27 -3.02
N ASP A 43 10.86 -13.04 -3.16
CA ASP A 43 9.44 -12.76 -2.99
C ASP A 43 8.66 -13.44 -4.10
N TRP A 44 9.18 -13.32 -5.32
CA TRP A 44 8.56 -13.94 -6.46
C TRP A 44 8.78 -15.45 -6.45
N GLN A 45 9.89 -15.88 -5.88
CA GLN A 45 10.23 -17.30 -5.80
C GLN A 45 9.12 -18.06 -5.07
N ASN A 46 8.66 -17.47 -3.96
CA ASN A 46 7.60 -18.09 -3.16
C ASN A 46 6.35 -17.22 -3.20
N CYS A 47 6.14 -16.54 -4.33
CA CYS A 47 4.98 -15.68 -4.50
C CYS A 47 3.74 -16.49 -4.86
N VAL A 48 2.67 -16.24 -4.11
CA VAL A 48 1.40 -16.93 -4.34
C VAL A 48 0.53 -16.14 -5.31
N TRP A 49 0.52 -14.81 -5.16
CA TRP A 49 -0.28 -13.95 -6.02
C TRP A 49 0.50 -12.69 -6.41
N GLU A 50 0.17 -12.14 -7.58
CA GLU A 50 0.82 -10.92 -8.06
C GLU A 50 -0.03 -10.22 -9.12
N ASP A 51 -0.45 -9.00 -8.80
CA ASP A 51 -1.27 -8.22 -9.73
C ASP A 51 -0.48 -7.09 -10.36
N TYR A 52 -0.35 -7.14 -11.68
CA TYR A 52 0.38 -6.11 -12.42
C TYR A 52 -0.32 -4.75 -12.32
N ASN A 53 -1.65 -4.77 -12.45
CA ASN A 53 -2.44 -3.55 -12.37
C ASN A 53 -2.38 -2.95 -10.97
N ARG A 54 -1.91 -3.75 -10.00
CA ARG A 54 -1.82 -3.28 -8.62
C ARG A 54 -0.36 -3.20 -8.17
N ASP A 55 0.56 -3.55 -9.07
CA ASP A 55 1.99 -3.52 -8.75
C ASP A 55 2.24 -4.10 -7.36
N LEU A 56 1.51 -5.15 -7.03
CA LEU A 56 1.65 -5.79 -5.72
C LEU A 56 1.63 -7.31 -5.85
N LEU A 57 2.29 -7.99 -4.91
CA LEU A 57 2.35 -9.44 -4.91
C LEU A 57 2.41 -9.99 -3.49
N VAL A 58 1.98 -11.23 -3.32
CA VAL A 58 1.99 -11.86 -2.01
C VAL A 58 2.85 -13.10 -2.00
N SER A 59 3.74 -13.18 -1.02
CA SER A 59 4.63 -14.31 -0.85
C SER A 59 4.39 -14.94 0.52
N THR A 60 4.74 -16.21 0.66
CA THR A 60 4.53 -16.90 1.92
C THR A 60 5.79 -16.92 2.76
N THR A 61 5.69 -16.41 3.99
CA THR A 61 6.81 -16.36 4.91
C THR A 61 6.56 -17.24 6.12
N THR A 62 7.61 -17.51 6.87
CA THR A 62 7.51 -18.35 8.07
C THR A 62 7.55 -17.49 9.34
N ALA A 63 6.78 -16.41 9.33
CA ALA A 63 6.73 -15.52 10.48
C ALA A 63 5.37 -14.81 10.58
N HIS A 64 4.91 -14.58 11.80
CA HIS A 64 3.63 -13.92 12.01
C HIS A 64 3.69 -12.46 11.57
N GLY A 65 2.56 -11.95 11.10
CA GLY A 65 2.51 -10.57 10.65
C GLY A 65 2.30 -9.59 11.79
N CYS A 66 3.06 -8.50 11.77
CA CYS A 66 2.96 -7.47 12.81
C CYS A 66 2.02 -6.34 12.37
N ASP A 67 1.18 -6.62 11.39
CA ASP A 67 0.25 -5.62 10.88
C ASP A 67 -1.15 -6.24 10.69
N THR A 68 -2.17 -5.44 10.93
CA THR A 68 -3.55 -5.91 10.78
C THR A 68 -4.28 -5.08 9.73
N ILE A 69 -4.71 -5.74 8.65
CA ILE A 69 -5.43 -5.05 7.58
C ILE A 69 -6.87 -4.78 7.99
N ALA A 70 -7.36 -3.60 7.62
CA ALA A 70 -8.71 -3.21 7.95
C ALA A 70 -9.68 -3.55 6.81
N ARG A 71 -10.79 -4.17 7.16
CA ARG A 71 -11.80 -4.54 6.17
C ARG A 71 -12.84 -3.44 6.03
N CYS A 72 -12.43 -2.21 6.30
CA CYS A 72 -13.32 -1.06 6.21
C CYS A 72 -13.12 -0.32 4.90
N GLN A 73 -14.07 0.57 4.59
CA GLN A 73 -14.01 1.35 3.35
C GLN A 73 -14.11 2.84 3.65
N CYS A 74 -13.53 3.24 4.79
CA CYS A 74 -13.55 4.65 5.19
C CYS A 74 -12.98 5.54 4.09
N THR A 75 -13.69 6.61 3.76
CA THR A 75 -13.24 7.54 2.75
C THR A 75 -12.08 8.38 3.27
N THR A 76 -11.83 8.30 4.57
CA THR A 76 -10.75 9.05 5.20
C THR A 76 -9.75 8.11 5.87
N GLY A 77 -8.51 8.56 5.99
CA GLY A 77 -7.47 7.75 6.60
C GLY A 77 -6.19 8.53 6.82
N VAL A 78 -5.10 7.83 7.07
CA VAL A 78 -3.81 8.48 7.29
C VAL A 78 -2.69 7.71 6.62
N TYR A 79 -1.90 8.43 5.82
CA TYR A 79 -0.77 7.82 5.12
C TYR A 79 0.53 8.08 5.85
N PHE A 80 1.34 7.02 6.01
CA PHE A 80 2.61 7.13 6.71
C PHE A 80 3.78 7.00 5.74
N CYS A 81 4.73 7.92 5.86
CA CYS A 81 5.92 7.93 5.02
C CYS A 81 5.56 7.91 3.53
N ALA A 82 4.35 8.36 3.21
CA ALA A 82 3.92 8.40 1.82
C ALA A 82 4.66 9.50 1.06
N SER A 83 4.76 10.66 1.68
CA SER A 83 5.45 11.79 1.07
C SER A 83 5.86 12.82 2.13
N LYS A 84 5.92 12.40 3.38
CA LYS A 84 6.30 13.29 4.47
C LYS A 84 7.05 12.56 5.60
N SER A 85 7.36 11.28 5.38
CA SER A 85 8.06 10.49 6.38
C SER A 85 7.34 10.55 7.73
N LYS A 86 6.06 10.88 7.69
CA LYS A 86 5.25 11.00 8.90
C LYS A 86 3.80 10.57 8.62
N HIS A 87 3.01 10.45 9.68
CA HIS A 87 1.61 10.06 9.53
C HIS A 87 0.79 11.30 9.21
N TYR A 88 0.13 11.28 8.05
CA TYR A 88 -0.66 12.40 7.60
C TYR A 88 -2.12 12.01 7.35
N PRO A 89 -3.07 12.53 8.14
CA PRO A 89 -4.49 12.23 7.94
C PRO A 89 -4.99 12.87 6.65
N VAL A 90 -5.49 12.04 5.74
CA VAL A 90 -5.97 12.54 4.47
C VAL A 90 -7.22 11.80 4.00
N SER A 91 -8.03 12.47 3.19
CA SER A 91 -9.24 11.87 2.65
C SER A 91 -8.97 11.35 1.25
N PHE A 92 -9.27 10.08 1.03
CA PHE A 92 -9.04 9.46 -0.29
C PHE A 92 -10.27 8.71 -0.78
N GLU A 93 -10.30 8.47 -2.08
CA GLU A 93 -11.37 7.74 -2.72
C GLU A 93 -10.84 6.40 -3.21
N GLY A 94 -11.73 5.44 -3.44
CA GLY A 94 -11.28 4.13 -3.89
C GLY A 94 -11.64 3.83 -5.35
N PRO A 95 -11.07 4.57 -6.32
CA PRO A 95 -11.35 4.35 -7.74
C PRO A 95 -10.79 3.01 -8.23
N GLY A 96 -11.57 2.36 -9.09
CA GLY A 96 -11.17 1.08 -9.64
C GLY A 96 -9.92 1.18 -10.48
N LEU A 97 -9.97 1.97 -11.54
CA LEU A 97 -8.80 2.13 -12.41
C LEU A 97 -8.33 3.58 -12.46
N VAL A 98 -7.07 3.79 -12.11
CA VAL A 98 -6.47 5.12 -12.13
C VAL A 98 -5.16 5.11 -12.89
N GLU A 99 -5.07 5.94 -13.93
CA GLU A 99 -3.85 5.99 -14.74
C GLU A 99 -2.74 6.70 -13.97
N VAL A 100 -1.75 5.92 -13.54
CA VAL A 100 -0.62 6.47 -12.79
C VAL A 100 0.36 7.17 -13.72
N GLN A 101 0.59 8.45 -13.44
CA GLN A 101 1.51 9.27 -14.24
C GLN A 101 2.96 8.83 -14.04
N GLU A 102 3.78 9.01 -15.07
CA GLU A 102 5.18 8.63 -15.00
C GLU A 102 5.93 9.51 -14.02
N SER A 103 6.20 8.98 -12.83
CA SER A 103 6.90 9.72 -11.79
C SER A 103 7.84 8.83 -10.99
N GLU A 104 8.80 9.45 -10.31
CA GLU A 104 9.76 8.73 -9.49
C GLU A 104 10.51 7.66 -10.29
N TYR A 105 9.89 6.50 -10.46
CA TYR A 105 10.51 5.41 -11.21
C TYR A 105 9.45 4.50 -11.82
N TYR A 106 8.24 5.02 -11.99
CA TYR A 106 7.15 4.25 -12.57
C TYR A 106 6.64 4.90 -13.85
N PRO A 107 6.45 4.12 -14.93
CA PRO A 107 5.97 4.63 -16.21
C PRO A 107 4.47 4.89 -16.21
N LYS A 108 4.04 5.88 -16.98
CA LYS A 108 2.62 6.23 -17.08
C LYS A 108 1.80 5.01 -17.49
N ARG A 109 1.35 4.25 -16.50
CA ARG A 109 0.56 3.04 -16.77
C ARG A 109 -0.80 3.07 -16.06
N TYR A 110 -1.52 1.97 -16.18
CA TYR A 110 -2.83 1.82 -15.57
C TYR A 110 -2.73 1.01 -14.28
N GLN A 111 -3.36 1.49 -13.21
CA GLN A 111 -3.32 0.81 -11.92
C GLN A 111 -4.73 0.60 -11.37
N SER A 112 -5.06 -0.66 -11.08
CA SER A 112 -6.38 -1.00 -10.55
C SER A 112 -6.42 -0.95 -9.03
N HIS A 113 -7.63 -0.88 -8.47
CA HIS A 113 -7.83 -0.83 -7.03
C HIS A 113 -6.86 0.14 -6.35
N VAL A 114 -6.88 1.40 -6.78
CA VAL A 114 -5.99 2.40 -6.19
C VAL A 114 -6.78 3.59 -5.66
N LEU A 115 -6.41 4.06 -4.46
CA LEU A 115 -7.09 5.20 -3.85
C LEU A 115 -6.25 6.46 -4.00
N LEU A 116 -6.90 7.61 -4.10
CA LEU A 116 -6.16 8.85 -4.25
C LEU A 116 -6.57 9.90 -3.22
N ALA A 117 -5.56 10.51 -2.60
CA ALA A 117 -5.79 11.53 -1.58
C ALA A 117 -5.01 12.80 -1.87
N THR A 118 -5.69 13.93 -1.78
CA THR A 118 -5.06 15.22 -2.03
C THR A 118 -4.54 15.84 -0.74
N GLY A 119 -3.22 15.99 -0.64
CA GLY A 119 -2.63 16.57 0.54
C GLY A 119 -2.22 18.02 0.35
N PHE A 120 -0.92 18.26 0.31
CA PHE A 120 -0.39 19.61 0.13
C PHE A 120 0.63 19.65 -1.00
N SER A 121 1.64 18.78 -0.91
CA SER A 121 2.68 18.72 -1.93
C SER A 121 3.53 17.46 -1.76
N GLU A 122 4.49 17.28 -2.64
CA GLU A 122 5.37 16.12 -2.59
C GLU A 122 6.84 16.55 -2.64
N PRO A 123 7.59 16.35 -1.53
CA PRO A 123 9.01 16.72 -1.47
C PRO A 123 9.87 15.86 -2.37
N GLY A 124 9.66 14.56 -2.32
CA GLY A 124 10.43 13.64 -3.14
C GLY A 124 10.44 12.22 -2.59
N ASP A 125 10.67 12.10 -1.29
CA ASP A 125 10.70 10.79 -0.65
C ASP A 125 9.31 10.15 -0.66
N ALA A 126 9.25 8.89 -1.10
CA ALA A 126 7.99 8.17 -1.17
C ALA A 126 8.19 6.70 -0.84
N GLY A 127 7.58 6.25 0.24
CA GLY A 127 7.70 4.85 0.64
C GLY A 127 7.01 4.57 1.96
N GLY A 128 5.91 3.84 1.90
CA GLY A 128 5.18 3.50 3.12
C GLY A 128 3.86 2.80 2.83
N ILE A 129 3.04 2.62 3.86
CA ILE A 129 1.76 1.95 3.71
C ILE A 129 0.63 2.82 4.26
N LEU A 130 -0.54 2.72 3.62
CA LEU A 130 -1.71 3.49 4.06
C LEU A 130 -2.48 2.73 5.12
N ARG A 131 -2.63 3.34 6.30
CA ARG A 131 -3.34 2.70 7.40
C ARG A 131 -4.58 3.48 7.82
N CYS A 132 -5.56 2.76 8.36
CA CYS A 132 -6.80 3.35 8.82
C CYS A 132 -6.97 3.11 10.32
N GLU A 133 -7.88 3.86 10.95
CA GLU A 133 -8.13 3.70 12.38
C GLU A 133 -8.56 2.28 12.71
N HIS A 134 -8.99 1.54 11.69
CA HIS A 134 -9.45 0.17 11.88
C HIS A 134 -8.32 -0.83 11.61
N GLY A 135 -7.41 -0.49 10.71
CA GLY A 135 -6.31 -1.37 10.39
C GLY A 135 -5.46 -0.86 9.24
N VAL A 136 -5.11 -1.76 8.33
CA VAL A 136 -4.29 -1.41 7.17
C VAL A 136 -5.13 -1.35 5.91
N ILE A 137 -4.92 -0.31 5.11
CA ILE A 137 -5.66 -0.14 3.86
C ILE A 137 -4.89 -0.74 2.68
N GLY A 138 -3.77 -0.10 2.35
CA GLY A 138 -2.96 -0.58 1.24
C GLY A 138 -1.53 -0.10 1.31
N LEU A 139 -0.95 0.21 0.15
CA LEU A 139 0.44 0.68 0.08
C LEU A 139 0.57 1.85 -0.88
N VAL A 140 1.68 2.57 -0.78
CA VAL A 140 1.94 3.73 -1.63
C VAL A 140 2.16 3.30 -3.08
N THR A 141 1.20 3.61 -3.95
CA THR A 141 1.30 3.27 -5.36
C THR A 141 1.93 4.43 -6.14
N MET A 142 1.09 5.34 -6.66
CA MET A 142 1.60 6.48 -7.42
C MET A 142 0.87 7.75 -7.06
N GLY A 143 1.61 8.78 -6.67
CA GLY A 143 1.02 10.05 -6.31
C GLY A 143 1.30 11.14 -7.32
N GLY A 144 0.26 11.85 -7.73
CA GLY A 144 0.42 12.92 -8.70
C GLY A 144 1.15 14.12 -8.11
N GLU A 145 0.79 15.32 -8.57
CA GLU A 145 1.42 16.53 -8.08
C GLU A 145 0.73 17.03 -6.82
N GLY A 146 -0.50 16.58 -6.59
CA GLY A 146 -1.25 17.01 -5.42
C GLY A 146 -2.05 15.90 -4.77
N VAL A 147 -2.16 14.75 -5.45
CA VAL A 147 -2.92 13.61 -4.92
C VAL A 147 -2.00 12.42 -4.64
N VAL A 148 -2.46 11.54 -3.75
CA VAL A 148 -1.68 10.36 -3.36
C VAL A 148 -2.34 9.06 -3.80
N GLY A 149 -1.66 8.29 -4.65
CA GLY A 149 -2.22 7.02 -5.10
C GLY A 149 -1.81 5.88 -4.17
N PHE A 150 -2.79 5.14 -3.68
CA PHE A 150 -2.54 4.02 -2.77
C PHE A 150 -3.14 2.72 -3.29
N ALA A 151 -2.35 1.65 -3.25
CA ALA A 151 -2.82 0.34 -3.69
C ALA A 151 -3.46 -0.40 -2.52
N ASP A 152 -4.78 -0.48 -2.53
CA ASP A 152 -5.51 -1.13 -1.45
C ASP A 152 -5.26 -2.64 -1.41
N VAL A 153 -5.26 -3.18 -0.21
CA VAL A 153 -5.06 -4.62 0.00
C VAL A 153 -6.41 -5.35 -0.04
N ARG A 154 -7.46 -4.63 -0.44
CA ARG A 154 -8.80 -5.20 -0.52
C ARG A 154 -8.93 -6.19 -1.67
N ASP A 155 -7.89 -6.27 -2.51
CA ASP A 155 -7.90 -7.19 -3.64
C ASP A 155 -7.13 -8.47 -3.35
N LEU A 156 -6.78 -8.68 -2.07
CA LEU A 156 -6.05 -9.87 -1.67
C LEU A 156 -5.88 -9.91 -0.16
N LEU A 157 -6.95 -9.54 0.55
CA LEU A 157 -6.93 -9.51 2.01
C LEU A 157 -6.60 -10.89 2.60
N TRP A 158 -6.89 -11.94 1.85
CA TRP A 158 -6.63 -13.31 2.30
C TRP A 158 -5.22 -13.45 2.89
N LEU A 159 -5.12 -13.18 4.19
CA LEU A 159 -3.84 -13.27 4.91
C LEU A 159 -4.09 -13.57 6.38
N GLU A 160 -5.01 -12.83 6.98
CA GLU A 160 -5.36 -13.00 8.39
C GLU A 160 -6.75 -12.43 8.67
N ASP A 161 -7.09 -12.34 9.96
CA ASP A 161 -8.39 -11.83 10.36
C ASP A 161 -8.61 -10.40 9.86
N ASP A 162 -9.78 -10.15 9.29
CA ASP A 162 -10.12 -8.83 8.77
C ASP A 162 -11.11 -8.13 9.70
N ALA A 163 -11.11 -6.80 9.67
CA ALA A 163 -12.01 -6.03 10.52
C ALA A 163 -13.47 -6.29 10.15
N MET A 164 -14.34 -6.34 11.16
CA MET A 164 -15.75 -6.57 10.94
C MET A 164 -16.51 -5.26 10.71
N GLU A 165 -17.52 -5.32 9.86
CA GLU A 165 -18.32 -4.13 9.55
C GLU A 165 -19.79 -4.49 9.37
N GLN A 166 -20.04 -5.54 8.58
CA GLN A 166 -21.40 -5.99 8.32
C GLN A 166 -21.89 -6.91 9.44
ZN ZN B . -11.41 2.57 8.54
N GLY A 17 22.99 -4.29 2.22
CA GLY A 17 22.95 -5.38 1.21
C GLY A 17 22.12 -6.56 1.66
N PRO A 18 22.67 -7.44 2.50
CA PRO A 18 21.96 -8.62 3.00
C PRO A 18 20.85 -8.24 3.98
N TYR A 19 21.02 -7.12 4.67
CA TYR A 19 20.04 -6.65 5.63
C TYR A 19 19.19 -5.53 5.04
N GLY A 20 17.89 -5.76 4.95
CA GLY A 20 16.99 -4.76 4.40
C GLY A 20 15.67 -4.68 5.15
N HIS A 21 14.95 -3.58 4.97
CA HIS A 21 13.66 -3.39 5.62
C HIS A 21 13.00 -2.10 5.17
N GLN A 22 13.80 -1.05 5.02
CA GLN A 22 13.29 0.25 4.58
C GLN A 22 12.94 0.21 3.09
N SER A 23 11.95 -0.59 2.74
CA SER A 23 11.52 -0.71 1.34
C SER A 23 10.09 -0.21 1.18
N GLY A 24 9.25 -0.49 2.17
CA GLY A 24 7.86 -0.06 2.11
C GLY A 24 6.94 -1.16 1.63
N ALA A 25 6.52 -2.03 2.55
CA ALA A 25 5.63 -3.13 2.20
C ALA A 25 4.76 -3.53 3.39
N VAL A 26 3.65 -4.21 3.11
CA VAL A 26 2.74 -4.65 4.15
C VAL A 26 2.90 -6.14 4.42
N TYR A 27 3.34 -6.50 5.62
CA TYR A 27 3.52 -7.90 5.98
C TYR A 27 2.40 -8.38 6.89
N VAL A 28 1.61 -9.34 6.40
CA VAL A 28 0.50 -9.88 7.18
C VAL A 28 0.65 -11.39 7.38
N GLY A 29 0.88 -11.80 8.62
CA GLY A 29 1.02 -13.21 8.93
C GLY A 29 2.01 -13.93 8.04
N ASN A 30 1.57 -15.02 7.41
CA ASN A 30 2.42 -15.81 6.53
C ASN A 30 2.32 -15.32 5.08
N TYR A 31 1.83 -14.11 4.89
CA TYR A 31 1.70 -13.53 3.56
C TYR A 31 2.29 -12.12 3.56
N LYS A 32 3.19 -11.85 2.62
CA LYS A 32 3.81 -10.53 2.53
C LYS A 32 3.52 -9.88 1.19
N VAL A 33 2.78 -8.78 1.20
CA VAL A 33 2.45 -8.08 -0.04
C VAL A 33 3.37 -6.88 -0.23
N VAL A 34 4.09 -6.87 -1.35
CA VAL A 34 5.02 -5.78 -1.66
C VAL A 34 4.90 -5.35 -3.12
N ASN A 35 5.36 -4.14 -3.41
CA ASN A 35 5.32 -3.62 -4.77
C ASN A 35 6.12 -4.52 -5.70
N ARG A 36 5.63 -4.71 -6.93
CA ARG A 36 6.30 -5.56 -7.89
C ARG A 36 7.74 -5.09 -8.12
N HIS A 37 7.90 -3.79 -8.33
CA HIS A 37 9.24 -3.22 -8.54
C HIS A 37 10.06 -3.29 -7.25
N LEU A 38 9.42 -3.66 -6.14
CA LEU A 38 10.11 -3.75 -4.85
C LEU A 38 10.25 -5.19 -4.39
N ALA A 39 9.53 -6.12 -5.05
CA ALA A 39 9.61 -7.52 -4.68
C ALA A 39 10.99 -8.09 -4.97
N THR A 40 11.38 -9.09 -4.18
CA THR A 40 12.69 -9.72 -4.36
C THR A 40 12.53 -11.10 -5.00
N HIS A 41 13.64 -11.69 -5.40
CA HIS A 41 13.62 -13.01 -6.04
C HIS A 41 12.90 -14.02 -5.16
N VAL A 42 12.96 -13.81 -3.85
CA VAL A 42 12.33 -14.71 -2.90
C VAL A 42 10.81 -14.48 -2.84
N ASP A 43 10.38 -13.25 -3.09
CA ASP A 43 8.97 -12.93 -3.06
C ASP A 43 8.28 -13.62 -4.21
N TRP A 44 8.90 -13.56 -5.38
CA TRP A 44 8.36 -14.19 -6.56
C TRP A 44 8.55 -15.70 -6.51
N GLN A 45 9.62 -16.14 -5.86
CA GLN A 45 9.91 -17.56 -5.73
C GLN A 45 8.75 -18.28 -5.04
N ASN A 46 8.23 -17.68 -3.99
CA ASN A 46 7.12 -18.26 -3.24
C ASN A 46 5.90 -17.34 -3.29
N CYS A 47 5.68 -16.74 -4.46
CA CYS A 47 4.54 -15.83 -4.64
C CYS A 47 3.25 -16.59 -4.87
N VAL A 48 2.25 -16.28 -4.07
CA VAL A 48 0.94 -16.92 -4.18
C VAL A 48 0.06 -16.17 -5.18
N TRP A 49 0.15 -14.83 -5.15
CA TRP A 49 -0.65 -14.01 -6.06
C TRP A 49 0.17 -12.84 -6.59
N GLU A 50 -0.15 -12.39 -7.80
CA GLU A 50 0.54 -11.27 -8.43
C GLU A 50 -0.39 -10.52 -9.37
N ASP A 51 -0.74 -9.29 -8.98
CA ASP A 51 -1.64 -8.47 -9.80
C ASP A 51 -0.87 -7.33 -10.47
N TYR A 52 -0.78 -7.40 -11.79
CA TYR A 52 -0.07 -6.37 -12.57
C TYR A 52 -0.81 -5.04 -12.50
N ASN A 53 -2.14 -5.10 -12.46
CA ASN A 53 -2.96 -3.89 -12.40
C ASN A 53 -2.71 -3.13 -11.10
N ARG A 54 -2.18 -3.84 -10.10
CA ARG A 54 -1.90 -3.23 -8.81
C ARG A 54 -0.40 -3.21 -8.51
N ASP A 55 0.41 -3.71 -9.45
CA ASP A 55 1.85 -3.75 -9.28
C ASP A 55 2.20 -4.28 -7.90
N LEU A 56 1.39 -5.22 -7.43
CA LEU A 56 1.58 -5.82 -6.11
C LEU A 56 1.51 -7.34 -6.18
N LEU A 57 2.18 -8.00 -5.24
CA LEU A 57 2.20 -9.46 -5.19
C LEU A 57 2.26 -9.96 -3.76
N VAL A 58 1.79 -11.18 -3.55
CA VAL A 58 1.79 -11.78 -2.21
C VAL A 58 2.62 -13.04 -2.20
N SER A 59 3.56 -13.09 -1.24
CA SER A 59 4.44 -14.24 -1.09
C SER A 59 4.29 -14.81 0.31
N THR A 60 4.63 -16.09 0.47
CA THR A 60 4.52 -16.74 1.76
C THR A 60 5.85 -16.75 2.51
N THR A 61 5.76 -16.62 3.82
CA THR A 61 6.94 -16.59 4.68
C THR A 61 6.73 -17.42 5.94
N THR A 62 7.80 -17.62 6.70
CA THR A 62 7.74 -18.40 7.93
C THR A 62 8.16 -17.56 9.13
N ALA A 63 7.83 -16.27 9.09
CA ALA A 63 8.17 -15.36 10.18
C ALA A 63 6.93 -14.86 10.90
N HIS A 64 7.13 -14.10 11.97
CA HIS A 64 6.03 -13.56 12.74
C HIS A 64 5.49 -12.27 12.10
N GLY A 65 4.19 -12.04 12.25
CA GLY A 65 3.59 -10.85 11.69
C GLY A 65 3.37 -9.76 12.71
N CYS A 66 2.71 -8.69 12.30
CA CYS A 66 2.43 -7.57 13.20
C CYS A 66 1.37 -6.65 12.61
N ASP A 67 1.48 -6.37 11.31
CA ASP A 67 0.54 -5.50 10.63
C ASP A 67 -0.79 -6.23 10.40
N THR A 68 -1.89 -5.52 10.65
CA THR A 68 -3.23 -6.08 10.46
C THR A 68 -4.04 -5.24 9.48
N ILE A 69 -4.52 -5.87 8.42
CA ILE A 69 -5.31 -5.17 7.41
C ILE A 69 -6.71 -4.87 7.94
N ALA A 70 -7.20 -3.67 7.64
CA ALA A 70 -8.52 -3.27 8.08
C ALA A 70 -9.57 -3.53 6.99
N ARG A 71 -10.64 -4.22 7.37
CA ARG A 71 -11.70 -4.54 6.44
C ARG A 71 -12.82 -3.49 6.52
N CYS A 72 -12.43 -2.25 6.73
CA CYS A 72 -13.38 -1.15 6.85
C CYS A 72 -13.46 -0.37 5.53
N GLN A 73 -14.47 0.49 5.42
CA GLN A 73 -14.66 1.28 4.22
C GLN A 73 -14.56 2.78 4.52
N CYS A 74 -13.77 3.13 5.53
CA CYS A 74 -13.60 4.53 5.90
C CYS A 74 -12.95 5.30 4.75
N THR A 75 -13.65 6.33 4.26
CA THR A 75 -13.13 7.14 3.18
C THR A 75 -11.95 7.98 3.65
N THR A 76 -11.75 8.07 4.96
CA THR A 76 -10.65 8.85 5.52
C THR A 76 -9.67 7.97 6.29
N GLY A 77 -8.40 8.07 5.92
CA GLY A 77 -7.36 7.31 6.58
C GLY A 77 -6.15 8.17 6.86
N VAL A 78 -4.97 7.56 6.94
CA VAL A 78 -3.75 8.31 7.21
C VAL A 78 -2.58 7.79 6.39
N TYR A 79 -1.88 8.72 5.73
CA TYR A 79 -0.73 8.38 4.90
C TYR A 79 0.57 8.84 5.55
N PHE A 80 1.65 8.13 5.28
CA PHE A 80 2.96 8.48 5.84
C PHE A 80 3.54 9.72 5.16
N CYS A 81 3.89 10.72 5.96
CA CYS A 81 4.47 11.95 5.44
C CYS A 81 5.98 11.84 5.34
N ALA A 82 6.54 12.37 4.24
CA ALA A 82 7.98 12.32 4.03
C ALA A 82 8.65 13.58 4.58
N SER A 83 8.02 14.73 4.38
CA SER A 83 8.57 15.99 4.85
C SER A 83 8.17 16.26 6.29
N LYS A 84 7.03 15.73 6.70
CA LYS A 84 6.54 15.91 8.06
C LYS A 84 7.00 14.77 8.98
N SER A 85 7.29 13.61 8.38
CA SER A 85 7.72 12.46 9.15
C SER A 85 6.71 12.12 10.24
N LYS A 86 5.44 12.43 9.97
CA LYS A 86 4.36 12.18 10.91
C LYS A 86 3.17 11.55 10.20
N HIS A 87 2.20 11.10 11.00
CA HIS A 87 1.00 10.49 10.44
C HIS A 87 -0.01 11.56 10.06
N TYR A 88 -0.33 11.64 8.77
CA TYR A 88 -1.26 12.64 8.27
C TYR A 88 -2.56 11.99 7.79
N PRO A 89 -3.68 12.27 8.47
CA PRO A 89 -4.98 11.72 8.10
C PRO A 89 -5.60 12.44 6.90
N VAL A 90 -5.95 11.69 5.87
CA VAL A 90 -6.53 12.28 4.66
C VAL A 90 -7.71 11.47 4.15
N SER A 91 -8.63 12.14 3.46
CA SER A 91 -9.79 11.47 2.89
C SER A 91 -9.51 11.13 1.44
N PHE A 92 -9.83 9.90 1.05
CA PHE A 92 -9.57 9.45 -0.32
C PHE A 92 -10.77 8.70 -0.91
N GLU A 93 -10.72 8.51 -2.22
CA GLU A 93 -11.74 7.80 -2.96
C GLU A 93 -11.17 6.49 -3.47
N GLY A 94 -12.03 5.52 -3.79
CA GLY A 94 -11.56 4.25 -4.27
C GLY A 94 -11.81 4.00 -5.76
N PRO A 95 -11.23 4.82 -6.66
CA PRO A 95 -11.41 4.64 -8.11
C PRO A 95 -10.75 3.36 -8.60
N GLY A 96 -11.42 2.70 -9.55
CA GLY A 96 -10.91 1.46 -10.10
C GLY A 96 -9.61 1.64 -10.85
N LEU A 97 -9.71 1.89 -12.15
CA LEU A 97 -8.52 2.06 -12.99
C LEU A 97 -8.00 3.49 -12.96
N VAL A 98 -6.69 3.61 -12.72
CA VAL A 98 -6.02 4.89 -12.68
C VAL A 98 -4.66 4.77 -13.38
N GLU A 99 -4.42 5.65 -14.37
CA GLU A 99 -3.18 5.61 -15.12
C GLU A 99 -2.01 6.11 -14.29
N VAL A 100 -1.14 5.18 -13.91
CA VAL A 100 0.04 5.52 -13.12
C VAL A 100 1.07 6.23 -14.00
N GLN A 101 1.32 7.50 -13.70
CA GLN A 101 2.27 8.30 -14.47
C GLN A 101 3.70 7.90 -14.19
N GLU A 102 4.56 8.05 -15.19
CA GLU A 102 5.97 7.70 -15.05
C GLU A 102 6.67 8.67 -14.10
N SER A 103 6.88 8.23 -12.87
CA SER A 103 7.54 9.05 -11.86
C SER A 103 8.43 8.21 -10.95
N GLU A 104 9.47 8.83 -10.40
CA GLU A 104 10.39 8.15 -9.49
C GLU A 104 10.95 6.87 -10.12
N TYR A 105 10.20 5.77 -10.03
CA TYR A 105 10.63 4.51 -10.59
C TYR A 105 9.43 3.70 -11.11
N TYR A 106 8.31 4.39 -11.34
CA TYR A 106 7.12 3.75 -11.85
C TYR A 106 6.89 4.12 -13.32
N PRO A 107 6.52 3.13 -14.16
CA PRO A 107 6.29 3.36 -15.60
C PRO A 107 4.87 3.86 -15.89
N LYS A 108 4.75 4.67 -16.94
CA LYS A 108 3.45 5.20 -17.35
C LYS A 108 2.53 4.08 -17.81
N ARG A 109 1.96 3.35 -16.85
CA ARG A 109 1.08 2.23 -17.16
C ARG A 109 -0.29 2.39 -16.50
N TYR A 110 -1.12 1.36 -16.65
CA TYR A 110 -2.47 1.36 -16.06
C TYR A 110 -2.49 0.57 -14.76
N GLN A 111 -3.09 1.16 -13.72
CA GLN A 111 -3.17 0.52 -12.42
C GLN A 111 -4.60 0.56 -11.87
N SER A 112 -5.14 -0.60 -11.51
CA SER A 112 -6.50 -0.67 -10.97
C SER A 112 -6.51 -0.80 -9.45
N HIS A 113 -7.63 -0.43 -8.84
CA HIS A 113 -7.80 -0.52 -7.39
C HIS A 113 -6.85 0.43 -6.66
N VAL A 114 -6.92 1.72 -6.99
CA VAL A 114 -6.07 2.71 -6.35
C VAL A 114 -6.91 3.82 -5.72
N LEU A 115 -6.48 4.29 -4.55
CA LEU A 115 -7.19 5.35 -3.84
C LEU A 115 -6.43 6.67 -3.98
N LEU A 116 -7.17 7.78 -4.00
CA LEU A 116 -6.54 9.09 -4.14
C LEU A 116 -7.08 10.10 -3.13
N ALA A 117 -6.17 10.79 -2.46
CA ALA A 117 -6.53 11.80 -1.47
C ALA A 117 -5.69 13.05 -1.64
N THR A 118 -6.27 14.20 -1.34
CA THR A 118 -5.57 15.47 -1.45
C THR A 118 -5.17 16.01 -0.08
N GLY A 119 -3.93 16.47 0.03
CA GLY A 119 -3.45 17.00 1.30
C GLY A 119 -3.39 18.50 1.30
N PHE A 120 -2.38 19.06 0.63
CA PHE A 120 -2.21 20.50 0.55
C PHE A 120 -1.62 20.92 -0.79
N SER A 121 -0.42 20.42 -1.08
CA SER A 121 0.25 20.73 -2.33
C SER A 121 1.58 19.99 -2.44
N GLU A 122 1.51 18.68 -2.69
CA GLU A 122 2.70 17.87 -2.81
C GLU A 122 3.51 17.88 -1.51
N PRO A 123 3.14 17.02 -0.55
CA PRO A 123 3.84 16.94 0.74
C PRO A 123 5.25 16.37 0.60
N GLY A 124 5.46 15.55 -0.42
CA GLY A 124 6.76 14.96 -0.64
C GLY A 124 6.79 14.06 -1.86
N ASP A 125 7.76 13.15 -1.91
CA ASP A 125 7.89 12.23 -3.03
C ASP A 125 8.38 10.86 -2.55
N ALA A 126 7.98 10.49 -1.34
CA ALA A 126 8.38 9.21 -0.77
C ALA A 126 7.51 8.85 0.43
N GLY A 127 6.46 8.07 0.20
CA GLY A 127 5.57 7.68 1.28
C GLY A 127 5.73 6.22 1.66
N GLY A 128 4.81 5.72 2.48
CA GLY A 128 4.87 4.33 2.90
C GLY A 128 3.61 3.57 2.57
N ILE A 129 2.82 3.25 3.61
CA ILE A 129 1.57 2.52 3.43
C ILE A 129 0.39 3.26 4.05
N LEU A 130 -0.77 3.13 3.44
CA LEU A 130 -1.98 3.79 3.93
C LEU A 130 -2.66 2.92 4.98
N ARG A 131 -2.72 3.39 6.21
CA ARG A 131 -3.33 2.64 7.30
C ARG A 131 -4.53 3.38 7.88
N CYS A 132 -5.49 2.62 8.39
CA CYS A 132 -6.68 3.19 8.99
C CYS A 132 -6.72 2.88 10.48
N GLU A 133 -7.54 3.62 11.22
CA GLU A 133 -7.67 3.41 12.67
C GLU A 133 -8.07 1.96 12.97
N HIS A 134 -8.61 1.27 11.97
CA HIS A 134 -9.03 -0.11 12.13
C HIS A 134 -7.93 -1.09 11.75
N GLY A 135 -7.11 -0.72 10.75
CA GLY A 135 -6.04 -1.59 10.32
C GLY A 135 -5.26 -1.04 9.14
N VAL A 136 -4.90 -1.92 8.22
CA VAL A 136 -4.14 -1.54 7.03
C VAL A 136 -5.05 -1.45 5.81
N ILE A 137 -4.87 -0.40 5.01
CA ILE A 137 -5.67 -0.21 3.81
C ILE A 137 -4.89 -0.67 2.57
N GLY A 138 -3.81 0.03 2.25
CA GLY A 138 -3.00 -0.32 1.10
C GLY A 138 -1.61 0.27 1.17
N LEU A 139 -0.91 0.23 0.04
CA LEU A 139 0.46 0.76 -0.03
C LEU A 139 0.53 1.92 -1.00
N VAL A 140 1.62 2.69 -0.92
CA VAL A 140 1.79 3.84 -1.80
C VAL A 140 1.94 3.42 -3.26
N THR A 141 1.16 4.03 -4.13
CA THR A 141 1.22 3.71 -5.56
C THR A 141 1.79 4.90 -6.34
N MET A 142 0.92 5.82 -6.77
CA MET A 142 1.39 6.98 -7.53
C MET A 142 0.83 8.28 -6.96
N GLY A 143 1.71 9.22 -6.64
CA GLY A 143 1.28 10.49 -6.09
C GLY A 143 1.50 11.64 -7.05
N GLY A 144 0.65 12.66 -6.94
CA GLY A 144 0.77 13.81 -7.82
C GLY A 144 1.26 15.05 -7.10
N GLU A 145 0.89 16.22 -7.61
CA GLU A 145 1.29 17.49 -7.00
C GLU A 145 0.23 18.00 -6.04
N GLY A 146 -0.68 17.12 -5.63
CA GLY A 146 -1.74 17.52 -4.72
C GLY A 146 -2.51 16.35 -4.14
N VAL A 147 -2.57 15.25 -4.89
CA VAL A 147 -3.29 14.06 -4.44
C VAL A 147 -2.34 12.89 -4.24
N VAL A 148 -2.75 11.92 -3.41
CA VAL A 148 -1.92 10.76 -3.12
C VAL A 148 -2.55 9.47 -3.64
N GLY A 149 -1.86 8.79 -4.56
CA GLY A 149 -2.38 7.54 -5.10
C GLY A 149 -1.84 6.33 -4.36
N PHE A 150 -2.74 5.56 -3.74
CA PHE A 150 -2.33 4.37 -3.00
C PHE A 150 -3.03 3.12 -3.52
N ALA A 151 -2.30 2.01 -3.51
CA ALA A 151 -2.85 0.73 -3.97
C ALA A 151 -3.51 0.01 -2.80
N ASP A 152 -4.84 -0.10 -2.86
CA ASP A 152 -5.59 -0.76 -1.80
C ASP A 152 -5.32 -2.26 -1.76
N VAL A 153 -5.36 -2.82 -0.55
CA VAL A 153 -5.14 -4.25 -0.36
C VAL A 153 -6.47 -5.01 -0.41
N ARG A 154 -7.53 -4.32 -0.84
CA ARG A 154 -8.85 -4.92 -0.94
C ARG A 154 -8.94 -5.94 -2.08
N ASP A 155 -7.87 -6.04 -2.87
CA ASP A 155 -7.84 -6.98 -3.98
C ASP A 155 -7.10 -8.28 -3.62
N LEU A 156 -6.81 -8.45 -2.33
CA LEU A 156 -6.10 -9.65 -1.88
C LEU A 156 -6.00 -9.66 -0.36
N LEU A 157 -7.07 -9.22 0.29
CA LEU A 157 -7.12 -9.16 1.74
C LEU A 157 -6.85 -10.52 2.39
N TRP A 158 -7.04 -11.59 1.63
CA TRP A 158 -6.83 -12.94 2.15
C TRP A 158 -5.41 -13.10 2.71
N LEU A 159 -5.24 -12.73 3.98
CA LEU A 159 -3.95 -12.84 4.66
C LEU A 159 -4.15 -13.18 6.13
N GLU A 160 -5.05 -12.44 6.78
CA GLU A 160 -5.35 -12.65 8.19
C GLU A 160 -6.79 -12.25 8.50
N ASP A 161 -7.14 -12.27 9.79
CA ASP A 161 -8.48 -11.90 10.22
C ASP A 161 -8.83 -10.48 9.79
N ASP A 162 -10.05 -10.31 9.27
CA ASP A 162 -10.50 -8.99 8.82
C ASP A 162 -11.03 -8.17 9.99
N ALA A 163 -10.98 -6.85 9.85
CA ALA A 163 -11.45 -5.95 10.90
C ALA A 163 -12.96 -5.78 10.83
N MET A 164 -13.59 -5.64 11.99
CA MET A 164 -15.03 -5.47 12.07
C MET A 164 -15.76 -6.68 11.47
N GLU A 165 -15.64 -7.82 12.15
CA GLU A 165 -16.28 -9.04 11.68
C GLU A 165 -17.80 -8.99 11.92
N GLN A 166 -18.19 -8.92 13.19
CA GLN A 166 -19.60 -8.85 13.54
C GLN A 166 -20.02 -7.42 13.83
ZN ZN B . -11.28 2.39 9.06
N GLY A 17 10.04 -7.28 21.59
CA GLY A 17 9.72 -6.72 20.25
C GLY A 17 10.78 -7.09 19.20
N PRO A 18 10.38 -7.20 17.92
CA PRO A 18 11.29 -7.55 16.84
C PRO A 18 12.53 -6.65 16.82
N TYR A 19 13.38 -6.85 15.82
CA TYR A 19 14.61 -6.06 15.68
C TYR A 19 15.06 -6.02 14.22
N GLY A 20 15.55 -4.86 13.80
CA GLY A 20 16.02 -4.71 12.44
C GLY A 20 14.88 -4.55 11.46
N HIS A 21 14.16 -3.44 11.55
CA HIS A 21 13.04 -3.16 10.66
C HIS A 21 12.89 -1.67 10.40
N GLN A 22 12.86 -1.30 9.13
CA GLN A 22 12.72 0.10 8.75
C GLN A 22 11.67 0.28 7.67
N SER A 23 10.57 -0.46 7.79
CA SER A 23 9.48 -0.39 6.82
C SER A 23 9.96 -0.84 5.44
N GLY A 24 9.01 -1.01 4.52
CA GLY A 24 9.35 -1.44 3.18
C GLY A 24 8.17 -2.05 2.46
N ALA A 25 7.26 -2.64 3.21
CA ALA A 25 6.07 -3.27 2.64
C ALA A 25 5.07 -3.65 3.71
N VAL A 26 4.00 -4.33 3.31
CA VAL A 26 2.97 -4.77 4.24
C VAL A 26 3.05 -6.27 4.50
N TYR A 27 3.49 -6.64 5.69
CA TYR A 27 3.61 -8.06 6.04
C TYR A 27 2.41 -8.51 6.86
N VAL A 28 1.64 -9.44 6.30
CA VAL A 28 0.46 -9.97 6.98
C VAL A 28 0.56 -11.48 7.20
N GLY A 29 0.75 -11.88 8.45
CA GLY A 29 0.85 -13.29 8.78
C GLY A 29 1.86 -14.04 7.92
N ASN A 30 1.42 -15.13 7.32
CA ASN A 30 2.30 -15.96 6.48
C ASN A 30 2.28 -15.47 5.03
N TYR A 31 1.76 -14.28 4.80
CA TYR A 31 1.69 -13.70 3.46
C TYR A 31 2.24 -12.27 3.49
N LYS A 32 3.19 -11.97 2.60
CA LYS A 32 3.77 -10.63 2.55
C LYS A 32 3.49 -9.97 1.20
N VAL A 33 2.71 -8.89 1.23
CA VAL A 33 2.38 -8.17 0.01
C VAL A 33 3.28 -6.95 -0.14
N VAL A 34 4.01 -6.88 -1.26
CA VAL A 34 4.92 -5.78 -1.53
C VAL A 34 4.78 -5.30 -2.97
N ASN A 35 5.26 -4.09 -3.23
CA ASN A 35 5.22 -3.51 -4.57
C ASN A 35 6.01 -4.39 -5.53
N ARG A 36 5.51 -4.55 -6.75
CA ARG A 36 6.18 -5.37 -7.75
C ARG A 36 7.61 -4.89 -7.98
N HIS A 37 7.78 -3.59 -8.14
CA HIS A 37 9.11 -3.01 -8.34
C HIS A 37 9.94 -3.07 -7.07
N LEU A 38 9.31 -3.48 -5.96
CA LEU A 38 10.00 -3.57 -4.67
C LEU A 38 10.16 -5.02 -4.21
N ALA A 39 9.59 -5.97 -4.96
CA ALA A 39 9.67 -7.37 -4.58
C ALA A 39 11.05 -7.93 -4.92
N THR A 40 11.49 -8.93 -4.16
CA THR A 40 12.78 -9.55 -4.38
C THR A 40 12.60 -10.90 -5.07
N HIS A 41 13.69 -11.46 -5.59
CA HIS A 41 13.64 -12.74 -6.28
C HIS A 41 12.98 -13.79 -5.38
N VAL A 42 13.14 -13.61 -4.07
CA VAL A 42 12.56 -14.53 -3.10
C VAL A 42 11.05 -14.35 -3.03
N ASP A 43 10.57 -13.14 -3.26
CA ASP A 43 9.15 -12.86 -3.22
C ASP A 43 8.45 -13.58 -4.36
N TRP A 44 9.06 -13.50 -5.53
CA TRP A 44 8.51 -14.16 -6.71
C TRP A 44 8.72 -15.67 -6.63
N GLN A 45 9.86 -16.08 -6.08
CA GLN A 45 10.16 -17.50 -5.95
C GLN A 45 9.06 -18.22 -5.18
N ASN A 46 8.53 -17.55 -4.16
CA ASN A 46 7.46 -18.12 -3.35
C ASN A 46 6.21 -17.25 -3.41
N CYS A 47 6.05 -16.54 -4.53
CA CYS A 47 4.89 -15.67 -4.73
C CYS A 47 3.63 -16.49 -4.99
N VAL A 48 2.62 -16.29 -4.15
CA VAL A 48 1.36 -17.00 -4.30
C VAL A 48 0.44 -16.25 -5.26
N TRP A 49 0.44 -14.92 -5.16
CA TRP A 49 -0.40 -14.10 -6.03
C TRP A 49 0.34 -12.83 -6.49
N GLU A 50 -0.05 -12.32 -7.65
CA GLU A 50 0.57 -11.12 -8.21
C GLU A 50 -0.38 -10.42 -9.18
N ASP A 51 -0.70 -9.17 -8.89
CA ASP A 51 -1.59 -8.39 -9.75
C ASP A 51 -0.84 -7.33 -10.54
N TYR A 52 -0.86 -7.46 -11.86
CA TYR A 52 -0.17 -6.52 -12.73
C TYR A 52 -0.83 -5.15 -12.68
N ASN A 53 -2.15 -5.13 -12.57
CA ASN A 53 -2.90 -3.88 -12.51
C ASN A 53 -2.70 -3.20 -11.16
N ARG A 54 -2.16 -3.94 -10.19
CA ARG A 54 -1.92 -3.38 -8.86
C ARG A 54 -0.43 -3.33 -8.54
N ASP A 55 0.40 -3.86 -9.45
CA ASP A 55 1.84 -3.88 -9.24
C ASP A 55 2.17 -4.38 -7.83
N LEU A 56 1.44 -5.42 -7.42
CA LEU A 56 1.61 -5.99 -6.10
C LEU A 56 1.63 -7.51 -6.16
N LEU A 57 2.31 -8.14 -5.20
CA LEU A 57 2.39 -9.59 -5.15
C LEU A 57 2.46 -10.09 -3.71
N VAL A 58 1.95 -11.29 -3.48
CA VAL A 58 1.96 -11.88 -2.15
C VAL A 58 2.84 -13.11 -2.12
N SER A 59 3.77 -13.12 -1.17
CA SER A 59 4.69 -14.24 -1.00
C SER A 59 4.48 -14.84 0.38
N THR A 60 4.86 -16.10 0.54
CA THR A 60 4.68 -16.77 1.82
C THR A 60 5.96 -16.76 2.65
N THR A 61 5.80 -16.57 3.95
CA THR A 61 6.92 -16.51 4.88
C THR A 61 6.63 -17.32 6.13
N THR A 62 7.66 -17.53 6.94
CA THR A 62 7.52 -18.31 8.17
C THR A 62 7.93 -17.47 9.39
N ALA A 63 7.21 -16.38 9.61
CA ALA A 63 7.49 -15.49 10.73
C ALA A 63 6.21 -14.90 11.30
N HIS A 64 6.33 -14.25 12.46
CA HIS A 64 5.18 -13.63 13.11
C HIS A 64 4.95 -12.21 12.58
N GLY A 65 3.72 -11.94 12.17
CA GLY A 65 3.39 -10.62 11.65
C GLY A 65 2.97 -9.66 12.75
N CYS A 66 2.65 -8.44 12.35
CA CYS A 66 2.23 -7.41 13.30
C CYS A 66 1.14 -6.52 12.71
N ASP A 67 1.37 -6.07 11.48
CA ASP A 67 0.40 -5.21 10.80
C ASP A 67 -0.91 -5.94 10.56
N THR A 68 -2.01 -5.24 10.77
CA THR A 68 -3.34 -5.82 10.56
C THR A 68 -4.13 -5.00 9.55
N ILE A 69 -4.55 -5.65 8.47
CA ILE A 69 -5.31 -4.97 7.43
C ILE A 69 -6.75 -4.71 7.87
N ALA A 70 -7.26 -3.52 7.53
CA ALA A 70 -8.61 -3.16 7.89
C ALA A 70 -9.57 -3.44 6.75
N ARG A 71 -10.60 -4.23 7.02
CA ARG A 71 -11.60 -4.57 6.02
C ARG A 71 -12.76 -3.58 6.05
N CYS A 72 -12.43 -2.31 6.28
CA CYS A 72 -13.43 -1.26 6.34
C CYS A 72 -13.48 -0.49 5.03
N GLN A 73 -14.53 0.32 4.85
CA GLN A 73 -14.69 1.11 3.65
C GLN A 73 -14.71 2.60 3.95
N CYS A 74 -13.95 3.01 4.96
CA CYS A 74 -13.88 4.42 5.35
C CYS A 74 -13.31 5.25 4.21
N THR A 75 -13.84 6.45 4.03
CA THR A 75 -13.36 7.36 2.99
C THR A 75 -12.17 8.17 3.47
N THR A 76 -11.73 7.90 4.70
CA THR A 76 -10.59 8.62 5.26
C THR A 76 -9.52 7.66 5.74
N GLY A 77 -8.35 8.20 6.05
CA GLY A 77 -7.24 7.39 6.52
C GLY A 77 -6.01 8.25 6.82
N VAL A 78 -4.89 7.60 7.12
CA VAL A 78 -3.67 8.33 7.42
C VAL A 78 -2.45 7.64 6.81
N TYR A 79 -1.68 8.40 6.03
CA TYR A 79 -0.48 7.86 5.38
C TYR A 79 0.78 8.44 6.02
N PHE A 80 1.77 7.58 6.23
CA PHE A 80 3.03 8.01 6.84
C PHE A 80 3.83 8.88 5.88
N CYS A 81 4.55 9.85 6.43
CA CYS A 81 5.35 10.76 5.62
C CYS A 81 6.84 10.57 5.91
N ALA A 82 7.68 10.83 4.92
CA ALA A 82 9.12 10.68 5.06
C ALA A 82 9.77 11.98 5.52
N SER A 83 9.37 13.09 4.89
CA SER A 83 9.92 14.39 5.22
C SER A 83 9.42 14.85 6.59
N LYS A 84 8.14 14.63 6.86
CA LYS A 84 7.54 15.01 8.12
C LYS A 84 7.74 13.93 9.18
N SER A 85 7.85 12.69 8.74
CA SER A 85 8.04 11.56 9.64
C SER A 85 6.91 11.46 10.65
N LYS A 86 5.70 11.76 10.21
CA LYS A 86 4.53 11.70 11.07
C LYS A 86 3.33 11.13 10.33
N HIS A 87 2.26 10.84 11.08
CA HIS A 87 1.05 10.29 10.49
C HIS A 87 0.16 11.42 9.97
N TYR A 88 -0.11 11.39 8.68
CA TYR A 88 -0.94 12.43 8.06
C TYR A 88 -2.31 11.90 7.67
N PRO A 89 -3.39 12.38 8.32
CA PRO A 89 -4.75 11.95 8.01
C PRO A 89 -5.24 12.60 6.72
N VAL A 90 -5.60 11.79 5.75
CA VAL A 90 -6.07 12.28 4.46
C VAL A 90 -7.31 11.55 3.99
N SER A 91 -8.24 12.29 3.38
CA SER A 91 -9.46 11.72 2.85
C SER A 91 -9.24 11.34 1.39
N PHE A 92 -9.42 10.07 1.06
CA PHE A 92 -9.21 9.61 -0.30
C PHE A 92 -10.40 8.84 -0.84
N GLU A 93 -10.40 8.65 -2.16
CA GLU A 93 -11.46 7.92 -2.84
C GLU A 93 -10.87 6.63 -3.38
N GLY A 94 -11.73 5.64 -3.65
CA GLY A 94 -11.23 4.37 -4.15
C GLY A 94 -11.64 4.08 -5.59
N PRO A 95 -11.09 4.83 -6.58
CA PRO A 95 -11.43 4.60 -7.99
C PRO A 95 -10.88 3.27 -8.49
N GLY A 96 -11.66 2.61 -9.34
CA GLY A 96 -11.26 1.33 -9.88
C GLY A 96 -9.94 1.40 -10.63
N LEU A 97 -10.01 1.64 -11.93
CA LEU A 97 -8.81 1.72 -12.74
C LEU A 97 -8.32 3.16 -12.90
N VAL A 98 -7.10 3.41 -12.44
CA VAL A 98 -6.50 4.73 -12.55
C VAL A 98 -5.19 4.64 -13.32
N GLU A 99 -5.09 5.40 -14.40
CA GLU A 99 -3.87 5.38 -15.22
C GLU A 99 -2.73 6.11 -14.51
N VAL A 100 -1.77 5.33 -14.03
CA VAL A 100 -0.63 5.90 -13.33
C VAL A 100 0.34 6.54 -14.32
N GLN A 101 0.48 7.86 -14.23
CA GLN A 101 1.38 8.61 -15.09
C GLN A 101 2.82 8.33 -14.70
N GLU A 102 3.73 8.38 -15.67
CA GLU A 102 5.14 8.12 -15.39
C GLU A 102 5.72 9.22 -14.51
N SER A 103 5.83 8.93 -13.22
CA SER A 103 6.36 9.89 -12.26
C SER A 103 7.19 9.17 -11.19
N GLU A 104 7.80 9.96 -10.31
CA GLU A 104 8.60 9.42 -9.22
C GLU A 104 9.50 8.26 -9.68
N TYR A 105 8.95 7.05 -9.67
CA TYR A 105 9.70 5.87 -10.10
C TYR A 105 8.76 4.83 -10.68
N TYR A 106 7.60 5.28 -11.16
CA TYR A 106 6.61 4.39 -11.74
C TYR A 106 6.36 4.73 -13.20
N PRO A 107 6.24 3.70 -14.07
CA PRO A 107 6.00 3.89 -15.50
C PRO A 107 4.54 4.20 -15.81
N LYS A 108 4.31 5.00 -16.86
CA LYS A 108 2.95 5.37 -17.24
C LYS A 108 2.13 4.13 -17.60
N ARG A 109 1.63 3.45 -16.58
CA ARG A 109 0.83 2.24 -16.78
C ARG A 109 -0.54 2.36 -16.13
N TYR A 110 -1.36 1.32 -16.30
CA TYR A 110 -2.70 1.27 -15.73
C TYR A 110 -2.68 0.61 -14.36
N GLN A 111 -3.34 1.24 -13.39
CA GLN A 111 -3.38 0.70 -12.02
C GLN A 111 -4.81 0.53 -11.53
N SER A 112 -5.21 -0.70 -11.26
CA SER A 112 -6.56 -0.99 -10.77
C SER A 112 -6.61 -0.99 -9.24
N HIS A 113 -7.80 -0.69 -8.69
CA HIS A 113 -8.01 -0.66 -7.25
C HIS A 113 -7.00 0.26 -6.57
N VAL A 114 -7.06 1.54 -6.90
CA VAL A 114 -6.15 2.53 -6.32
C VAL A 114 -6.92 3.66 -5.64
N LEU A 115 -6.32 4.27 -4.64
CA LEU A 115 -6.95 5.37 -3.92
C LEU A 115 -6.14 6.65 -4.10
N LEU A 116 -6.82 7.78 -4.27
CA LEU A 116 -6.14 9.05 -4.47
C LEU A 116 -6.71 10.16 -3.59
N ALA A 117 -5.82 11.01 -3.09
CA ALA A 117 -6.19 12.14 -2.25
C ALA A 117 -5.18 13.26 -2.39
N THR A 118 -5.57 14.48 -2.00
CA THR A 118 -4.68 15.63 -2.10
C THR A 118 -4.43 16.24 -0.72
N GLY A 119 -3.15 16.44 -0.39
CA GLY A 119 -2.79 17.00 0.89
C GLY A 119 -3.15 18.47 1.00
N PHE A 120 -2.29 19.26 1.64
CA PHE A 120 -2.52 20.68 1.81
C PHE A 120 -1.20 21.43 2.00
N SER A 121 -0.34 20.89 2.86
CA SER A 121 0.95 21.51 3.12
C SER A 121 2.09 20.50 2.94
N GLU A 122 2.84 20.66 1.85
CA GLU A 122 3.95 19.76 1.56
C GLU A 122 3.46 18.33 1.36
N PRO A 123 3.59 17.79 0.13
CA PRO A 123 3.16 16.42 -0.17
C PRO A 123 4.02 15.37 0.52
N GLY A 124 5.32 15.63 0.58
CA GLY A 124 6.23 14.70 1.22
C GLY A 124 7.05 13.90 0.21
N ASP A 125 8.15 13.33 0.67
CA ASP A 125 9.02 12.54 -0.19
C ASP A 125 8.39 11.19 -0.51
N ALA A 126 8.28 10.34 0.50
CA ALA A 126 7.69 9.01 0.33
C ALA A 126 6.26 8.98 0.85
N GLY A 127 5.69 7.78 0.91
CA GLY A 127 4.32 7.63 1.39
C GLY A 127 4.18 6.45 2.33
N GLY A 128 4.74 5.31 1.94
CA GLY A 128 4.66 4.12 2.75
C GLY A 128 3.37 3.34 2.52
N ILE A 129 2.61 3.11 3.58
CA ILE A 129 1.36 2.38 3.49
C ILE A 129 0.21 3.18 4.08
N LEU A 130 -0.97 3.07 3.48
CA LEU A 130 -2.16 3.78 3.96
C LEU A 130 -2.87 2.93 5.02
N ARG A 131 -2.89 3.42 6.25
CA ARG A 131 -3.54 2.71 7.34
C ARG A 131 -4.75 3.47 7.88
N CYS A 132 -5.78 2.72 8.25
CA CYS A 132 -7.00 3.30 8.79
C CYS A 132 -7.09 3.02 10.29
N GLU A 133 -7.98 3.75 10.96
CA GLU A 133 -8.16 3.57 12.40
C GLU A 133 -8.52 2.12 12.71
N HIS A 134 -9.01 1.40 11.71
CA HIS A 134 -9.39 0.01 11.86
C HIS A 134 -8.21 -0.93 11.60
N GLY A 135 -7.37 -0.56 10.63
CA GLY A 135 -6.22 -1.39 10.30
C GLY A 135 -5.42 -0.84 9.13
N VAL A 136 -5.03 -1.74 8.23
CA VAL A 136 -4.25 -1.35 7.05
C VAL A 136 -5.13 -1.30 5.81
N ILE A 137 -4.97 -0.25 5.01
CA ILE A 137 -5.75 -0.10 3.79
C ILE A 137 -5.00 -0.65 2.58
N GLY A 138 -3.94 0.05 2.18
CA GLY A 138 -3.17 -0.39 1.02
C GLY A 138 -1.70 0.00 1.09
N LEU A 139 -1.05 0.01 -0.06
CA LEU A 139 0.36 0.36 -0.14
C LEU A 139 0.58 1.56 -1.07
N VAL A 140 1.75 2.17 -0.99
CA VAL A 140 2.07 3.33 -1.82
C VAL A 140 2.05 2.98 -3.30
N THR A 141 1.21 3.68 -4.07
CA THR A 141 1.11 3.45 -5.51
C THR A 141 1.62 4.68 -6.27
N MET A 142 0.74 5.61 -6.59
CA MET A 142 1.14 6.82 -7.30
C MET A 142 1.48 7.94 -6.32
N GLY A 143 2.22 8.93 -6.79
CA GLY A 143 2.59 10.05 -5.94
C GLY A 143 2.78 11.33 -6.72
N GLY A 144 1.69 12.08 -6.88
CA GLY A 144 1.76 13.33 -7.62
C GLY A 144 2.37 14.45 -6.79
N GLU A 145 2.41 15.65 -7.36
CA GLU A 145 2.97 16.80 -6.67
C GLU A 145 2.05 17.26 -5.54
N GLY A 146 0.78 16.86 -5.61
CA GLY A 146 -0.17 17.25 -4.58
C GLY A 146 -1.16 16.15 -4.22
N VAL A 147 -1.13 15.03 -4.95
CA VAL A 147 -2.04 13.92 -4.69
C VAL A 147 -1.27 12.68 -4.25
N VAL A 148 -1.97 11.78 -3.55
CA VAL A 148 -1.36 10.56 -3.05
C VAL A 148 -2.07 9.32 -3.62
N GLY A 149 -1.33 8.50 -4.36
CA GLY A 149 -1.90 7.29 -4.93
C GLY A 149 -1.53 6.05 -4.13
N PHE A 150 -2.55 5.36 -3.61
CA PHE A 150 -2.31 4.15 -2.81
C PHE A 150 -3.05 2.95 -3.36
N ALA A 151 -2.37 1.80 -3.39
CA ALA A 151 -2.97 0.56 -3.87
C ALA A 151 -3.65 -0.18 -2.71
N ASP A 152 -4.96 -0.29 -2.78
CA ASP A 152 -5.73 -0.96 -1.73
C ASP A 152 -5.44 -2.46 -1.68
N VAL A 153 -5.36 -2.99 -0.47
CA VAL A 153 -5.11 -4.42 -0.26
C VAL A 153 -6.44 -5.20 -0.23
N ARG A 154 -7.53 -4.52 -0.58
CA ARG A 154 -8.85 -5.14 -0.59
C ARG A 154 -8.98 -6.15 -1.72
N ASP A 155 -7.98 -6.23 -2.60
CA ASP A 155 -8.01 -7.15 -3.72
C ASP A 155 -7.27 -8.45 -3.39
N LEU A 156 -6.92 -8.63 -2.12
CA LEU A 156 -6.20 -9.82 -1.69
C LEU A 156 -5.99 -9.79 -0.18
N LEU A 157 -7.08 -9.68 0.58
CA LEU A 157 -7.00 -9.63 2.02
C LEU A 157 -6.70 -11.00 2.63
N TRP A 158 -6.85 -12.05 1.83
CA TRP A 158 -6.60 -13.41 2.29
C TRP A 158 -5.19 -13.56 2.86
N LEU A 159 -5.02 -13.16 4.12
CA LEU A 159 -3.72 -13.25 4.79
C LEU A 159 -3.92 -13.47 6.29
N GLU A 160 -4.82 -12.71 6.88
CA GLU A 160 -5.11 -12.83 8.31
C GLU A 160 -6.53 -12.37 8.62
N ASP A 161 -6.82 -12.17 9.91
CA ASP A 161 -8.14 -11.74 10.33
C ASP A 161 -8.50 -10.39 9.71
N ASP A 162 -9.76 -10.24 9.31
CA ASP A 162 -10.24 -9.01 8.70
C ASP A 162 -10.86 -8.08 9.74
N ALA A 163 -10.84 -6.78 9.47
CA ALA A 163 -11.41 -5.80 10.38
C ALA A 163 -12.81 -5.40 9.96
N MET A 164 -13.76 -5.52 10.89
CA MET A 164 -15.14 -5.17 10.61
C MET A 164 -15.72 -4.30 11.73
N GLU A 165 -16.98 -3.92 11.59
CA GLU A 165 -17.65 -3.10 12.59
C GLU A 165 -19.05 -3.61 12.89
N GLN A 166 -19.67 -3.07 13.93
CA GLN A 166 -21.01 -3.48 14.33
C GLN A 166 -21.85 -2.27 14.72
ZN ZN B . -11.58 2.39 8.63
N GLY A 17 8.62 -3.84 12.93
CA GLY A 17 8.32 -3.84 11.47
C GLY A 17 9.57 -4.08 10.63
N PRO A 18 10.27 -3.00 10.23
CA PRO A 18 11.48 -3.11 9.41
C PRO A 18 12.51 -4.05 10.04
N TYR A 19 12.98 -3.69 11.23
CA TYR A 19 13.97 -4.50 11.94
C TYR A 19 15.32 -4.47 11.22
N GLY A 20 15.37 -5.06 10.02
CA GLY A 20 16.60 -5.08 9.26
C GLY A 20 16.35 -5.24 7.78
N HIS A 21 15.45 -6.14 7.41
CA HIS A 21 15.12 -6.39 6.02
C HIS A 21 13.73 -5.85 5.68
N GLN A 22 13.58 -5.34 4.46
CA GLN A 22 12.30 -4.79 4.02
C GLN A 22 11.88 -3.62 4.90
N SER A 23 11.89 -2.42 4.32
CA SER A 23 11.50 -1.21 5.05
C SER A 23 10.43 -0.44 4.29
N GLY A 24 9.59 -1.16 3.56
CA GLY A 24 8.53 -0.52 2.80
C GLY A 24 7.57 -1.52 2.20
N ALA A 25 6.91 -2.29 3.06
CA ALA A 25 5.95 -3.28 2.62
C ALA A 25 4.95 -3.62 3.74
N VAL A 26 3.91 -4.37 3.39
CA VAL A 26 2.89 -4.76 4.36
C VAL A 26 3.01 -6.24 4.70
N TYR A 27 3.31 -6.53 5.98
CA TYR A 27 3.45 -7.90 6.42
C TYR A 27 2.17 -8.38 7.10
N VAL A 28 1.51 -9.37 6.50
CA VAL A 28 0.28 -9.92 7.06
C VAL A 28 0.41 -11.41 7.34
N GLY A 29 0.47 -11.77 8.62
CA GLY A 29 0.58 -13.17 8.99
C GLY A 29 1.66 -13.91 8.22
N ASN A 30 1.28 -15.01 7.57
CA ASN A 30 2.22 -15.81 6.80
C ASN A 30 2.26 -15.37 5.33
N TYR A 31 1.77 -14.17 5.07
CA TYR A 31 1.75 -13.61 3.72
C TYR A 31 2.33 -12.21 3.73
N LYS A 32 3.04 -11.84 2.67
CA LYS A 32 3.63 -10.52 2.58
C LYS A 32 3.38 -9.89 1.22
N VAL A 33 2.67 -8.76 1.21
CA VAL A 33 2.37 -8.08 -0.04
C VAL A 33 3.25 -6.83 -0.19
N VAL A 34 4.01 -6.80 -1.28
CA VAL A 34 4.92 -5.68 -1.54
C VAL A 34 4.83 -5.24 -3.01
N ASN A 35 5.31 -4.04 -3.30
CA ASN A 35 5.28 -3.55 -4.67
C ASN A 35 6.07 -4.49 -5.58
N ARG A 36 5.58 -4.72 -6.79
CA ARG A 36 6.25 -5.62 -7.72
C ARG A 36 7.69 -5.20 -7.96
N HIS A 37 7.90 -3.92 -8.22
CA HIS A 37 9.25 -3.40 -8.47
C HIS A 37 10.08 -3.41 -7.19
N LEU A 38 9.44 -3.72 -6.06
CA LEU A 38 10.15 -3.73 -4.77
C LEU A 38 10.21 -5.12 -4.15
N ALA A 39 9.74 -6.15 -4.86
CA ALA A 39 9.77 -7.50 -4.32
C ALA A 39 11.07 -8.20 -4.65
N THR A 40 11.69 -8.82 -3.64
CA THR A 40 12.94 -9.52 -3.82
C THR A 40 12.70 -10.86 -4.53
N HIS A 41 13.76 -11.45 -5.07
CA HIS A 41 13.66 -12.72 -5.78
C HIS A 41 12.99 -13.77 -4.90
N VAL A 42 13.16 -13.63 -3.59
CA VAL A 42 12.56 -14.58 -2.65
C VAL A 42 11.05 -14.40 -2.60
N ASP A 43 10.58 -13.18 -2.81
CA ASP A 43 9.16 -12.90 -2.80
C ASP A 43 8.51 -13.56 -4.00
N TRP A 44 9.17 -13.44 -5.15
CA TRP A 44 8.69 -14.05 -6.37
C TRP A 44 8.90 -15.55 -6.34
N GLN A 45 9.94 -15.99 -5.64
CA GLN A 45 10.25 -17.41 -5.53
C GLN A 45 9.08 -18.17 -4.92
N ASN A 46 8.50 -17.59 -3.87
CA ASN A 46 7.37 -18.21 -3.19
C ASN A 46 6.13 -17.32 -3.27
N CYS A 47 6.04 -16.55 -4.35
CA CYS A 47 4.90 -15.65 -4.54
C CYS A 47 3.62 -16.43 -4.81
N VAL A 48 2.62 -16.21 -3.98
CA VAL A 48 1.35 -16.89 -4.12
C VAL A 48 0.45 -16.13 -5.10
N TRP A 49 0.48 -14.80 -5.01
CA TRP A 49 -0.33 -13.96 -5.90
C TRP A 49 0.45 -12.73 -6.36
N GLU A 50 0.08 -12.21 -7.53
CA GLU A 50 0.74 -11.03 -8.09
C GLU A 50 -0.12 -10.36 -9.14
N ASP A 51 -0.55 -9.13 -8.86
CA ASP A 51 -1.39 -8.38 -9.80
C ASP A 51 -0.60 -7.27 -10.48
N TYR A 52 -0.48 -7.35 -11.80
CA TYR A 52 0.25 -6.35 -12.59
C TYR A 52 -0.40 -4.97 -12.46
N ASN A 53 -1.71 -4.91 -12.65
CA ASN A 53 -2.44 -3.66 -12.57
C ASN A 53 -2.30 -3.03 -11.18
N ARG A 54 -1.90 -3.84 -10.20
CA ARG A 54 -1.73 -3.35 -8.83
C ARG A 54 -0.26 -3.29 -8.46
N ASP A 55 0.62 -3.82 -9.32
CA ASP A 55 2.05 -3.82 -9.05
C ASP A 55 2.32 -4.35 -7.65
N LEU A 56 1.62 -5.42 -7.29
CA LEU A 56 1.76 -6.02 -5.97
C LEU A 56 1.82 -7.55 -6.06
N LEU A 57 2.44 -8.17 -5.07
CA LEU A 57 2.55 -9.63 -5.05
C LEU A 57 2.66 -10.14 -3.60
N VAL A 58 1.94 -11.23 -3.32
CA VAL A 58 1.95 -11.81 -1.99
C VAL A 58 2.85 -13.03 -1.96
N SER A 59 3.73 -13.07 -0.96
CA SER A 59 4.64 -14.18 -0.78
C SER A 59 4.45 -14.76 0.62
N THR A 60 4.84 -16.01 0.81
CA THR A 60 4.68 -16.66 2.09
C THR A 60 5.96 -16.60 2.91
N THR A 61 5.81 -16.25 4.19
CA THR A 61 6.94 -16.13 5.10
C THR A 61 7.04 -17.34 6.02
N THR A 62 5.89 -17.95 6.31
CA THR A 62 5.85 -19.13 7.18
C THR A 62 6.24 -18.75 8.60
N ALA A 63 5.93 -17.51 8.99
CA ALA A 63 6.25 -17.03 10.34
C ALA A 63 5.14 -16.13 10.87
N HIS A 64 5.44 -15.43 11.96
CA HIS A 64 4.46 -14.52 12.56
C HIS A 64 4.32 -13.25 11.75
N GLY A 65 3.10 -12.71 11.70
CA GLY A 65 2.87 -11.49 10.95
C GLY A 65 3.45 -10.27 11.63
N CYS A 66 2.71 -9.16 11.59
CA CYS A 66 3.17 -7.92 12.21
C CYS A 66 2.07 -6.86 12.19
N ASP A 67 1.39 -6.73 11.05
CA ASP A 67 0.33 -5.75 10.91
C ASP A 67 -1.01 -6.43 10.64
N THR A 68 -2.10 -5.68 10.83
CA THR A 68 -3.43 -6.21 10.60
C THR A 68 -4.21 -5.32 9.62
N ILE A 69 -4.67 -5.91 8.53
CA ILE A 69 -5.41 -5.17 7.52
C ILE A 69 -6.84 -4.89 8.00
N ALA A 70 -7.32 -3.68 7.72
CA ALA A 70 -8.67 -3.30 8.11
C ALA A 70 -9.66 -3.55 6.98
N ARG A 71 -10.75 -4.24 7.30
CA ARG A 71 -11.78 -4.53 6.31
C ARG A 71 -12.86 -3.47 6.33
N CYS A 72 -12.46 -2.23 6.62
CA CYS A 72 -13.39 -1.12 6.68
C CYS A 72 -13.37 -0.31 5.38
N GLN A 73 -14.35 0.57 5.21
CA GLN A 73 -14.44 1.40 4.02
C GLN A 73 -14.44 2.88 4.38
N CYS A 74 -13.72 3.24 5.44
CA CYS A 74 -13.64 4.63 5.87
C CYS A 74 -13.04 5.50 4.77
N THR A 75 -13.74 6.58 4.44
CA THR A 75 -13.27 7.49 3.40
C THR A 75 -12.11 8.35 3.92
N THR A 76 -11.86 8.27 5.22
CA THR A 76 -10.77 9.05 5.82
C THR A 76 -9.72 8.12 6.43
N GLY A 77 -8.47 8.30 6.00
CA GLY A 77 -7.38 7.50 6.51
C GLY A 77 -6.12 8.32 6.68
N VAL A 78 -5.05 7.68 7.16
CA VAL A 78 -3.78 8.39 7.35
C VAL A 78 -2.67 7.77 6.51
N TYR A 79 -2.03 8.61 5.70
CA TYR A 79 -0.95 8.17 4.82
C TYR A 79 0.41 8.63 5.34
N PHE A 80 1.45 8.39 4.54
CA PHE A 80 2.81 8.77 4.91
C PHE A 80 3.32 7.96 6.10
N CYS A 81 3.09 8.46 7.32
CA CYS A 81 3.53 7.75 8.51
C CYS A 81 5.06 7.78 8.64
N ALA A 82 5.73 7.12 7.71
CA ALA A 82 7.19 7.07 7.71
C ALA A 82 7.81 8.19 6.89
N SER A 83 7.19 8.48 5.75
CA SER A 83 7.69 9.53 4.85
C SER A 83 8.04 10.81 5.63
N LYS A 84 7.01 11.47 6.17
CA LYS A 84 7.22 12.69 6.93
C LYS A 84 7.52 12.37 8.41
N SER A 85 7.72 11.10 8.72
CA SER A 85 8.01 10.69 10.08
C SER A 85 6.80 10.92 10.99
N LYS A 86 5.66 11.22 10.39
CA LYS A 86 4.44 11.47 11.15
C LYS A 86 3.23 10.89 10.44
N HIS A 87 2.09 10.85 11.13
CA HIS A 87 0.86 10.33 10.57
C HIS A 87 0.05 11.44 9.92
N TYR A 88 -0.15 11.36 8.61
CA TYR A 88 -0.91 12.38 7.89
C TYR A 88 -2.29 11.85 7.51
N PRO A 89 -3.36 12.40 8.11
CA PRO A 89 -4.73 11.99 7.82
C PRO A 89 -5.28 12.70 6.59
N VAL A 90 -5.67 11.94 5.58
CA VAL A 90 -6.20 12.50 4.34
C VAL A 90 -7.42 11.72 3.85
N SER A 91 -8.28 12.39 3.11
CA SER A 91 -9.47 11.77 2.55
C SER A 91 -9.18 11.29 1.13
N PHE A 92 -9.46 10.02 0.86
CA PHE A 92 -9.21 9.46 -0.47
C PHE A 92 -10.41 8.70 -1.00
N GLU A 93 -10.41 8.48 -2.31
CA GLU A 93 -11.46 7.74 -2.98
C GLU A 93 -10.90 6.42 -3.49
N GLY A 94 -11.79 5.45 -3.73
CA GLY A 94 -11.33 4.16 -4.19
C GLY A 94 -11.58 3.91 -5.68
N PRO A 95 -10.92 4.68 -6.57
CA PRO A 95 -11.09 4.51 -8.02
C PRO A 95 -10.51 3.19 -8.52
N GLY A 96 -11.27 2.52 -9.37
CA GLY A 96 -10.83 1.25 -9.92
C GLY A 96 -9.52 1.38 -10.68
N LEU A 97 -9.62 1.74 -11.96
CA LEU A 97 -8.44 1.89 -12.78
C LEU A 97 -8.00 3.35 -12.87
N VAL A 98 -6.78 3.62 -12.41
CA VAL A 98 -6.22 4.96 -12.46
C VAL A 98 -4.91 4.95 -13.22
N GLU A 99 -4.83 5.75 -14.28
CA GLU A 99 -3.62 5.80 -15.09
C GLU A 99 -2.51 6.53 -14.35
N VAL A 100 -1.52 5.76 -13.91
CA VAL A 100 -0.39 6.33 -13.18
C VAL A 100 0.55 7.05 -14.13
N GLN A 101 0.72 8.35 -13.90
CA GLN A 101 1.58 9.18 -14.74
C GLN A 101 3.05 8.82 -14.55
N GLU A 102 3.83 8.99 -15.60
CA GLU A 102 5.26 8.67 -15.54
C GLU A 102 5.98 9.65 -14.63
N SER A 103 6.30 9.21 -13.42
CA SER A 103 6.99 10.05 -12.45
C SER A 103 7.99 9.24 -11.61
N GLU A 104 8.97 9.93 -11.04
CA GLU A 104 9.97 9.29 -10.19
C GLU A 104 10.66 8.13 -10.93
N TYR A 105 10.06 6.95 -10.87
CA TYR A 105 10.62 5.77 -11.53
C TYR A 105 9.52 4.87 -12.08
N TYR A 106 8.32 5.42 -12.25
CA TYR A 106 7.19 4.66 -12.76
C TYR A 106 6.77 5.18 -14.14
N PRO A 107 6.47 4.27 -15.09
CA PRO A 107 6.06 4.64 -16.44
C PRO A 107 4.55 4.91 -16.54
N LYS A 108 4.18 5.81 -17.44
CA LYS A 108 2.76 6.15 -17.65
C LYS A 108 1.94 4.90 -17.98
N ARG A 109 1.55 4.17 -16.94
CA ARG A 109 0.78 2.94 -17.12
C ARG A 109 -0.54 2.98 -16.35
N TYR A 110 -1.36 1.96 -16.56
CA TYR A 110 -2.65 1.85 -15.89
C TYR A 110 -2.54 1.02 -14.60
N GLN A 111 -3.11 1.54 -13.52
CA GLN A 111 -3.08 0.84 -12.23
C GLN A 111 -4.49 0.66 -11.67
N SER A 112 -4.84 -0.59 -11.34
CA SER A 112 -6.16 -0.90 -10.82
C SER A 112 -6.17 -0.94 -9.29
N HIS A 113 -7.35 -0.69 -8.72
CA HIS A 113 -7.53 -0.72 -7.27
C HIS A 113 -6.59 0.26 -6.55
N VAL A 114 -6.68 1.54 -6.91
CA VAL A 114 -5.82 2.55 -6.28
C VAL A 114 -6.65 3.67 -5.66
N LEU A 115 -6.21 4.14 -4.49
CA LEU A 115 -6.91 5.21 -3.79
C LEU A 115 -6.14 6.51 -3.94
N LEU A 116 -6.85 7.62 -4.11
CA LEU A 116 -6.19 8.92 -4.28
C LEU A 116 -6.66 9.96 -3.28
N ALA A 117 -5.71 10.71 -2.73
CA ALA A 117 -6.00 11.76 -1.76
C ALA A 117 -5.06 12.95 -1.96
N THR A 118 -5.58 14.14 -1.77
CA THR A 118 -4.77 15.35 -1.92
C THR A 118 -4.28 15.86 -0.57
N GLY A 119 -2.99 16.19 -0.50
CA GLY A 119 -2.41 16.68 0.73
C GLY A 119 -1.93 18.12 0.61
N PHE A 120 -0.73 18.39 1.10
CA PHE A 120 -0.15 19.72 1.05
C PHE A 120 1.10 19.74 0.18
N SER A 121 1.93 18.71 0.31
CA SER A 121 3.15 18.60 -0.46
C SER A 121 3.47 17.14 -0.79
N GLU A 122 4.18 16.94 -1.90
CA GLU A 122 4.55 15.59 -2.32
C GLU A 122 5.88 15.17 -1.70
N PRO A 123 6.05 13.87 -1.42
CA PRO A 123 7.28 13.35 -0.82
C PRO A 123 8.44 13.33 -1.81
N GLY A 124 9.54 12.68 -1.42
CA GLY A 124 10.70 12.60 -2.28
C GLY A 124 10.95 11.20 -2.79
N ASP A 125 11.29 10.29 -1.90
CA ASP A 125 11.55 8.90 -2.26
C ASP A 125 10.32 8.04 -2.06
N ALA A 126 9.48 8.43 -1.09
CA ALA A 126 8.26 7.69 -0.78
C ALA A 126 8.58 6.27 -0.30
N GLY A 127 7.65 5.67 0.43
CA GLY A 127 7.86 4.33 0.93
C GLY A 127 7.05 4.06 2.20
N GLY A 128 5.76 4.38 2.16
CA GLY A 128 4.91 4.16 3.31
C GLY A 128 3.63 3.43 2.96
N ILE A 129 2.83 3.13 3.97
CA ILE A 129 1.57 2.43 3.77
C ILE A 129 0.40 3.20 4.39
N LEU A 130 -0.76 3.10 3.74
CA LEU A 130 -1.96 3.79 4.24
C LEU A 130 -2.69 2.91 5.25
N ARG A 131 -2.77 3.39 6.49
CA ARG A 131 -3.44 2.64 7.55
C ARG A 131 -4.65 3.39 8.09
N CYS A 132 -5.61 2.63 8.61
CA CYS A 132 -6.82 3.19 9.19
C CYS A 132 -6.92 2.84 10.67
N GLU A 133 -7.75 3.58 11.39
CA GLU A 133 -7.93 3.33 12.83
C GLU A 133 -8.34 1.88 13.08
N HIS A 134 -8.87 1.22 12.06
CA HIS A 134 -9.31 -0.16 12.18
C HIS A 134 -8.18 -1.13 11.83
N GLY A 135 -7.34 -0.75 10.87
CA GLY A 135 -6.23 -1.62 10.48
C GLY A 135 -5.43 -1.05 9.33
N VAL A 136 -5.04 -1.93 8.41
CA VAL A 136 -4.25 -1.53 7.24
C VAL A 136 -5.13 -1.43 5.99
N ILE A 137 -4.92 -0.35 5.23
CA ILE A 137 -5.69 -0.15 4.00
C ILE A 137 -4.92 -0.69 2.79
N GLY A 138 -3.79 -0.05 2.49
CA GLY A 138 -2.99 -0.48 1.36
C GLY A 138 -1.58 0.08 1.40
N LEU A 139 -0.90 0.06 0.26
CA LEU A 139 0.46 0.58 0.17
C LEU A 139 0.51 1.77 -0.78
N VAL A 140 1.60 2.52 -0.72
CA VAL A 140 1.77 3.69 -1.57
C VAL A 140 2.08 3.30 -3.01
N THR A 141 1.32 3.86 -3.95
CA THR A 141 1.53 3.57 -5.38
C THR A 141 2.10 4.81 -6.08
N MET A 142 1.24 5.64 -6.67
CA MET A 142 1.72 6.84 -7.36
C MET A 142 0.75 8.01 -7.21
N GLY A 143 1.30 9.21 -7.05
CA GLY A 143 0.48 10.39 -6.90
C GLY A 143 0.59 11.35 -8.07
N GLY A 144 -0.15 12.44 -8.02
CA GLY A 144 -0.11 13.42 -9.09
C GLY A 144 0.58 14.70 -8.68
N GLU A 145 0.04 15.84 -9.11
CA GLU A 145 0.62 17.13 -8.77
C GLU A 145 0.39 17.47 -7.30
N GLY A 146 -0.59 16.81 -6.68
CA GLY A 146 -0.88 17.07 -5.28
C GLY A 146 -1.77 15.99 -4.67
N VAL A 147 -1.82 14.82 -5.31
CA VAL A 147 -2.64 13.72 -4.82
C VAL A 147 -1.77 12.49 -4.57
N VAL A 148 -2.25 11.59 -3.72
CA VAL A 148 -1.50 10.38 -3.38
C VAL A 148 -2.23 9.12 -3.84
N GLY A 149 -1.61 8.36 -4.73
CA GLY A 149 -2.21 7.13 -5.21
C GLY A 149 -1.71 5.91 -4.46
N PHE A 150 -2.59 5.25 -3.74
CA PHE A 150 -2.20 4.07 -2.95
C PHE A 150 -2.89 2.81 -3.46
N ALA A 151 -2.16 1.71 -3.45
CA ALA A 151 -2.70 0.43 -3.87
C ALA A 151 -3.34 -0.30 -2.69
N ASP A 152 -4.67 -0.38 -2.71
CA ASP A 152 -5.41 -1.02 -1.62
C ASP A 152 -5.16 -2.52 -1.57
N VAL A 153 -5.28 -3.08 -0.37
CA VAL A 153 -5.09 -4.51 -0.17
C VAL A 153 -6.44 -5.24 -0.10
N ARG A 154 -7.51 -4.53 -0.43
CA ARG A 154 -8.84 -5.11 -0.40
C ARG A 154 -9.04 -6.09 -1.56
N ASP A 155 -8.07 -6.16 -2.46
CA ASP A 155 -8.15 -7.07 -3.60
C ASP A 155 -7.44 -8.39 -3.31
N LEU A 156 -7.07 -8.59 -2.04
CA LEU A 156 -6.37 -9.79 -1.63
C LEU A 156 -6.15 -9.78 -0.11
N LEU A 157 -7.25 -9.69 0.63
CA LEU A 157 -7.19 -9.65 2.09
C LEU A 157 -6.85 -11.02 2.67
N TRP A 158 -6.96 -12.07 1.86
CA TRP A 158 -6.67 -13.42 2.32
C TRP A 158 -5.25 -13.54 2.88
N LEU A 159 -5.08 -13.16 4.15
CA LEU A 159 -3.79 -13.23 4.81
C LEU A 159 -3.97 -13.45 6.31
N GLU A 160 -4.86 -12.66 6.92
CA GLU A 160 -5.14 -12.77 8.35
C GLU A 160 -6.56 -12.35 8.68
N ASP A 161 -6.83 -12.15 9.96
CA ASP A 161 -8.17 -11.75 10.41
C ASP A 161 -8.53 -10.35 9.91
N ASP A 162 -9.82 -10.13 9.69
CA ASP A 162 -10.31 -8.84 9.21
C ASP A 162 -10.78 -7.98 10.38
N ALA A 163 -10.76 -6.66 10.20
CA ALA A 163 -11.17 -5.74 11.25
C ALA A 163 -12.65 -5.92 11.58
N MET A 164 -13.00 -5.76 12.86
CA MET A 164 -14.38 -5.91 13.31
C MET A 164 -14.46 -5.81 14.83
N GLU A 165 -13.42 -6.28 15.51
CA GLU A 165 -13.37 -6.25 16.97
C GLU A 165 -14.41 -7.18 17.57
N GLN A 166 -14.04 -8.45 17.72
CA GLN A 166 -14.94 -9.45 18.27
C GLN A 166 -14.43 -9.95 19.62
ZN ZN B . -11.42 2.41 9.07
N GLY A 17 17.02 -10.58 9.34
CA GLY A 17 16.24 -9.77 10.31
C GLY A 17 15.36 -8.74 9.63
N PRO A 18 14.34 -8.22 10.33
CA PRO A 18 13.42 -7.23 9.77
C PRO A 18 14.09 -5.87 9.57
N TYR A 19 14.40 -5.54 8.33
CA TYR A 19 15.05 -4.27 8.00
C TYR A 19 14.03 -3.13 7.99
N GLY A 20 14.27 -2.12 8.83
CA GLY A 20 13.36 -0.99 8.90
C GLY A 20 14.10 0.33 9.00
N HIS A 21 13.98 1.14 7.95
CA HIS A 21 14.64 2.44 7.93
C HIS A 21 13.61 3.57 8.00
N GLN A 22 12.65 3.55 7.10
CA GLN A 22 11.60 4.57 7.07
C GLN A 22 10.24 3.95 6.77
N SER A 23 10.20 3.10 5.74
CA SER A 23 8.96 2.43 5.35
C SER A 23 9.25 1.13 4.62
N GLY A 24 8.24 0.28 4.51
CA GLY A 24 8.41 -0.99 3.83
C GLY A 24 7.08 -1.59 3.37
N ALA A 25 7.15 -2.75 2.73
CA ALA A 25 5.96 -3.43 2.25
C ALA A 25 5.02 -3.76 3.40
N VAL A 26 3.95 -4.50 3.09
CA VAL A 26 2.97 -4.88 4.09
C VAL A 26 3.05 -6.38 4.40
N TYR A 27 3.53 -6.73 5.59
CA TYR A 27 3.64 -8.13 5.98
C TYR A 27 2.46 -8.53 6.86
N VAL A 28 1.66 -9.48 6.37
CA VAL A 28 0.50 -9.96 7.11
C VAL A 28 0.59 -11.47 7.37
N GLY A 29 0.77 -11.83 8.63
CA GLY A 29 0.85 -13.24 9.00
C GLY A 29 1.89 -14.01 8.18
N ASN A 30 1.45 -15.09 7.54
CA ASN A 30 2.34 -15.92 6.73
C ASN A 30 2.35 -15.47 5.27
N TYR A 31 1.91 -14.25 5.02
CA TYR A 31 1.88 -13.69 3.68
C TYR A 31 2.52 -12.31 3.68
N LYS A 32 3.11 -11.94 2.55
CA LYS A 32 3.75 -10.63 2.44
C LYS A 32 3.47 -10.01 1.08
N VAL A 33 2.74 -8.90 1.06
CA VAL A 33 2.41 -8.24 -0.20
C VAL A 33 3.33 -7.04 -0.43
N VAL A 34 4.05 -7.08 -1.55
CA VAL A 34 4.98 -6.02 -1.91
C VAL A 34 4.85 -5.65 -3.39
N ASN A 35 5.32 -4.45 -3.74
CA ASN A 35 5.27 -4.00 -5.13
C ASN A 35 6.11 -4.93 -6.01
N ARG A 36 5.63 -5.20 -7.21
CA ARG A 36 6.33 -6.07 -8.14
C ARG A 36 7.74 -5.56 -8.39
N HIS A 37 7.87 -4.26 -8.63
CA HIS A 37 9.17 -3.65 -8.87
C HIS A 37 10.05 -3.70 -7.62
N LEU A 38 9.45 -4.05 -6.48
CA LEU A 38 10.19 -4.12 -5.23
C LEU A 38 10.37 -5.56 -4.76
N ALA A 39 9.64 -6.50 -5.37
CA ALA A 39 9.75 -7.90 -4.99
C ALA A 39 11.10 -8.46 -5.40
N THR A 40 11.56 -9.45 -4.64
CA THR A 40 12.85 -10.09 -4.93
C THR A 40 12.63 -11.46 -5.57
N HIS A 41 13.70 -12.05 -6.08
CA HIS A 41 13.61 -13.36 -6.71
C HIS A 41 12.98 -14.38 -5.76
N VAL A 42 13.19 -14.15 -4.46
CA VAL A 42 12.66 -15.04 -3.44
C VAL A 42 11.16 -14.84 -3.25
N ASP A 43 10.69 -13.60 -3.48
CA ASP A 43 9.28 -13.30 -3.33
C ASP A 43 8.49 -14.03 -4.41
N TRP A 44 9.02 -13.99 -5.62
CA TRP A 44 8.36 -14.65 -6.74
C TRP A 44 8.55 -16.16 -6.66
N GLN A 45 9.67 -16.58 -6.08
CA GLN A 45 9.97 -18.00 -5.94
C GLN A 45 8.87 -18.69 -5.13
N ASN A 46 8.44 -18.03 -4.06
CA ASN A 46 7.39 -18.56 -3.19
C ASN A 46 6.17 -17.66 -3.23
N CYS A 47 5.92 -17.04 -4.38
CA CYS A 47 4.79 -16.14 -4.56
C CYS A 47 3.50 -16.92 -4.74
N VAL A 48 2.46 -16.51 -4.00
CA VAL A 48 1.16 -17.16 -4.08
C VAL A 48 0.24 -16.39 -5.03
N TRP A 49 0.32 -15.06 -4.99
CA TRP A 49 -0.52 -14.23 -5.85
C TRP A 49 0.26 -13.03 -6.41
N GLU A 50 -0.18 -12.55 -7.57
CA GLU A 50 0.47 -11.40 -8.23
C GLU A 50 -0.51 -10.69 -9.15
N ASP A 51 -0.75 -9.40 -8.89
CA ASP A 51 -1.66 -8.61 -9.71
C ASP A 51 -0.90 -7.61 -10.58
N TYR A 52 -0.71 -7.98 -11.84
CA TYR A 52 -0.01 -7.14 -12.80
C TYR A 52 -0.67 -5.77 -12.95
N ASN A 53 -1.99 -5.72 -12.75
CA ASN A 53 -2.73 -4.49 -12.89
C ASN A 53 -2.22 -3.42 -11.94
N ARG A 54 -1.86 -3.82 -10.71
CA ARG A 54 -1.36 -2.87 -9.73
C ARG A 54 0.09 -3.19 -9.32
N ASP A 55 0.66 -4.23 -9.91
CA ASP A 55 2.03 -4.62 -9.62
C ASP A 55 2.23 -4.97 -8.14
N LEU A 56 1.42 -5.90 -7.64
CA LEU A 56 1.52 -6.32 -6.26
C LEU A 56 1.40 -7.84 -6.16
N LEU A 57 2.30 -8.45 -5.39
CA LEU A 57 2.29 -9.90 -5.22
C LEU A 57 2.38 -10.31 -3.76
N VAL A 58 1.91 -11.51 -3.46
CA VAL A 58 1.95 -12.02 -2.10
C VAL A 58 2.82 -13.27 -2.04
N SER A 59 3.74 -13.28 -1.09
CA SER A 59 4.63 -14.41 -0.89
C SER A 59 4.45 -14.97 0.52
N THR A 60 4.82 -16.23 0.72
CA THR A 60 4.67 -16.85 2.02
C THR A 60 5.96 -16.82 2.80
N THR A 61 5.90 -16.24 4.00
CA THR A 61 7.06 -16.12 4.86
C THR A 61 7.07 -17.22 5.92
N THR A 62 7.89 -17.05 6.95
CA THR A 62 7.99 -18.03 8.03
C THR A 62 8.08 -17.34 9.38
N ALA A 63 7.27 -16.30 9.57
CA ALA A 63 7.26 -15.55 10.83
C ALA A 63 5.84 -15.26 11.28
N HIS A 64 5.71 -14.54 12.39
CA HIS A 64 4.40 -14.19 12.93
C HIS A 64 3.94 -12.84 12.43
N GLY A 65 2.63 -12.68 12.28
CA GLY A 65 2.09 -11.42 11.80
C GLY A 65 2.28 -10.28 12.79
N CYS A 66 2.25 -9.05 12.27
CA CYS A 66 2.42 -7.87 13.12
C CYS A 66 1.39 -6.81 12.78
N ASP A 67 1.25 -6.52 11.49
CA ASP A 67 0.29 -5.51 11.03
C ASP A 67 -1.08 -6.15 10.79
N THR A 68 -2.12 -5.35 10.97
CA THR A 68 -3.49 -5.83 10.76
C THR A 68 -4.21 -4.97 9.73
N ILE A 69 -4.59 -5.59 8.62
CA ILE A 69 -5.29 -4.88 7.55
C ILE A 69 -6.74 -4.61 7.94
N ALA A 70 -7.21 -3.42 7.59
CA ALA A 70 -8.58 -3.03 7.90
C ALA A 70 -9.52 -3.44 6.77
N ARG A 71 -10.53 -4.24 7.12
CA ARG A 71 -11.51 -4.68 6.13
C ARG A 71 -12.66 -3.68 6.05
N CYS A 72 -12.34 -2.41 6.33
CA CYS A 72 -13.33 -1.34 6.31
C CYS A 72 -13.24 -0.55 5.01
N GLN A 73 -14.29 0.21 4.73
CA GLN A 73 -14.32 1.05 3.53
C GLN A 73 -13.83 2.45 3.90
N CYS A 74 -14.66 3.16 4.66
CA CYS A 74 -14.31 4.51 5.11
C CYS A 74 -13.95 5.42 3.94
N THR A 75 -14.06 6.72 4.17
CA THR A 75 -13.73 7.71 3.14
C THR A 75 -12.55 8.58 3.58
N THR A 76 -12.12 8.42 4.82
CA THR A 76 -11.00 9.20 5.35
C THR A 76 -10.00 8.31 6.06
N GLY A 77 -8.74 8.38 5.61
CA GLY A 77 -7.69 7.59 6.21
C GLY A 77 -6.42 8.40 6.40
N VAL A 78 -5.53 7.92 7.27
CA VAL A 78 -4.28 8.64 7.53
C VAL A 78 -3.11 7.98 6.80
N TYR A 79 -2.31 8.80 6.13
CA TYR A 79 -1.15 8.30 5.40
C TYR A 79 0.14 8.89 5.95
N PHE A 80 1.15 8.04 6.15
CA PHE A 80 2.43 8.47 6.67
C PHE A 80 3.16 9.35 5.66
N CYS A 81 3.68 10.47 6.13
CA CYS A 81 4.41 11.41 5.27
C CYS A 81 5.90 11.09 5.27
N ALA A 82 6.58 11.48 4.20
CA ALA A 82 8.01 11.25 4.08
C ALA A 82 8.81 12.44 4.61
N SER A 83 8.29 13.64 4.39
CA SER A 83 8.95 14.85 4.84
C SER A 83 8.47 15.24 6.24
N LYS A 84 7.16 15.25 6.43
CA LYS A 84 6.58 15.60 7.73
C LYS A 84 6.99 14.60 8.80
N SER A 85 7.28 13.37 8.39
CA SER A 85 7.68 12.31 9.32
C SER A 85 6.61 12.11 10.39
N LYS A 86 5.38 12.48 10.06
CA LYS A 86 4.26 12.35 10.99
C LYS A 86 3.05 11.74 10.29
N HIS A 87 2.04 11.37 11.08
CA HIS A 87 0.83 10.78 10.53
C HIS A 87 -0.12 11.88 10.05
N TYR A 88 -0.55 11.78 8.80
CA TYR A 88 -1.43 12.78 8.22
C TYR A 88 -2.80 12.19 7.85
N PRO A 89 -3.88 12.63 8.53
CA PRO A 89 -5.22 12.16 8.24
C PRO A 89 -5.76 12.85 6.99
N VAL A 90 -6.11 12.06 5.98
CA VAL A 90 -6.59 12.62 4.73
C VAL A 90 -7.79 11.85 4.18
N SER A 91 -8.65 12.57 3.45
CA SER A 91 -9.82 11.96 2.83
C SER A 91 -9.52 11.66 1.37
N PHE A 92 -9.88 10.47 0.93
CA PHE A 92 -9.62 10.07 -0.46
C PHE A 92 -10.71 9.18 -1.01
N GLU A 93 -10.61 8.89 -2.31
CA GLU A 93 -11.56 8.03 -3.00
C GLU A 93 -10.89 6.72 -3.39
N GLY A 94 -11.68 5.69 -3.62
CA GLY A 94 -11.11 4.39 -3.99
C GLY A 94 -11.44 3.97 -5.42
N PRO A 95 -10.91 4.69 -6.44
CA PRO A 95 -11.16 4.35 -7.83
C PRO A 95 -10.51 3.04 -8.24
N GLY A 96 -11.23 2.26 -9.04
CA GLY A 96 -10.71 0.98 -9.49
C GLY A 96 -9.40 1.12 -10.22
N LEU A 97 -9.47 1.28 -11.54
CA LEU A 97 -8.27 1.43 -12.35
C LEU A 97 -7.91 2.89 -12.58
N VAL A 98 -6.72 3.28 -12.14
CA VAL A 98 -6.25 4.65 -12.33
C VAL A 98 -4.90 4.64 -13.04
N GLU A 99 -4.85 5.32 -14.19
CA GLU A 99 -3.60 5.38 -14.96
C GLU A 99 -2.59 6.28 -14.27
N VAL A 100 -1.56 5.66 -13.70
CA VAL A 100 -0.52 6.41 -13.01
C VAL A 100 0.37 7.16 -14.01
N GLN A 101 0.46 8.47 -13.82
CA GLN A 101 1.27 9.31 -14.69
C GLN A 101 2.75 9.04 -14.49
N GLU A 102 3.54 9.23 -15.53
CA GLU A 102 4.97 8.98 -15.44
C GLU A 102 5.63 9.99 -14.52
N SER A 103 5.92 9.55 -13.30
CA SER A 103 6.56 10.41 -12.30
C SER A 103 7.53 9.62 -11.44
N GLU A 104 8.39 10.35 -10.73
CA GLU A 104 9.37 9.73 -9.84
C GLU A 104 10.25 8.72 -10.58
N TYR A 105 9.72 7.51 -10.77
CA TYR A 105 10.46 6.45 -11.47
C TYR A 105 9.51 5.41 -12.04
N TYR A 106 8.26 5.82 -12.28
CA TYR A 106 7.25 4.92 -12.82
C TYR A 106 6.68 5.46 -14.13
N PRO A 107 6.61 4.63 -15.18
CA PRO A 107 6.07 5.03 -16.48
C PRO A 107 4.55 4.98 -16.53
N LYS A 108 3.96 5.87 -17.34
CA LYS A 108 2.50 5.93 -17.48
C LYS A 108 1.88 4.54 -17.59
N ARG A 109 1.54 3.96 -16.45
CA ARG A 109 0.96 2.62 -16.41
C ARG A 109 -0.40 2.60 -15.69
N TYR A 110 -1.08 1.47 -15.78
CA TYR A 110 -2.38 1.28 -15.14
C TYR A 110 -2.24 0.53 -13.82
N GLN A 111 -2.89 1.04 -12.78
CA GLN A 111 -2.85 0.42 -11.46
C GLN A 111 -4.26 0.16 -10.93
N SER A 112 -4.62 -1.12 -10.76
CA SER A 112 -5.96 -1.45 -10.27
C SER A 112 -6.06 -1.31 -8.75
N HIS A 113 -7.23 -0.86 -8.29
CA HIS A 113 -7.49 -0.68 -6.86
C HIS A 113 -6.55 0.34 -6.23
N VAL A 114 -6.61 1.59 -6.72
CA VAL A 114 -5.76 2.65 -6.18
C VAL A 114 -6.60 3.84 -5.71
N LEU A 115 -6.33 4.29 -4.49
CA LEU A 115 -7.05 5.44 -3.91
C LEU A 115 -6.19 6.69 -4.01
N LEU A 116 -6.82 7.84 -4.14
CA LEU A 116 -6.09 9.09 -4.25
C LEU A 116 -6.59 10.14 -3.25
N ALA A 117 -5.65 10.82 -2.61
CA ALA A 117 -5.95 11.85 -1.62
C ALA A 117 -5.27 13.17 -1.96
N THR A 118 -6.06 14.23 -2.07
CA THR A 118 -5.50 15.54 -2.37
C THR A 118 -5.30 16.36 -1.10
N GLY A 119 -4.04 16.60 -0.75
CA GLY A 119 -3.72 17.35 0.45
C GLY A 119 -4.52 18.64 0.56
N PHE A 120 -4.78 19.07 1.79
CA PHE A 120 -5.54 20.29 2.02
C PHE A 120 -4.71 21.52 1.65
N SER A 121 -3.69 21.81 2.44
CA SER A 121 -2.82 22.95 2.20
C SER A 121 -1.37 22.62 2.51
N GLU A 122 -0.46 23.16 1.72
CA GLU A 122 0.97 22.92 1.90
C GLU A 122 1.29 21.43 1.79
N PRO A 123 1.38 20.91 0.55
CA PRO A 123 1.68 19.50 0.31
C PRO A 123 3.12 19.14 0.66
N GLY A 124 3.39 17.85 0.80
CA GLY A 124 4.73 17.39 1.13
C GLY A 124 5.03 16.01 0.58
N ASP A 125 6.21 15.50 0.88
CA ASP A 125 6.62 14.18 0.42
C ASP A 125 5.78 13.09 1.09
N ALA A 126 5.81 11.89 0.52
CA ALA A 126 5.05 10.76 1.06
C ALA A 126 5.66 9.44 0.61
N GLY A 127 5.77 8.50 1.56
CA GLY A 127 6.33 7.20 1.24
C GLY A 127 6.08 6.19 2.34
N GLY A 128 5.25 5.20 2.05
CA GLY A 128 4.94 4.17 3.04
C GLY A 128 3.65 3.44 2.73
N ILE A 129 2.87 3.16 3.77
CA ILE A 129 1.60 2.46 3.62
C ILE A 129 0.45 3.28 4.18
N LEU A 130 -0.71 3.18 3.54
CA LEU A 130 -1.90 3.91 3.98
C LEU A 130 -2.67 3.09 5.01
N ARG A 131 -2.84 3.65 6.20
CA ARG A 131 -3.55 2.95 7.27
C ARG A 131 -4.81 3.69 7.70
N CYS A 132 -5.80 2.93 8.15
CA CYS A 132 -7.07 3.49 8.62
C CYS A 132 -7.20 3.29 10.12
N GLU A 133 -8.11 4.02 10.75
CA GLU A 133 -8.34 3.90 12.18
C GLU A 133 -8.72 2.47 12.55
N HIS A 134 -9.13 1.68 11.56
CA HIS A 134 -9.54 0.30 11.79
C HIS A 134 -8.40 -0.67 11.53
N GLY A 135 -7.51 -0.32 10.59
CA GLY A 135 -6.38 -1.18 10.28
C GLY A 135 -5.53 -0.66 9.14
N VAL A 136 -5.03 -1.57 8.31
CA VAL A 136 -4.19 -1.22 7.18
C VAL A 136 -5.00 -1.18 5.89
N ILE A 137 -4.78 -0.14 5.08
CA ILE A 137 -5.49 0.00 3.82
C ILE A 137 -4.68 -0.64 2.68
N GLY A 138 -3.53 -0.05 2.38
CA GLY A 138 -2.69 -0.56 1.31
C GLY A 138 -1.30 0.03 1.32
N LEU A 139 -0.64 0.02 0.16
CA LEU A 139 0.71 0.54 0.03
C LEU A 139 0.74 1.73 -0.93
N VAL A 140 1.83 2.50 -0.89
CA VAL A 140 1.98 3.67 -1.75
C VAL A 140 2.09 3.27 -3.21
N THR A 141 1.28 3.91 -4.06
CA THR A 141 1.28 3.64 -5.49
C THR A 141 1.87 4.83 -6.25
N MET A 142 1.02 5.80 -6.60
CA MET A 142 1.48 6.98 -7.32
C MET A 142 1.55 8.19 -6.41
N GLY A 143 2.55 9.05 -6.63
CA GLY A 143 2.71 10.24 -5.82
C GLY A 143 2.60 11.51 -6.65
N GLY A 144 1.41 12.10 -6.67
CA GLY A 144 1.20 13.32 -7.43
C GLY A 144 1.76 14.54 -6.74
N GLU A 145 1.71 15.68 -7.43
CA GLU A 145 2.21 16.92 -6.86
C GLU A 145 1.29 17.44 -5.75
N GLY A 146 0.06 16.96 -5.76
CA GLY A 146 -0.90 17.39 -4.75
C GLY A 146 -1.85 16.28 -4.33
N VAL A 147 -1.64 15.07 -4.85
CA VAL A 147 -2.50 13.93 -4.50
C VAL A 147 -1.67 12.74 -4.04
N VAL A 148 -2.30 11.85 -3.28
CA VAL A 148 -1.62 10.65 -2.78
C VAL A 148 -2.23 9.39 -3.38
N GLY A 149 -1.43 8.64 -4.12
CA GLY A 149 -1.92 7.40 -4.71
C GLY A 149 -1.57 6.19 -3.86
N PHE A 150 -2.59 5.49 -3.39
CA PHE A 150 -2.39 4.31 -2.55
C PHE A 150 -3.07 3.08 -3.11
N ALA A 151 -2.35 1.97 -3.15
CA ALA A 151 -2.91 0.71 -3.65
C ALA A 151 -3.46 -0.10 -2.48
N ASP A 152 -4.77 -0.19 -2.39
CA ASP A 152 -5.42 -0.90 -1.29
C ASP A 152 -5.20 -2.41 -1.37
N VAL A 153 -5.22 -3.06 -0.20
CA VAL A 153 -5.03 -4.50 -0.11
C VAL A 153 -6.38 -5.22 -0.11
N ARG A 154 -7.43 -4.49 -0.48
CA ARG A 154 -8.77 -5.05 -0.53
C ARG A 154 -8.93 -6.05 -1.67
N ASP A 155 -7.91 -6.16 -2.53
CA ASP A 155 -7.97 -7.09 -3.65
C ASP A 155 -7.27 -8.40 -3.32
N LEU A 156 -6.95 -8.60 -2.05
CA LEU A 156 -6.27 -9.82 -1.60
C LEU A 156 -6.02 -9.76 -0.10
N LEU A 157 -7.09 -9.63 0.67
CA LEU A 157 -6.99 -9.55 2.12
C LEU A 157 -6.70 -10.93 2.74
N TRP A 158 -6.88 -11.99 1.96
CA TRP A 158 -6.64 -13.34 2.45
C TRP A 158 -5.22 -13.49 3.00
N LEU A 159 -5.03 -13.06 4.25
CA LEU A 159 -3.73 -13.14 4.91
C LEU A 159 -3.91 -13.38 6.41
N GLU A 160 -4.82 -12.61 7.01
CA GLU A 160 -5.09 -12.73 8.44
C GLU A 160 -6.52 -12.30 8.76
N ASP A 161 -6.85 -12.23 10.03
CA ASP A 161 -8.19 -11.84 10.46
C ASP A 161 -8.54 -10.44 9.96
N ASP A 162 -9.71 -10.31 9.36
CA ASP A 162 -10.17 -9.03 8.82
C ASP A 162 -10.80 -8.19 9.92
N ALA A 163 -10.78 -6.87 9.73
CA ALA A 163 -11.36 -5.95 10.72
C ALA A 163 -12.88 -5.92 10.59
N MET A 164 -13.56 -6.07 11.73
CA MET A 164 -15.02 -6.05 11.75
C MET A 164 -15.53 -4.71 12.27
N GLU A 165 -16.81 -4.45 12.03
CA GLU A 165 -17.44 -3.20 12.47
C GLU A 165 -18.94 -3.23 12.23
N GLN A 166 -19.33 -3.33 10.97
CA GLN A 166 -20.73 -3.37 10.60
C GLN A 166 -21.46 -2.10 11.05
ZN ZN B . -11.64 2.53 8.43
N GLY A 17 20.79 -0.21 15.60
CA GLY A 17 20.01 0.29 14.44
C GLY A 17 18.75 -0.51 14.19
N PRO A 18 18.11 -0.34 13.01
CA PRO A 18 16.89 -1.07 12.66
C PRO A 18 17.15 -2.55 12.42
N TYR A 19 16.19 -3.39 12.80
CA TYR A 19 16.32 -4.83 12.63
C TYR A 19 14.97 -5.52 12.79
N GLY A 20 14.76 -6.59 12.03
CA GLY A 20 13.50 -7.31 12.11
C GLY A 20 12.44 -6.76 11.17
N HIS A 21 12.01 -5.53 11.45
CA HIS A 21 10.99 -4.88 10.63
C HIS A 21 11.63 -4.09 9.49
N GLN A 22 11.05 -4.19 8.31
CA GLN A 22 11.56 -3.47 7.14
C GLN A 22 10.52 -2.51 6.59
N SER A 23 10.86 -1.22 6.57
CA SER A 23 9.96 -0.20 6.08
C SER A 23 9.97 -0.15 4.55
N GLY A 24 8.81 -0.30 3.95
CA GLY A 24 8.71 -0.27 2.50
C GLY A 24 7.53 -1.08 1.98
N ALA A 25 7.25 -2.20 2.65
CA ALA A 25 6.15 -3.06 2.24
C ALA A 25 5.28 -3.44 3.44
N VAL A 26 4.16 -4.11 3.17
CA VAL A 26 3.25 -4.52 4.22
C VAL A 26 3.00 -6.02 4.17
N TYR A 27 3.49 -6.75 5.16
CA TYR A 27 3.32 -8.20 5.20
C TYR A 27 2.44 -8.62 6.37
N VAL A 28 1.51 -9.53 6.11
CA VAL A 28 0.58 -10.00 7.13
C VAL A 28 0.74 -11.51 7.36
N GLY A 29 0.77 -11.89 8.64
CA GLY A 29 0.90 -13.30 9.00
C GLY A 29 1.97 -14.02 8.21
N ASN A 30 1.58 -15.11 7.54
CA ASN A 30 2.51 -15.89 6.75
C ASN A 30 2.54 -15.41 5.29
N TYR A 31 2.04 -14.20 5.07
CA TYR A 31 2.01 -13.62 3.72
C TYR A 31 2.66 -12.23 3.74
N LYS A 32 3.30 -11.87 2.63
CA LYS A 32 3.95 -10.56 2.53
C LYS A 32 3.60 -9.90 1.19
N VAL A 33 2.88 -8.78 1.25
CA VAL A 33 2.51 -8.08 0.02
C VAL A 33 3.39 -6.86 -0.18
N VAL A 34 4.08 -6.84 -1.32
CA VAL A 34 4.97 -5.73 -1.66
C VAL A 34 4.81 -5.33 -3.12
N ASN A 35 5.27 -4.13 -3.45
CA ASN A 35 5.21 -3.64 -4.83
C ASN A 35 5.99 -4.57 -5.75
N ARG A 36 5.48 -4.81 -6.95
CA ARG A 36 6.14 -5.71 -7.90
C ARG A 36 7.58 -5.25 -8.17
N HIS A 37 7.76 -3.97 -8.44
CA HIS A 37 9.09 -3.44 -8.71
C HIS A 37 9.96 -3.45 -7.44
N LEU A 38 9.35 -3.76 -6.30
CA LEU A 38 10.09 -3.79 -5.04
C LEU A 38 10.16 -5.19 -4.43
N ALA A 39 9.67 -6.22 -5.15
CA ALA A 39 9.71 -7.57 -4.60
C ALA A 39 11.00 -8.28 -4.96
N THR A 40 11.65 -8.86 -3.95
CA THR A 40 12.91 -9.57 -4.15
C THR A 40 12.66 -10.92 -4.80
N HIS A 41 13.72 -11.54 -5.32
CA HIS A 41 13.60 -12.84 -5.97
C HIS A 41 12.93 -13.85 -5.07
N VAL A 42 13.10 -13.68 -3.77
CA VAL A 42 12.49 -14.59 -2.81
C VAL A 42 10.97 -14.43 -2.78
N ASP A 43 10.51 -13.20 -3.00
CA ASP A 43 9.09 -12.91 -3.02
C ASP A 43 8.43 -13.56 -4.22
N TRP A 44 9.11 -13.43 -5.37
CA TRP A 44 8.58 -13.99 -6.60
C TRP A 44 8.71 -15.51 -6.64
N GLN A 45 9.87 -16.02 -6.26
CA GLN A 45 10.09 -17.47 -6.25
C GLN A 45 9.02 -18.18 -5.42
N ASN A 46 8.62 -17.55 -4.33
CA ASN A 46 7.61 -18.12 -3.45
C ASN A 46 6.35 -17.24 -3.43
N CYS A 47 6.06 -16.63 -4.57
CA CYS A 47 4.89 -15.77 -4.68
C CYS A 47 3.61 -16.57 -4.87
N VAL A 48 2.62 -16.30 -4.02
CA VAL A 48 1.35 -16.99 -4.11
C VAL A 48 0.41 -16.25 -5.05
N TRP A 49 0.44 -14.92 -5.01
CA TRP A 49 -0.40 -14.10 -5.88
C TRP A 49 0.36 -12.89 -6.41
N GLU A 50 -0.04 -12.39 -7.58
CA GLU A 50 0.61 -11.23 -8.19
C GLU A 50 -0.24 -10.66 -9.33
N ASP A 51 -0.86 -9.51 -9.08
CA ASP A 51 -1.70 -8.86 -10.08
C ASP A 51 -1.01 -7.62 -10.66
N TYR A 52 -0.88 -7.59 -11.98
CA TYR A 52 -0.25 -6.47 -12.67
C TYR A 52 -1.06 -5.19 -12.54
N ASN A 53 -2.39 -5.32 -12.52
CA ASN A 53 -3.26 -4.17 -12.40
C ASN A 53 -2.98 -3.42 -11.10
N ARG A 54 -2.43 -4.13 -10.12
CA ARG A 54 -2.12 -3.53 -8.84
C ARG A 54 -0.61 -3.49 -8.61
N ASP A 55 0.15 -4.09 -9.55
CA ASP A 55 1.61 -4.12 -9.44
C ASP A 55 2.01 -4.59 -8.04
N LEU A 56 1.24 -5.54 -7.51
CA LEU A 56 1.50 -6.06 -6.17
C LEU A 56 1.49 -7.59 -6.18
N LEU A 57 2.19 -8.18 -5.21
CA LEU A 57 2.27 -9.64 -5.10
C LEU A 57 2.37 -10.08 -3.65
N VAL A 58 1.95 -11.31 -3.39
CA VAL A 58 2.01 -11.86 -2.04
C VAL A 58 2.89 -13.10 -2.01
N SER A 59 3.82 -13.12 -1.07
CA SER A 59 4.73 -14.23 -0.88
C SER A 59 4.57 -14.78 0.52
N THR A 60 4.94 -16.03 0.72
CA THR A 60 4.81 -16.65 2.04
C THR A 60 6.12 -16.60 2.81
N THR A 61 6.08 -15.94 3.97
CA THR A 61 7.25 -15.79 4.81
C THR A 61 7.10 -16.58 6.11
N THR A 62 5.87 -16.66 6.60
CA THR A 62 5.58 -17.38 7.84
C THR A 62 6.27 -16.73 9.03
N ALA A 63 6.20 -15.41 9.10
CA ALA A 63 6.82 -14.66 10.19
C ALA A 63 5.86 -13.64 10.78
N HIS A 64 6.15 -13.20 12.01
CA HIS A 64 5.30 -12.22 12.68
C HIS A 64 5.19 -10.94 11.87
N GLY A 65 3.96 -10.47 11.67
CA GLY A 65 3.74 -9.26 10.90
C GLY A 65 3.41 -8.07 11.78
N CYS A 66 2.72 -8.32 12.88
CA CYS A 66 2.33 -7.27 13.81
C CYS A 66 1.45 -6.22 13.10
N ASP A 67 0.85 -6.62 11.99
CA ASP A 67 -0.01 -5.72 11.23
C ASP A 67 -1.36 -6.39 10.92
N THR A 68 -2.43 -5.64 11.07
CA THR A 68 -3.77 -6.15 10.81
C THR A 68 -4.46 -5.31 9.75
N ILE A 69 -4.85 -5.94 8.65
CA ILE A 69 -5.52 -5.23 7.57
C ILE A 69 -6.94 -4.88 7.96
N ALA A 70 -7.37 -3.68 7.60
CA ALA A 70 -8.71 -3.22 7.91
C ALA A 70 -9.68 -3.56 6.78
N ARG A 71 -10.72 -4.32 7.12
CA ARG A 71 -11.74 -4.70 6.14
C ARG A 71 -12.90 -3.72 6.18
N CYS A 72 -12.59 -2.45 6.35
CA CYS A 72 -13.61 -1.41 6.42
C CYS A 72 -13.73 -0.68 5.09
N GLN A 73 -14.79 0.10 4.94
CA GLN A 73 -15.03 0.85 3.71
C GLN A 73 -14.95 2.36 3.97
N CYS A 74 -14.14 2.76 4.94
CA CYS A 74 -13.98 4.17 5.28
C CYS A 74 -13.47 4.95 4.07
N THR A 75 -13.61 6.27 4.14
CA THR A 75 -13.16 7.15 3.06
C THR A 75 -12.05 8.08 3.55
N THR A 76 -11.64 7.92 4.81
CA THR A 76 -10.60 8.75 5.38
C THR A 76 -9.60 7.92 6.19
N GLY A 77 -8.33 8.05 5.86
CA GLY A 77 -7.29 7.31 6.55
C GLY A 77 -6.11 8.18 6.92
N VAL A 78 -4.98 7.56 7.22
CA VAL A 78 -3.78 8.31 7.57
C VAL A 78 -2.52 7.68 6.95
N TYR A 79 -1.65 8.53 6.44
CA TYR A 79 -0.41 8.07 5.82
C TYR A 79 0.73 9.04 6.13
N PHE A 80 1.85 8.51 6.60
CA PHE A 80 3.00 9.34 6.93
C PHE A 80 3.49 10.11 5.70
N CYS A 81 3.76 11.40 5.89
CA CYS A 81 4.23 12.25 4.80
C CYS A 81 5.65 11.88 4.40
N ALA A 82 6.04 12.26 3.19
CA ALA A 82 7.38 11.99 2.69
C ALA A 82 8.41 12.88 3.35
N SER A 83 8.10 14.17 3.44
CA SER A 83 9.00 15.13 4.06
C SER A 83 8.81 15.17 5.58
N LYS A 84 7.55 15.16 5.99
CA LYS A 84 7.22 15.18 7.42
C LYS A 84 7.34 13.79 8.03
N SER A 85 8.07 13.68 9.13
CA SER A 85 8.25 12.39 9.80
C SER A 85 7.11 12.13 10.78
N LYS A 86 5.88 12.29 10.31
CA LYS A 86 4.70 12.08 11.14
C LYS A 86 3.55 11.52 10.30
N HIS A 87 2.49 11.09 10.99
CA HIS A 87 1.33 10.53 10.30
C HIS A 87 0.41 11.66 9.83
N TYR A 88 -0.14 11.50 8.63
CA TYR A 88 -1.01 12.52 8.07
C TYR A 88 -2.38 11.95 7.69
N PRO A 89 -3.46 12.38 8.37
CA PRO A 89 -4.80 11.90 8.07
C PRO A 89 -5.28 12.50 6.74
N VAL A 90 -5.61 11.64 5.79
CA VAL A 90 -6.05 12.10 4.48
C VAL A 90 -7.31 11.36 4.00
N SER A 91 -8.19 12.11 3.35
CA SER A 91 -9.42 11.55 2.81
C SER A 91 -9.20 11.15 1.36
N PHE A 92 -9.39 9.88 1.05
CA PHE A 92 -9.19 9.39 -0.30
C PHE A 92 -10.41 8.67 -0.85
N GLU A 93 -10.42 8.48 -2.17
CA GLU A 93 -11.49 7.80 -2.86
C GLU A 93 -10.99 6.47 -3.40
N GLY A 94 -11.90 5.54 -3.66
CA GLY A 94 -11.49 4.24 -4.16
C GLY A 94 -11.73 4.04 -5.65
N PRO A 95 -11.05 4.80 -6.52
CA PRO A 95 -11.21 4.67 -7.97
C PRO A 95 -10.67 3.35 -8.49
N GLY A 96 -11.42 2.71 -9.38
CA GLY A 96 -11.01 1.45 -9.95
C GLY A 96 -9.71 1.57 -10.72
N LEU A 97 -9.82 1.90 -12.00
CA LEU A 97 -8.65 2.05 -12.85
C LEU A 97 -8.12 3.48 -12.84
N VAL A 98 -6.87 3.64 -12.41
CA VAL A 98 -6.25 4.96 -12.37
C VAL A 98 -4.89 4.91 -13.05
N GLU A 99 -4.72 5.74 -14.08
CA GLU A 99 -3.47 5.79 -14.82
C GLU A 99 -2.39 6.50 -14.01
N VAL A 100 -1.42 5.73 -13.52
CA VAL A 100 -0.33 6.29 -12.73
C VAL A 100 0.61 7.07 -13.64
N GLN A 101 0.83 8.33 -13.30
CA GLN A 101 1.70 9.20 -14.08
C GLN A 101 3.16 8.78 -13.96
N GLU A 102 3.93 9.03 -15.01
CA GLU A 102 5.34 8.67 -15.03
C GLU A 102 6.13 9.51 -14.04
N SER A 103 6.47 8.93 -12.90
CA SER A 103 7.21 9.63 -11.86
C SER A 103 8.20 8.71 -11.16
N GLU A 104 9.26 9.30 -10.60
CA GLU A 104 10.28 8.54 -9.88
C GLU A 104 10.94 7.50 -10.79
N TYR A 105 10.27 6.37 -10.99
CA TYR A 105 10.80 5.30 -11.84
C TYR A 105 9.68 4.42 -12.39
N TYR A 106 8.47 4.99 -12.46
CA TYR A 106 7.32 4.26 -12.97
C TYR A 106 6.75 4.96 -14.21
N PRO A 107 6.52 4.21 -15.30
CA PRO A 107 5.99 4.76 -16.54
C PRO A 107 4.47 4.87 -16.54
N LYS A 108 3.94 5.88 -17.23
CA LYS A 108 2.49 6.09 -17.31
C LYS A 108 1.76 4.79 -17.62
N ARG A 109 1.32 4.09 -16.57
CA ARG A 109 0.62 2.82 -16.75
C ARG A 109 -0.75 2.83 -16.07
N TYR A 110 -1.57 1.83 -16.41
CA TYR A 110 -2.90 1.69 -15.83
C TYR A 110 -2.91 0.70 -14.68
N GLN A 111 -3.48 1.10 -13.55
CA GLN A 111 -3.56 0.25 -12.37
C GLN A 111 -4.98 0.24 -11.81
N SER A 112 -5.45 -0.94 -11.42
CA SER A 112 -6.81 -1.07 -10.87
C SER A 112 -6.80 -1.22 -9.35
N HIS A 113 -7.78 -0.60 -8.70
CA HIS A 113 -7.94 -0.66 -7.25
C HIS A 113 -6.94 0.25 -6.52
N VAL A 114 -6.94 1.53 -6.86
CA VAL A 114 -6.04 2.48 -6.20
C VAL A 114 -6.83 3.64 -5.58
N LEU A 115 -6.37 4.11 -4.43
CA LEU A 115 -7.01 5.21 -3.74
C LEU A 115 -6.24 6.50 -3.97
N LEU A 116 -6.95 7.61 -4.15
CA LEU A 116 -6.29 8.89 -4.38
C LEU A 116 -6.84 9.99 -3.48
N ALA A 117 -5.94 10.84 -3.00
CA ALA A 117 -6.30 11.95 -2.13
C ALA A 117 -5.30 13.09 -2.28
N THR A 118 -5.70 14.30 -1.89
CA THR A 118 -4.81 15.44 -1.99
C THR A 118 -4.42 15.96 -0.60
N GLY A 119 -3.12 16.08 -0.37
CA GLY A 119 -2.62 16.55 0.91
C GLY A 119 -1.71 17.76 0.78
N PHE A 120 -0.48 17.61 1.26
CA PHE A 120 0.49 18.70 1.19
C PHE A 120 1.92 18.14 1.22
N SER A 121 2.37 17.63 0.08
CA SER A 121 3.70 17.05 -0.03
C SER A 121 4.39 17.53 -1.31
N GLU A 122 5.45 16.83 -1.71
CA GLU A 122 6.19 17.18 -2.91
C GLU A 122 7.05 16.01 -3.38
N PRO A 123 8.06 15.60 -2.59
CA PRO A 123 8.94 14.48 -2.95
C PRO A 123 8.18 13.17 -3.07
N GLY A 124 7.30 12.90 -2.12
CA GLY A 124 6.52 11.68 -2.14
C GLY A 124 7.37 10.45 -1.87
N ASP A 125 8.29 10.14 -2.78
CA ASP A 125 9.16 8.99 -2.63
C ASP A 125 8.35 7.69 -2.58
N ALA A 126 9.04 6.57 -2.46
CA ALA A 126 8.38 5.27 -2.40
C ALA A 126 8.33 4.75 -0.97
N GLY A 127 7.83 3.53 -0.81
CA GLY A 127 7.73 2.94 0.51
C GLY A 127 6.70 3.63 1.38
N GLY A 128 5.88 2.84 2.07
CA GLY A 128 4.86 3.41 2.93
C GLY A 128 3.49 2.80 2.66
N ILE A 129 2.74 2.57 3.73
CA ILE A 129 1.40 1.99 3.60
C ILE A 129 0.34 2.83 4.30
N LEU A 130 -0.86 2.86 3.73
CA LEU A 130 -1.96 3.62 4.30
C LEU A 130 -2.71 2.77 5.32
N ARG A 131 -2.82 3.29 6.54
CA ARG A 131 -3.50 2.56 7.61
C ARG A 131 -4.76 3.30 8.08
N CYS A 132 -5.77 2.53 8.45
CA CYS A 132 -7.03 3.09 8.94
C CYS A 132 -7.17 2.82 10.43
N GLU A 133 -8.10 3.51 11.06
CA GLU A 133 -8.34 3.32 12.50
C GLU A 133 -8.75 1.89 12.79
N HIS A 134 -9.15 1.17 11.75
CA HIS A 134 -9.59 -0.22 11.89
C HIS A 134 -8.45 -1.19 11.60
N GLY A 135 -7.51 -0.79 10.75
CA GLY A 135 -6.39 -1.65 10.40
C GLY A 135 -5.55 -1.11 9.26
N VAL A 136 -5.12 -2.02 8.40
CA VAL A 136 -4.29 -1.66 7.24
C VAL A 136 -5.14 -1.56 5.98
N ILE A 137 -4.92 -0.51 5.19
CA ILE A 137 -5.67 -0.32 3.96
C ILE A 137 -4.87 -0.76 2.74
N GLY A 138 -3.84 0.00 2.39
CA GLY A 138 -3.04 -0.33 1.23
C GLY A 138 -1.61 0.20 1.32
N LEU A 139 -0.90 0.14 0.20
CA LEU A 139 0.47 0.62 0.13
C LEU A 139 0.60 1.78 -0.84
N VAL A 140 1.71 2.51 -0.76
CA VAL A 140 1.94 3.65 -1.64
C VAL A 140 2.09 3.21 -3.09
N THR A 141 1.30 3.80 -3.98
CA THR A 141 1.36 3.45 -5.40
C THR A 141 1.99 4.60 -6.20
N MET A 142 1.17 5.50 -6.77
CA MET A 142 1.71 6.60 -7.55
C MET A 142 0.89 7.87 -7.35
N GLY A 143 1.49 9.00 -7.72
CA GLY A 143 0.80 10.27 -7.57
C GLY A 143 1.69 11.44 -7.96
N GLY A 144 1.33 12.63 -7.47
CA GLY A 144 2.12 13.80 -7.78
C GLY A 144 2.46 14.60 -6.53
N GLU A 145 2.67 15.91 -6.72
CA GLU A 145 3.00 16.79 -5.60
C GLU A 145 1.74 17.36 -4.97
N GLY A 146 0.58 16.81 -5.34
CA GLY A 146 -0.68 17.28 -4.80
C GLY A 146 -1.59 16.15 -4.36
N VAL A 147 -1.57 15.05 -5.11
CA VAL A 147 -2.42 13.89 -4.78
C VAL A 147 -1.56 12.68 -4.42
N VAL A 148 -2.17 11.76 -3.68
CA VAL A 148 -1.49 10.54 -3.24
C VAL A 148 -2.23 9.28 -3.71
N GLY A 149 -1.55 8.47 -4.51
CA GLY A 149 -2.17 7.25 -5.00
C GLY A 149 -1.69 6.02 -4.24
N PHE A 150 -2.60 5.38 -3.51
CA PHE A 150 -2.26 4.20 -2.73
C PHE A 150 -2.97 2.96 -3.27
N ALA A 151 -2.27 1.83 -3.27
CA ALA A 151 -2.85 0.57 -3.75
C ALA A 151 -3.53 -0.16 -2.61
N ASP A 152 -4.85 -0.32 -2.71
CA ASP A 152 -5.63 -0.99 -1.68
C ASP A 152 -5.31 -2.48 -1.59
N VAL A 153 -5.29 -3.00 -0.37
CA VAL A 153 -5.03 -4.41 -0.12
C VAL A 153 -6.34 -5.21 -0.10
N ARG A 154 -7.43 -4.55 -0.50
CA ARG A 154 -8.74 -5.18 -0.53
C ARG A 154 -8.83 -6.21 -1.67
N ASP A 155 -7.81 -6.27 -2.51
CA ASP A 155 -7.80 -7.20 -3.63
C ASP A 155 -7.05 -8.49 -3.26
N LEU A 156 -6.75 -8.65 -1.98
CA LEU A 156 -6.04 -9.84 -1.51
C LEU A 156 -5.91 -9.80 0.01
N LEU A 157 -7.05 -9.81 0.69
CA LEU A 157 -7.08 -9.77 2.14
C LEU A 157 -6.80 -11.14 2.75
N TRP A 158 -6.86 -12.19 1.95
CA TRP A 158 -6.62 -13.54 2.42
C TRP A 158 -5.21 -13.69 3.01
N LEU A 159 -5.04 -13.18 4.23
CA LEU A 159 -3.77 -13.26 4.94
C LEU A 159 -4.02 -13.54 6.42
N GLU A 160 -4.94 -12.78 7.00
CA GLU A 160 -5.28 -12.92 8.41
C GLU A 160 -6.74 -12.54 8.64
N ASP A 161 -7.09 -12.26 9.90
CA ASP A 161 -8.46 -11.88 10.24
C ASP A 161 -8.79 -10.51 9.69
N ASP A 162 -10.06 -10.32 9.30
CA ASP A 162 -10.50 -9.03 8.76
C ASP A 162 -11.07 -8.15 9.87
N ALA A 163 -11.02 -6.84 9.64
CA ALA A 163 -11.54 -5.88 10.62
C ALA A 163 -13.00 -5.55 10.34
N MET A 164 -13.82 -5.58 11.38
CA MET A 164 -15.24 -5.28 11.25
C MET A 164 -15.88 -5.02 12.61
N GLU A 165 -15.74 -5.99 13.51
CA GLU A 165 -16.30 -5.87 14.86
C GLU A 165 -15.19 -5.68 15.89
N GLN A 166 -15.58 -5.23 17.08
CA GLN A 166 -14.62 -5.00 18.15
C GLN A 166 -13.91 -6.30 18.52
ZN ZN B . -11.61 2.25 8.62
N GLY A 17 14.88 4.78 10.77
CA GLY A 17 15.67 6.04 10.65
C GLY A 17 16.84 5.89 9.71
N PRO A 18 17.95 5.29 10.18
CA PRO A 18 19.15 5.10 9.36
C PRO A 18 18.94 4.06 8.27
N TYR A 19 19.94 3.91 7.40
CA TYR A 19 19.86 2.95 6.30
C TYR A 19 18.69 3.28 5.37
N GLY A 20 18.49 2.44 4.37
CA GLY A 20 17.40 2.64 3.44
C GLY A 20 17.56 1.81 2.18
N HIS A 21 17.17 0.54 2.25
CA HIS A 21 17.26 -0.36 1.11
C HIS A 21 15.87 -0.76 0.62
N GLN A 22 14.94 -0.93 1.56
CA GLN A 22 13.58 -1.32 1.22
C GLN A 22 12.62 -0.97 2.36
N SER A 23 11.82 0.06 2.16
CA SER A 23 10.85 0.48 3.17
C SER A 23 9.54 0.91 2.52
N GLY A 24 8.72 -0.07 2.16
CA GLY A 24 7.44 0.23 1.54
C GLY A 24 6.67 -1.02 1.17
N ALA A 25 6.76 -2.04 2.03
CA ALA A 25 6.06 -3.30 1.80
C ALA A 25 5.17 -3.66 2.98
N VAL A 26 3.98 -4.19 2.68
CA VAL A 26 3.04 -4.59 3.72
C VAL A 26 2.93 -6.11 3.81
N TYR A 27 3.41 -6.67 4.92
CA TYR A 27 3.36 -8.11 5.11
C TYR A 27 2.50 -8.46 6.33
N VAL A 28 1.48 -9.30 6.10
CA VAL A 28 0.57 -9.70 7.16
C VAL A 28 0.60 -11.21 7.39
N GLY A 29 0.52 -11.62 8.66
CA GLY A 29 0.53 -13.03 9.00
C GLY A 29 1.59 -13.82 8.27
N ASN A 30 1.18 -14.94 7.67
CA ASN A 30 2.10 -15.80 6.93
C ASN A 30 2.18 -15.37 5.46
N TYR A 31 1.77 -14.14 5.18
CA TYR A 31 1.80 -13.60 3.83
C TYR A 31 2.53 -12.26 3.82
N LYS A 32 3.21 -11.96 2.72
CA LYS A 32 3.92 -10.70 2.61
C LYS A 32 3.63 -10.04 1.26
N VAL A 33 2.98 -8.88 1.30
CA VAL A 33 2.67 -8.17 0.06
C VAL A 33 3.63 -7.02 -0.18
N VAL A 34 4.33 -7.08 -1.30
CA VAL A 34 5.29 -6.04 -1.67
C VAL A 34 5.17 -5.65 -3.14
N ASN A 35 5.71 -4.49 -3.49
CA ASN A 35 5.68 -4.03 -4.87
C ASN A 35 6.44 -5.00 -5.77
N ARG A 36 5.92 -5.24 -6.98
CA ARG A 36 6.55 -6.16 -7.91
C ARG A 36 8.00 -5.76 -8.19
N HIS A 37 8.24 -4.47 -8.41
CA HIS A 37 9.58 -3.98 -8.68
C HIS A 37 10.45 -4.06 -7.43
N LEU A 38 9.85 -4.41 -6.29
CA LEU A 38 10.58 -4.51 -5.04
C LEU A 38 10.62 -5.95 -4.49
N ALA A 39 9.95 -6.87 -5.17
CA ALA A 39 9.93 -8.26 -4.71
C ALA A 39 11.14 -9.03 -5.23
N THR A 40 11.87 -9.65 -4.32
CA THR A 40 13.05 -10.42 -4.67
C THR A 40 12.66 -11.75 -5.30
N HIS A 41 13.63 -12.41 -5.94
CA HIS A 41 13.38 -13.68 -6.62
C HIS A 41 12.74 -14.70 -5.69
N VAL A 42 13.04 -14.60 -4.40
CA VAL A 42 12.47 -15.52 -3.42
C VAL A 42 10.99 -15.22 -3.18
N ASP A 43 10.61 -13.95 -3.30
CA ASP A 43 9.23 -13.54 -3.11
C ASP A 43 8.37 -14.11 -4.23
N TRP A 44 8.88 -14.03 -5.45
CA TRP A 44 8.16 -14.55 -6.60
C TRP A 44 8.21 -16.07 -6.62
N GLN A 45 9.29 -16.63 -6.09
CA GLN A 45 9.46 -18.08 -6.04
C GLN A 45 8.34 -18.73 -5.25
N ASN A 46 8.01 -18.13 -4.11
CA ASN A 46 6.95 -18.63 -3.25
C ASN A 46 5.76 -17.68 -3.28
N CYS A 47 5.61 -16.96 -4.39
CA CYS A 47 4.52 -16.00 -4.54
C CYS A 47 3.20 -16.73 -4.76
N VAL A 48 2.24 -16.42 -3.90
CA VAL A 48 0.91 -17.02 -3.99
C VAL A 48 0.02 -16.23 -4.95
N TRP A 49 0.12 -14.90 -4.89
CA TRP A 49 -0.68 -14.04 -5.76
C TRP A 49 0.15 -12.86 -6.28
N GLU A 50 -0.23 -12.35 -7.44
CA GLU A 50 0.47 -11.22 -8.05
C GLU A 50 -0.43 -10.52 -9.08
N ASP A 51 -0.76 -9.26 -8.82
CA ASP A 51 -1.61 -8.48 -9.72
C ASP A 51 -0.79 -7.43 -10.49
N TYR A 52 -0.77 -7.57 -11.80
CA TYR A 52 -0.03 -6.63 -12.66
C TYR A 52 -0.58 -5.21 -12.56
N ASN A 53 -1.90 -5.08 -12.64
CA ASN A 53 -2.54 -3.77 -12.56
C ASN A 53 -2.24 -3.08 -11.23
N ARG A 54 -1.81 -3.87 -10.24
CA ARG A 54 -1.48 -3.32 -8.94
C ARG A 54 0.01 -3.40 -8.65
N ASP A 55 0.75 -4.06 -9.55
CA ASP A 55 2.19 -4.22 -9.39
C ASP A 55 2.52 -4.70 -7.98
N LEU A 56 1.69 -5.61 -7.48
CA LEU A 56 1.87 -6.15 -6.13
C LEU A 56 1.75 -7.67 -6.15
N LEU A 57 2.36 -8.30 -5.15
CA LEU A 57 2.31 -9.76 -5.04
C LEU A 57 2.39 -10.22 -3.58
N VAL A 58 1.88 -11.41 -3.32
CA VAL A 58 1.91 -11.96 -1.96
C VAL A 58 2.69 -13.25 -1.93
N SER A 59 3.57 -13.35 -0.95
CA SER A 59 4.40 -14.53 -0.76
C SER A 59 4.22 -15.04 0.67
N THR A 60 4.51 -16.31 0.89
CA THR A 60 4.35 -16.89 2.22
C THR A 60 5.68 -16.92 2.97
N THR A 61 5.70 -16.23 4.11
CA THR A 61 6.89 -16.15 4.94
C THR A 61 6.72 -16.97 6.22
N THR A 62 7.83 -17.31 6.86
CA THR A 62 7.80 -18.10 8.09
C THR A 62 8.12 -17.22 9.30
N ALA A 63 7.54 -16.02 9.32
CA ALA A 63 7.75 -15.09 10.43
C ALA A 63 6.43 -14.49 10.90
N HIS A 64 6.49 -13.79 12.02
CA HIS A 64 5.29 -13.17 12.59
C HIS A 64 4.93 -11.90 11.83
N GLY A 65 3.63 -11.65 11.68
CA GLY A 65 3.18 -10.47 10.98
C GLY A 65 3.14 -9.23 11.86
N CYS A 66 3.77 -8.17 11.41
CA CYS A 66 3.81 -6.91 12.16
C CYS A 66 2.86 -5.88 11.55
N ASP A 67 1.81 -6.35 10.91
CA ASP A 67 0.84 -5.47 10.28
C ASP A 67 -0.54 -6.14 10.21
N THR A 68 -1.57 -5.40 10.59
CA THR A 68 -2.94 -5.91 10.56
C THR A 68 -3.80 -5.11 9.60
N ILE A 69 -4.29 -5.77 8.55
CA ILE A 69 -5.13 -5.11 7.56
C ILE A 69 -6.52 -4.83 8.12
N ALA A 70 -7.06 -3.66 7.81
CA ALA A 70 -8.38 -3.28 8.29
C ALA A 70 -9.49 -3.85 7.41
N ARG A 71 -9.40 -3.59 6.10
CA ARG A 71 -10.41 -4.05 5.17
C ARG A 71 -11.75 -3.39 5.47
N CYS A 72 -11.70 -2.14 5.91
CA CYS A 72 -12.91 -1.39 6.25
C CYS A 72 -13.31 -0.46 5.11
N GLN A 73 -14.62 -0.26 4.96
CA GLN A 73 -15.15 0.59 3.91
C GLN A 73 -15.24 2.04 4.38
N CYS A 74 -14.12 2.57 4.87
CA CYS A 74 -14.08 3.94 5.36
C CYS A 74 -13.80 4.92 4.20
N THR A 75 -14.05 6.19 4.45
CA THR A 75 -13.82 7.23 3.45
C THR A 75 -12.65 8.12 3.84
N THR A 76 -12.30 8.10 5.13
CA THR A 76 -11.19 8.92 5.61
C THR A 76 -10.17 8.07 6.37
N GLY A 77 -8.92 8.13 5.93
CA GLY A 77 -7.85 7.37 6.57
C GLY A 77 -6.59 8.19 6.69
N VAL A 78 -5.65 7.72 7.51
CA VAL A 78 -4.40 8.45 7.70
C VAL A 78 -3.27 7.80 6.91
N TYR A 79 -2.52 8.62 6.18
CA TYR A 79 -1.41 8.13 5.38
C TYR A 79 -0.08 8.53 6.00
N PHE A 80 0.88 7.61 5.97
CA PHE A 80 2.20 7.86 6.54
C PHE A 80 2.95 8.92 5.72
N CYS A 81 3.37 9.99 6.40
CA CYS A 81 4.08 11.07 5.74
C CYS A 81 5.58 10.78 5.70
N ALA A 82 6.19 11.02 4.55
CA ALA A 82 7.62 10.79 4.37
C ALA A 82 8.44 11.98 4.86
N SER A 83 7.90 13.18 4.69
CA SER A 83 8.58 14.39 5.13
C SER A 83 8.13 14.79 6.53
N LYS A 84 6.82 14.91 6.71
CA LYS A 84 6.27 15.28 8.02
C LYS A 84 6.65 14.27 9.09
N SER A 85 6.92 13.03 8.67
CA SER A 85 7.30 11.97 9.60
C SER A 85 6.20 11.75 10.64
N LYS A 86 4.97 12.15 10.29
CA LYS A 86 3.84 11.99 11.19
C LYS A 86 2.64 11.40 10.46
N HIS A 87 1.62 11.02 11.21
CA HIS A 87 0.41 10.44 10.62
C HIS A 87 -0.52 11.55 10.18
N TYR A 88 -0.82 11.58 8.87
CA TYR A 88 -1.70 12.61 8.33
C TYR A 88 -3.06 12.03 7.94
N PRO A 89 -4.14 12.45 8.63
CA PRO A 89 -5.50 11.98 8.34
C PRO A 89 -6.04 12.68 7.09
N VAL A 90 -6.38 11.89 6.08
CA VAL A 90 -6.89 12.45 4.84
C VAL A 90 -8.04 11.63 4.27
N SER A 91 -8.98 12.33 3.62
CA SER A 91 -10.13 11.68 3.00
C SER A 91 -9.79 11.39 1.55
N PHE A 92 -10.12 10.18 1.10
CA PHE A 92 -9.82 9.79 -0.27
C PHE A 92 -10.91 8.91 -0.88
N GLU A 93 -10.81 8.71 -2.18
CA GLU A 93 -11.75 7.89 -2.93
C GLU A 93 -11.05 6.63 -3.43
N GLY A 94 -11.82 5.59 -3.74
CA GLY A 94 -11.23 4.35 -4.21
C GLY A 94 -11.53 4.05 -5.67
N PRO A 95 -10.90 4.79 -6.61
CA PRO A 95 -11.12 4.58 -8.05
C PRO A 95 -10.58 3.23 -8.53
N GLY A 96 -11.36 2.58 -9.38
CA GLY A 96 -10.97 1.28 -9.91
C GLY A 96 -9.72 1.36 -10.75
N LEU A 97 -9.75 2.14 -11.82
CA LEU A 97 -8.60 2.28 -12.70
C LEU A 97 -8.10 3.71 -12.78
N VAL A 98 -6.85 3.92 -12.38
CA VAL A 98 -6.23 5.23 -12.43
C VAL A 98 -4.93 5.16 -13.22
N GLU A 99 -4.79 6.03 -14.20
CA GLU A 99 -3.59 6.05 -15.04
C GLU A 99 -2.40 6.59 -14.26
N VAL A 100 -1.49 5.71 -13.91
CA VAL A 100 -0.30 6.10 -13.16
C VAL A 100 0.67 6.87 -14.08
N GLN A 101 0.85 8.15 -13.76
CA GLN A 101 1.76 9.01 -14.52
C GLN A 101 3.20 8.60 -14.31
N GLU A 102 4.03 8.83 -15.31
CA GLU A 102 5.44 8.46 -15.21
C GLU A 102 6.14 9.35 -14.19
N SER A 103 6.36 8.79 -13.01
CA SER A 103 7.01 9.51 -11.93
C SER A 103 7.89 8.58 -11.10
N GLU A 104 8.80 9.16 -10.32
CA GLU A 104 9.69 8.39 -9.46
C GLU A 104 10.44 7.31 -10.26
N TYR A 105 9.81 6.15 -10.46
CA TYR A 105 10.42 5.06 -11.20
C TYR A 105 9.35 4.19 -11.85
N TYR A 106 8.16 4.74 -12.03
CA TYR A 106 7.05 4.01 -12.65
C TYR A 106 6.65 4.66 -13.97
N PRO A 107 6.61 3.88 -15.07
CA PRO A 107 6.23 4.39 -16.39
C PRO A 107 4.73 4.66 -16.51
N LYS A 108 4.37 5.64 -17.33
CA LYS A 108 2.98 6.02 -17.54
C LYS A 108 2.13 4.80 -17.95
N ARG A 109 1.66 4.05 -16.96
CA ARG A 109 0.85 2.87 -17.21
C ARG A 109 -0.50 2.94 -16.49
N TYR A 110 -1.26 1.85 -16.57
CA TYR A 110 -2.56 1.76 -15.93
C TYR A 110 -2.47 0.97 -14.62
N GLN A 111 -3.05 1.52 -13.55
CA GLN A 111 -3.03 0.86 -12.24
C GLN A 111 -4.43 0.68 -11.68
N SER A 112 -4.81 -0.56 -11.39
CA SER A 112 -6.13 -0.86 -10.86
C SER A 112 -6.16 -0.85 -9.34
N HIS A 113 -7.36 -0.67 -8.78
CA HIS A 113 -7.57 -0.65 -7.34
C HIS A 113 -6.60 0.32 -6.64
N VAL A 114 -6.68 1.60 -6.99
CA VAL A 114 -5.82 2.60 -6.37
C VAL A 114 -6.63 3.72 -5.75
N LEU A 115 -6.25 4.13 -4.54
CA LEU A 115 -6.94 5.21 -3.84
C LEU A 115 -6.16 6.51 -3.94
N LEU A 116 -6.86 7.64 -3.95
CA LEU A 116 -6.20 8.92 -4.04
C LEU A 116 -6.73 9.92 -3.01
N ALA A 117 -5.81 10.61 -2.35
CA ALA A 117 -6.16 11.59 -1.32
C ALA A 117 -5.53 12.94 -1.60
N THR A 118 -6.36 13.96 -1.77
CA THR A 118 -5.85 15.30 -2.03
C THR A 118 -5.54 16.03 -0.73
N GLY A 119 -4.26 16.27 -0.48
CA GLY A 119 -3.84 16.94 0.74
C GLY A 119 -4.04 18.44 0.67
N PHE A 120 -3.01 19.19 1.05
CA PHE A 120 -3.07 20.65 1.03
C PHE A 120 -1.67 21.24 0.86
N SER A 121 -1.56 22.25 0.00
CA SER A 121 -0.29 22.90 -0.26
C SER A 121 0.73 21.90 -0.84
N GLU A 122 1.96 22.38 -1.05
CA GLU A 122 3.01 21.53 -1.60
C GLU A 122 3.27 20.32 -0.70
N PRO A 123 2.88 19.12 -1.16
CA PRO A 123 3.07 17.89 -0.38
C PRO A 123 4.55 17.49 -0.27
N GLY A 124 4.79 16.27 0.18
CA GLY A 124 6.16 15.80 0.32
C GLY A 124 6.24 14.31 0.65
N ASP A 125 5.36 13.53 0.03
CA ASP A 125 5.32 12.10 0.26
C ASP A 125 6.03 11.34 -0.86
N ALA A 126 6.55 10.16 -0.54
CA ALA A 126 7.25 9.35 -1.53
C ALA A 126 7.49 7.94 -1.00
N GLY A 127 6.49 7.39 -0.31
CA GLY A 127 6.61 6.05 0.24
C GLY A 127 5.78 5.86 1.49
N GLY A 128 5.60 4.59 1.88
CA GLY A 128 4.82 4.30 3.07
C GLY A 128 3.55 3.52 2.75
N ILE A 129 2.75 3.26 3.77
CA ILE A 129 1.51 2.51 3.60
C ILE A 129 0.32 3.29 4.16
N LEU A 130 -0.84 3.14 3.53
CA LEU A 130 -2.05 3.83 3.98
C LEU A 130 -2.76 3.00 5.03
N ARG A 131 -2.84 3.54 6.24
CA ARG A 131 -3.49 2.83 7.35
C ARG A 131 -4.70 3.59 7.87
N CYS A 132 -5.71 2.84 8.31
CA CYS A 132 -6.93 3.41 8.86
C CYS A 132 -7.01 3.10 10.35
N GLU A 133 -7.88 3.81 11.05
CA GLU A 133 -8.05 3.58 12.48
C GLU A 133 -8.38 2.13 12.78
N HIS A 134 -8.84 1.40 11.75
CA HIS A 134 -9.19 0.00 11.90
C HIS A 134 -8.01 -0.91 11.58
N GLY A 135 -7.20 -0.52 10.60
CA GLY A 135 -6.04 -1.34 10.23
C GLY A 135 -5.29 -0.82 9.03
N VAL A 136 -4.86 -1.74 8.17
CA VAL A 136 -4.10 -1.40 6.96
C VAL A 136 -5.01 -1.35 5.74
N ILE A 137 -4.83 -0.33 4.91
CA ILE A 137 -5.62 -0.18 3.70
C ILE A 137 -4.83 -0.62 2.47
N GLY A 138 -3.78 0.13 2.14
CA GLY A 138 -2.96 -0.19 1.00
C GLY A 138 -1.52 0.26 1.14
N LEU A 139 -0.78 0.26 0.03
CA LEU A 139 0.61 0.67 0.02
C LEU A 139 0.82 1.87 -0.91
N VAL A 140 1.96 2.53 -0.76
CA VAL A 140 2.28 3.70 -1.58
C VAL A 140 2.37 3.33 -3.06
N THR A 141 1.46 3.89 -3.86
CA THR A 141 1.44 3.64 -5.30
C THR A 141 1.96 4.87 -6.04
N MET A 142 1.05 5.75 -6.47
CA MET A 142 1.45 6.96 -7.18
C MET A 142 1.34 8.18 -6.28
N GLY A 143 2.06 9.24 -6.63
CA GLY A 143 2.03 10.46 -5.83
C GLY A 143 1.92 11.70 -6.69
N GLY A 144 0.75 12.32 -6.69
CA GLY A 144 0.53 13.52 -7.48
C GLY A 144 1.12 14.76 -6.81
N GLU A 145 0.94 15.90 -7.45
CA GLU A 145 1.44 17.16 -6.92
C GLU A 145 0.62 17.62 -5.71
N GLY A 146 -0.59 17.07 -5.59
CA GLY A 146 -1.44 17.44 -4.47
C GLY A 146 -2.38 16.32 -4.05
N VAL A 147 -2.07 15.10 -4.49
CA VAL A 147 -2.89 13.93 -4.16
C VAL A 147 -2.02 12.75 -3.77
N VAL A 148 -2.60 11.82 -3.02
CA VAL A 148 -1.87 10.63 -2.57
C VAL A 148 -2.41 9.37 -3.23
N GLY A 149 -1.56 8.70 -4.01
CA GLY A 149 -1.98 7.47 -4.67
C GLY A 149 -1.56 6.24 -3.89
N PHE A 150 -2.55 5.44 -3.48
CA PHE A 150 -2.27 4.24 -2.71
C PHE A 150 -2.88 2.99 -3.33
N ALA A 151 -2.17 1.88 -3.23
CA ALA A 151 -2.65 0.60 -3.76
C ALA A 151 -3.38 -0.16 -2.67
N ASP A 152 -4.69 -0.30 -2.80
CA ASP A 152 -5.50 -0.98 -1.80
C ASP A 152 -5.20 -2.47 -1.73
N VAL A 153 -5.21 -3.00 -0.50
CA VAL A 153 -4.95 -4.41 -0.28
C VAL A 153 -6.26 -5.20 -0.31
N ARG A 154 -7.32 -4.56 -0.78
CA ARG A 154 -8.63 -5.19 -0.89
C ARG A 154 -8.66 -6.24 -1.99
N ASP A 155 -7.59 -6.32 -2.77
CA ASP A 155 -7.51 -7.30 -3.86
C ASP A 155 -6.78 -8.57 -3.42
N LEU A 156 -6.46 -8.68 -2.14
CA LEU A 156 -5.77 -9.85 -1.62
C LEU A 156 -5.72 -9.82 -0.10
N LEU A 157 -6.77 -9.28 0.49
CA LEU A 157 -6.88 -9.17 1.93
C LEU A 157 -6.75 -10.51 2.64
N TRP A 158 -6.88 -11.60 1.90
CA TRP A 158 -6.79 -12.94 2.48
C TRP A 158 -5.41 -13.18 3.12
N LEU A 159 -5.21 -12.62 4.31
CA LEU A 159 -3.96 -12.79 5.05
C LEU A 159 -4.25 -13.06 6.52
N GLU A 160 -5.05 -12.19 7.12
CA GLU A 160 -5.42 -12.32 8.53
C GLU A 160 -6.86 -11.86 8.76
N ASP A 161 -7.21 -11.60 10.02
CA ASP A 161 -8.55 -11.16 10.36
C ASP A 161 -8.81 -9.75 9.82
N ASP A 162 -10.06 -9.51 9.41
CA ASP A 162 -10.44 -8.21 8.87
C ASP A 162 -11.26 -7.41 9.89
N ALA A 163 -11.21 -6.09 9.77
CA ALA A 163 -11.95 -5.21 10.67
C ALA A 163 -13.43 -5.15 10.29
N MET A 164 -14.30 -5.54 11.22
CA MET A 164 -15.73 -5.53 10.98
C MET A 164 -16.44 -4.63 11.99
N GLU A 165 -15.80 -3.53 12.36
CA GLU A 165 -16.37 -2.58 13.32
C GLU A 165 -17.51 -1.80 12.69
N GLN A 166 -18.62 -1.69 13.40
CA GLN A 166 -19.79 -0.96 12.92
C GLN A 166 -20.54 -0.32 14.07
ZN ZN B . -11.47 2.30 8.76
N GLY A 17 17.38 4.24 18.14
CA GLY A 17 17.11 4.82 16.80
C GLY A 17 17.40 3.84 15.67
N PRO A 18 16.64 2.74 15.57
CA PRO A 18 16.84 1.73 14.53
C PRO A 18 16.87 2.34 13.13
N TYR A 19 17.65 1.74 12.24
CA TYR A 19 17.76 2.22 10.88
C TYR A 19 17.12 1.23 9.89
N GLY A 20 15.87 1.49 9.53
CA GLY A 20 15.17 0.62 8.61
C GLY A 20 13.97 -0.04 9.24
N HIS A 21 13.27 0.69 10.10
CA HIS A 21 12.09 0.15 10.77
C HIS A 21 10.96 -0.11 9.78
N GLN A 22 10.92 0.70 8.72
CA GLN A 22 9.89 0.55 7.70
C GLN A 22 10.51 0.43 6.31
N SER A 23 9.68 0.25 5.30
CA SER A 23 10.15 0.12 3.93
C SER A 23 9.08 0.57 2.94
N GLY A 24 7.85 0.10 3.15
CA GLY A 24 6.76 0.48 2.27
C GLY A 24 5.82 -0.68 1.99
N ALA A 25 6.34 -1.90 2.11
CA ALA A 25 5.53 -3.09 1.87
C ALA A 25 4.75 -3.50 3.12
N VAL A 26 3.62 -4.16 2.90
CA VAL A 26 2.77 -4.60 4.00
C VAL A 26 2.97 -6.09 4.27
N TYR A 27 3.26 -6.43 5.52
CA TYR A 27 3.47 -7.82 5.89
C TYR A 27 2.35 -8.32 6.80
N VAL A 28 1.58 -9.30 6.31
CA VAL A 28 0.48 -9.85 7.08
C VAL A 28 0.65 -11.35 7.32
N GLY A 29 0.90 -11.73 8.57
CA GLY A 29 1.07 -13.14 8.90
C GLY A 29 2.08 -13.85 8.01
N ASN A 30 1.65 -14.94 7.40
CA ASN A 30 2.51 -15.73 6.51
C ASN A 30 2.41 -15.26 5.07
N TYR A 31 1.87 -14.06 4.86
CA TYR A 31 1.72 -13.50 3.53
C TYR A 31 2.28 -12.08 3.50
N LYS A 32 3.17 -11.80 2.56
CA LYS A 32 3.75 -10.46 2.44
C LYS A 32 3.45 -9.86 1.07
N VAL A 33 2.67 -8.78 1.06
CA VAL A 33 2.31 -8.12 -0.20
C VAL A 33 3.21 -6.91 -0.44
N VAL A 34 3.92 -6.92 -1.57
CA VAL A 34 4.82 -5.83 -1.92
C VAL A 34 4.68 -5.47 -3.40
N ASN A 35 5.14 -4.27 -3.76
CA ASN A 35 5.09 -3.83 -5.14
C ASN A 35 5.91 -4.76 -6.03
N ARG A 36 5.41 -5.03 -7.24
CA ARG A 36 6.11 -5.92 -8.16
C ARG A 36 7.53 -5.44 -8.43
N HIS A 37 7.67 -4.14 -8.70
CA HIS A 37 8.99 -3.57 -8.97
C HIS A 37 9.88 -3.63 -7.72
N LEU A 38 9.29 -3.97 -6.58
CA LEU A 38 10.05 -4.05 -5.34
C LEU A 38 10.13 -5.47 -4.79
N ALA A 39 9.52 -6.44 -5.48
CA ALA A 39 9.56 -7.82 -5.00
C ALA A 39 10.78 -8.55 -5.53
N THR A 40 11.53 -9.16 -4.61
CA THR A 40 12.74 -9.90 -4.97
C THR A 40 12.38 -11.24 -5.61
N HIS A 41 13.35 -11.85 -6.29
CA HIS A 41 13.12 -13.12 -6.95
C HIS A 41 12.55 -14.15 -5.98
N VAL A 42 12.90 -14.02 -4.71
CA VAL A 42 12.41 -14.94 -3.69
C VAL A 42 10.92 -14.73 -3.45
N ASP A 43 10.47 -13.49 -3.61
CA ASP A 43 9.07 -13.15 -3.41
C ASP A 43 8.23 -13.76 -4.51
N TRP A 44 8.72 -13.66 -5.74
CA TRP A 44 7.99 -14.19 -6.89
C TRP A 44 8.04 -15.72 -6.94
N GLN A 45 9.23 -16.29 -6.73
CA GLN A 45 9.38 -17.74 -6.77
C GLN A 45 8.41 -18.41 -5.79
N ASN A 46 8.32 -17.85 -4.59
CA ASN A 46 7.42 -18.37 -3.56
C ASN A 46 6.17 -17.51 -3.47
N CYS A 47 5.79 -16.91 -4.59
CA CYS A 47 4.62 -16.05 -4.65
C CYS A 47 3.34 -16.86 -4.76
N VAL A 48 2.28 -16.35 -4.13
CA VAL A 48 0.99 -16.99 -4.16
C VAL A 48 0.05 -16.27 -5.13
N TRP A 49 0.08 -14.95 -5.10
CA TRP A 49 -0.76 -14.14 -5.98
C TRP A 49 0.01 -12.93 -6.53
N GLU A 50 -0.39 -12.45 -7.70
CA GLU A 50 0.26 -11.30 -8.32
C GLU A 50 -0.68 -10.62 -9.31
N ASP A 51 -1.00 -9.36 -9.05
CA ASP A 51 -1.89 -8.59 -9.92
C ASP A 51 -1.10 -7.53 -10.69
N TYR A 52 -0.87 -7.80 -11.97
CA TYR A 52 -0.12 -6.90 -12.84
C TYR A 52 -0.81 -5.54 -13.00
N ASN A 53 -2.14 -5.53 -12.91
CA ASN A 53 -2.90 -4.30 -13.06
C ASN A 53 -2.53 -3.30 -11.99
N ARG A 54 -2.15 -3.80 -10.81
CA ARG A 54 -1.79 -2.94 -9.69
C ARG A 54 -0.30 -3.06 -9.34
N ASP A 55 0.41 -3.95 -10.02
CA ASP A 55 1.83 -4.14 -9.77
C ASP A 55 2.07 -4.59 -8.32
N LEU A 56 1.28 -5.55 -7.87
CA LEU A 56 1.39 -6.06 -6.50
C LEU A 56 1.34 -7.58 -6.49
N LEU A 57 1.97 -8.19 -5.47
CA LEU A 57 1.99 -9.64 -5.35
C LEU A 57 2.10 -10.08 -3.90
N VAL A 58 1.65 -11.30 -3.62
CA VAL A 58 1.70 -11.84 -2.27
C VAL A 58 2.60 -13.07 -2.25
N SER A 59 3.50 -13.11 -1.28
CA SER A 59 4.42 -14.22 -1.12
C SER A 59 4.30 -14.79 0.29
N THR A 60 4.69 -16.04 0.46
CA THR A 60 4.61 -16.67 1.76
C THR A 60 5.95 -16.64 2.50
N THR A 61 5.88 -16.48 3.80
CA THR A 61 7.07 -16.41 4.64
C THR A 61 6.93 -17.27 5.89
N THR A 62 8.02 -17.42 6.63
CA THR A 62 8.01 -18.21 7.85
C THR A 62 8.29 -17.34 9.07
N ALA A 63 7.48 -16.30 9.24
CA ALA A 63 7.64 -15.39 10.37
C ALA A 63 6.30 -15.10 11.04
N HIS A 64 6.31 -14.20 12.03
CA HIS A 64 5.10 -13.84 12.74
C HIS A 64 4.51 -12.54 12.21
N GLY A 65 3.18 -12.42 12.26
CA GLY A 65 2.52 -11.23 11.77
C GLY A 65 2.82 -10.01 12.63
N CYS A 66 2.41 -8.84 12.15
CA CYS A 66 2.64 -7.60 12.88
C CYS A 66 1.53 -6.59 12.59
N ASP A 67 1.39 -6.22 11.32
CA ASP A 67 0.36 -5.27 10.91
C ASP A 67 -0.98 -5.97 10.70
N THR A 68 -2.07 -5.24 10.93
CA THR A 68 -3.40 -5.79 10.76
C THR A 68 -4.22 -4.96 9.76
N ILE A 69 -4.63 -5.61 8.68
CA ILE A 69 -5.42 -4.94 7.64
C ILE A 69 -6.85 -4.74 8.10
N ALA A 70 -7.42 -3.59 7.79
CA ALA A 70 -8.79 -3.29 8.16
C ALA A 70 -9.77 -3.70 7.07
N ARG A 71 -10.87 -4.34 7.48
CA ARG A 71 -11.89 -4.77 6.54
C ARG A 71 -12.98 -3.71 6.44
N CYS A 72 -12.61 -2.45 6.70
CA CYS A 72 -13.53 -1.34 6.66
C CYS A 72 -13.41 -0.58 5.34
N GLN A 73 -14.38 0.30 5.08
CA GLN A 73 -14.37 1.10 3.87
C GLN A 73 -14.42 2.60 4.18
N CYS A 74 -13.81 2.98 5.32
CA CYS A 74 -13.79 4.37 5.73
C CYS A 74 -13.11 5.24 4.66
N THR A 75 -13.75 6.34 4.31
CA THR A 75 -13.20 7.25 3.31
C THR A 75 -12.04 8.07 3.88
N THR A 76 -11.82 7.96 5.19
CA THR A 76 -10.73 8.69 5.84
C THR A 76 -9.61 7.75 6.25
N GLY A 77 -8.39 8.09 5.84
CA GLY A 77 -7.24 7.27 6.16
C GLY A 77 -5.98 8.09 6.28
N VAL A 78 -5.08 7.69 7.18
CA VAL A 78 -3.82 8.40 7.38
C VAL A 78 -2.66 7.66 6.73
N TYR A 79 -1.92 8.37 5.87
CA TYR A 79 -0.78 7.78 5.19
C TYR A 79 0.53 8.35 5.74
N PHE A 80 1.63 7.66 5.44
CA PHE A 80 2.94 8.10 5.92
C PHE A 80 3.60 9.03 4.90
N CYS A 81 4.05 10.18 5.37
CA CYS A 81 4.70 11.16 4.51
C CYS A 81 6.18 10.85 4.35
N ALA A 82 6.75 11.24 3.21
CA ALA A 82 8.15 11.00 2.93
C ALA A 82 9.01 12.19 3.38
N SER A 83 8.52 13.40 3.10
CA SER A 83 9.24 14.61 3.48
C SER A 83 8.83 15.07 4.88
N LYS A 84 7.53 15.13 5.12
CA LYS A 84 7.01 15.56 6.41
C LYS A 84 7.49 14.63 7.53
N SER A 85 7.80 13.38 7.16
CA SER A 85 8.27 12.40 8.13
C SER A 85 7.26 12.26 9.28
N LYS A 86 6.01 12.59 9.00
CA LYS A 86 4.95 12.50 9.99
C LYS A 86 3.70 11.87 9.39
N HIS A 87 2.73 11.55 10.24
CA HIS A 87 1.49 10.94 9.80
C HIS A 87 0.51 12.02 9.36
N TYR A 88 -0.13 11.80 8.21
CA TYR A 88 -1.08 12.77 7.68
C TYR A 88 -2.44 12.14 7.40
N PRO A 89 -3.50 12.55 8.12
CA PRO A 89 -4.85 12.03 7.92
C PRO A 89 -5.43 12.59 6.63
N VAL A 90 -5.80 11.70 5.71
CA VAL A 90 -6.35 12.13 4.43
C VAL A 90 -7.54 11.28 3.98
N SER A 91 -8.51 11.95 3.38
CA SER A 91 -9.71 11.29 2.87
C SER A 91 -9.52 11.02 1.38
N PHE A 92 -9.86 9.82 0.93
CA PHE A 92 -9.69 9.48 -0.48
C PHE A 92 -10.83 8.62 -1.01
N GLU A 93 -10.80 8.40 -2.31
CA GLU A 93 -11.81 7.59 -2.99
C GLU A 93 -11.15 6.30 -3.50
N GLY A 94 -11.95 5.28 -3.74
CA GLY A 94 -11.41 4.00 -4.20
C GLY A 94 -11.62 3.76 -5.69
N PRO A 95 -10.95 4.53 -6.56
CA PRO A 95 -11.08 4.35 -8.02
C PRO A 95 -10.47 3.03 -8.50
N GLY A 96 -11.16 2.38 -9.43
CA GLY A 96 -10.68 1.12 -9.95
C GLY A 96 -9.29 1.22 -10.54
N LEU A 97 -9.21 1.49 -11.84
CA LEU A 97 -7.94 1.61 -12.52
C LEU A 97 -7.50 3.06 -12.68
N VAL A 98 -6.33 3.38 -12.16
CA VAL A 98 -5.79 4.73 -12.25
C VAL A 98 -4.46 4.71 -13.00
N GLU A 99 -4.37 5.53 -14.04
CA GLU A 99 -3.15 5.59 -14.86
C GLU A 99 -2.03 6.30 -14.08
N VAL A 100 -1.05 5.51 -13.66
CA VAL A 100 0.07 6.05 -12.91
C VAL A 100 1.03 6.81 -13.83
N GLN A 101 1.13 8.11 -13.61
CA GLN A 101 2.02 8.96 -14.39
C GLN A 101 3.47 8.65 -14.04
N GLU A 102 4.37 8.82 -15.00
CA GLU A 102 5.77 8.55 -14.75
C GLU A 102 6.34 9.57 -13.78
N SER A 103 6.47 9.15 -12.53
CA SER A 103 6.98 10.03 -11.49
C SER A 103 7.81 9.24 -10.48
N GLU A 104 8.85 9.87 -9.96
CA GLU A 104 9.70 9.22 -8.97
C GLU A 104 10.02 7.77 -9.31
N TYR A 105 11.15 7.56 -9.99
CA TYR A 105 11.60 6.22 -10.38
C TYR A 105 10.44 5.31 -10.80
N TYR A 106 9.37 5.90 -11.34
CA TYR A 106 8.22 5.10 -11.76
C TYR A 106 7.77 5.48 -13.17
N PRO A 107 7.69 4.49 -14.08
CA PRO A 107 7.27 4.71 -15.46
C PRO A 107 5.75 4.64 -15.64
N LYS A 108 5.23 5.41 -16.59
CA LYS A 108 3.80 5.45 -16.87
C LYS A 108 3.19 4.03 -16.89
N ARG A 109 2.69 3.58 -15.76
CA ARG A 109 2.09 2.25 -15.66
C ARG A 109 0.65 2.32 -15.16
N TYR A 110 -0.04 1.19 -15.22
CA TYR A 110 -1.43 1.09 -14.77
C TYR A 110 -1.51 0.42 -13.40
N GLN A 111 -2.27 1.03 -12.49
CA GLN A 111 -2.43 0.48 -11.14
C GLN A 111 -3.91 0.30 -10.79
N SER A 112 -4.36 -0.96 -10.68
CA SER A 112 -5.74 -1.23 -10.35
C SER A 112 -5.98 -1.16 -8.85
N HIS A 113 -7.23 -0.87 -8.47
CA HIS A 113 -7.60 -0.78 -7.06
C HIS A 113 -6.71 0.20 -6.29
N VAL A 114 -6.74 1.47 -6.68
CA VAL A 114 -5.93 2.48 -6.02
C VAL A 114 -6.80 3.64 -5.51
N LEU A 115 -6.42 4.21 -4.39
CA LEU A 115 -7.16 5.32 -3.79
C LEU A 115 -6.42 6.63 -4.02
N LEU A 116 -7.16 7.72 -4.19
CA LEU A 116 -6.52 9.01 -4.43
C LEU A 116 -7.12 10.12 -3.57
N ALA A 117 -6.25 11.02 -3.12
CA ALA A 117 -6.65 12.16 -2.29
C ALA A 117 -5.72 13.35 -2.52
N THR A 118 -6.29 14.54 -2.55
CA THR A 118 -5.50 15.75 -2.75
C THR A 118 -5.13 16.39 -1.42
N GLY A 119 -3.83 16.48 -1.15
CA GLY A 119 -3.36 17.06 0.10
C GLY A 119 -3.54 18.57 0.13
N PHE A 120 -2.43 19.30 0.11
CA PHE A 120 -2.47 20.75 0.13
C PHE A 120 -1.10 21.34 -0.22
N SER A 121 -0.76 21.28 -1.51
CA SER A 121 0.52 21.80 -1.98
C SER A 121 1.69 21.03 -1.37
N GLU A 122 2.04 19.91 -1.98
CA GLU A 122 3.13 19.08 -1.50
C GLU A 122 4.08 18.69 -2.63
N PRO A 123 5.40 18.66 -2.37
CA PRO A 123 6.40 18.31 -3.39
C PRO A 123 6.12 16.95 -4.02
N GLY A 124 6.16 15.90 -3.21
CA GLY A 124 5.90 14.57 -3.72
C GLY A 124 5.06 13.74 -2.76
N ASP A 125 5.54 13.62 -1.53
CA ASP A 125 4.82 12.84 -0.51
C ASP A 125 4.71 11.38 -0.92
N ALA A 126 3.99 10.60 -0.12
CA ALA A 126 3.81 9.17 -0.41
C ALA A 126 5.11 8.41 -0.24
N GLY A 127 5.17 7.53 0.75
CA GLY A 127 6.37 6.75 1.00
C GLY A 127 6.17 5.72 2.09
N GLY A 128 4.97 5.15 2.16
CA GLY A 128 4.68 4.15 3.16
C GLY A 128 3.40 3.39 2.87
N ILE A 129 2.63 3.10 3.92
CA ILE A 129 1.38 2.38 3.77
C ILE A 129 0.22 3.14 4.40
N LEU A 130 -0.96 3.01 3.82
CA LEU A 130 -2.15 3.70 4.33
C LEU A 130 -2.83 2.84 5.40
N ARG A 131 -2.94 3.39 6.60
CA ARG A 131 -3.57 2.69 7.71
C ARG A 131 -4.81 3.42 8.20
N CYS A 132 -5.81 2.65 8.62
CA CYS A 132 -7.06 3.21 9.14
C CYS A 132 -7.15 3.00 10.64
N GLU A 133 -8.06 3.72 11.28
CA GLU A 133 -8.24 3.59 12.73
C GLU A 133 -8.57 2.13 13.09
N HIS A 134 -9.02 1.37 12.09
CA HIS A 134 -9.38 -0.02 12.29
C HIS A 134 -8.19 -0.96 11.99
N GLY A 135 -7.36 -0.56 11.03
CA GLY A 135 -6.21 -1.38 10.66
C GLY A 135 -5.43 -0.81 9.50
N VAL A 136 -5.19 -1.66 8.50
CA VAL A 136 -4.44 -1.27 7.31
C VAL A 136 -5.35 -1.27 6.08
N ILE A 137 -5.24 -0.24 5.26
CA ILE A 137 -6.05 -0.15 4.05
C ILE A 137 -5.24 -0.57 2.82
N GLY A 138 -4.05 -0.03 2.68
CA GLY A 138 -3.21 -0.36 1.54
C GLY A 138 -1.80 0.17 1.64
N LEU A 139 -1.08 0.15 0.53
CA LEU A 139 0.29 0.63 0.48
C LEU A 139 0.41 1.83 -0.45
N VAL A 140 1.52 2.57 -0.34
CA VAL A 140 1.75 3.74 -1.18
C VAL A 140 1.99 3.35 -2.63
N THR A 141 1.25 3.99 -3.55
CA THR A 141 1.40 3.72 -4.97
C THR A 141 2.02 4.92 -5.69
N MET A 142 1.19 5.79 -6.28
CA MET A 142 1.72 6.95 -6.98
C MET A 142 0.82 8.17 -6.82
N GLY A 143 1.42 9.34 -6.65
CA GLY A 143 0.66 10.56 -6.48
C GLY A 143 0.87 11.54 -7.62
N GLY A 144 -0.11 12.40 -7.84
CA GLY A 144 -0.01 13.38 -8.91
C GLY A 144 0.69 14.65 -8.46
N GLU A 145 0.33 15.77 -9.07
CA GLU A 145 0.93 17.05 -8.73
C GLU A 145 0.45 17.53 -7.36
N GLY A 146 -0.67 16.99 -6.90
CA GLY A 146 -1.21 17.36 -5.60
C GLY A 146 -2.12 16.30 -5.00
N VAL A 147 -2.08 15.10 -5.57
CA VAL A 147 -2.90 13.99 -5.09
C VAL A 147 -2.03 12.82 -4.66
N VAL A 148 -2.58 11.97 -3.79
CA VAL A 148 -1.84 10.81 -3.30
C VAL A 148 -2.51 9.50 -3.74
N GLY A 149 -1.79 8.70 -4.51
CA GLY A 149 -2.33 7.43 -4.97
C GLY A 149 -1.81 6.26 -4.17
N PHE A 150 -2.71 5.60 -3.44
CA PHE A 150 -2.33 4.45 -2.62
C PHE A 150 -3.03 3.19 -3.09
N ALA A 151 -2.29 2.08 -3.09
CA ALA A 151 -2.84 0.79 -3.51
C ALA A 151 -3.49 0.07 -2.33
N ASP A 152 -4.81 -0.11 -2.41
CA ASP A 152 -5.55 -0.77 -1.34
C ASP A 152 -5.32 -2.28 -1.35
N VAL A 153 -5.21 -2.86 -0.16
CA VAL A 153 -5.01 -4.30 -0.01
C VAL A 153 -6.37 -5.01 0.07
N ARG A 154 -7.44 -4.28 -0.21
CA ARG A 154 -8.79 -4.84 -0.17
C ARG A 154 -9.04 -5.81 -1.32
N ASP A 155 -8.08 -5.89 -2.25
CA ASP A 155 -8.20 -6.78 -3.40
C ASP A 155 -7.53 -8.13 -3.13
N LEU A 156 -7.15 -8.36 -1.87
CA LEU A 156 -6.49 -9.61 -1.49
C LEU A 156 -6.21 -9.61 0.00
N LEU A 157 -7.28 -9.57 0.80
CA LEU A 157 -7.17 -9.55 2.25
C LEU A 157 -6.85 -10.94 2.81
N TRP A 158 -7.03 -11.97 1.99
CA TRP A 158 -6.78 -13.35 2.43
C TRP A 158 -5.35 -13.50 2.95
N LEU A 159 -5.13 -13.07 4.18
CA LEU A 159 -3.82 -13.17 4.82
C LEU A 159 -3.98 -13.47 6.30
N GLU A 160 -4.88 -12.75 6.95
CA GLU A 160 -5.14 -12.94 8.38
C GLU A 160 -6.59 -12.55 8.73
N ASP A 161 -6.86 -12.35 10.01
CA ASP A 161 -8.19 -11.98 10.46
C ASP A 161 -8.58 -10.60 9.95
N ASP A 162 -9.85 -10.45 9.59
CA ASP A 162 -10.34 -9.16 9.10
C ASP A 162 -10.79 -8.26 10.25
N ALA A 163 -10.76 -6.96 10.02
CA ALA A 163 -11.15 -6.00 11.04
C ALA A 163 -12.61 -5.58 10.86
N MET A 164 -13.42 -5.83 11.88
CA MET A 164 -14.83 -5.47 11.83
C MET A 164 -15.02 -3.98 12.04
N GLU A 165 -16.28 -3.54 12.07
CA GLU A 165 -16.60 -2.14 12.25
C GLU A 165 -17.97 -1.96 12.90
N GLN A 166 -18.33 -0.72 13.20
CA GLN A 166 -19.61 -0.42 13.82
C GLN A 166 -20.02 1.03 13.57
ZN ZN B . -11.63 2.24 9.01
N GLY A 17 20.05 9.20 3.35
CA GLY A 17 19.74 7.92 4.04
C GLY A 17 19.91 8.00 5.55
N PRO A 18 18.90 8.51 6.27
CA PRO A 18 18.95 8.64 7.72
C PRO A 18 19.33 7.33 8.41
N TYR A 19 19.71 7.42 9.68
CA TYR A 19 20.10 6.24 10.44
C TYR A 19 18.88 5.61 11.11
N GLY A 20 18.61 4.35 10.75
CA GLY A 20 17.47 3.65 11.33
C GLY A 20 16.96 2.55 10.44
N HIS A 21 15.64 2.50 10.25
CA HIS A 21 15.02 1.49 9.41
C HIS A 21 14.52 2.10 8.11
N GLN A 22 14.05 1.24 7.20
CA GLN A 22 13.54 1.68 5.92
C GLN A 22 12.75 0.58 5.23
N SER A 23 11.45 0.77 5.11
CA SER A 23 10.58 -0.21 4.47
C SER A 23 9.31 0.45 3.94
N GLY A 24 8.55 -0.30 3.14
CA GLY A 24 7.32 0.24 2.58
C GLY A 24 6.38 -0.85 2.11
N ALA A 25 6.48 -2.03 2.72
CA ALA A 25 5.63 -3.16 2.36
C ALA A 25 4.63 -3.48 3.47
N VAL A 26 3.82 -4.50 3.25
CA VAL A 26 2.82 -4.91 4.23
C VAL A 26 2.89 -6.41 4.51
N TYR A 27 3.35 -6.77 5.70
CA TYR A 27 3.45 -8.17 6.08
C TYR A 27 2.23 -8.62 6.86
N VAL A 28 1.47 -9.56 6.29
CA VAL A 28 0.27 -10.06 6.93
C VAL A 28 0.35 -11.58 7.16
N GLY A 29 0.49 -11.97 8.42
CA GLY A 29 0.57 -13.39 8.75
C GLY A 29 1.60 -14.14 7.92
N ASN A 30 1.15 -15.22 7.28
CA ASN A 30 2.04 -16.04 6.45
C ASN A 30 2.10 -15.55 5.02
N TYR A 31 1.60 -14.33 4.79
CA TYR A 31 1.60 -13.72 3.46
C TYR A 31 2.18 -12.31 3.54
N LYS A 32 2.87 -11.88 2.50
CA LYS A 32 3.45 -10.55 2.47
C LYS A 32 3.24 -9.89 1.10
N VAL A 33 2.46 -8.81 1.08
CA VAL A 33 2.20 -8.12 -0.18
C VAL A 33 3.09 -6.89 -0.33
N VAL A 34 3.87 -6.87 -1.40
CA VAL A 34 4.77 -5.76 -1.68
C VAL A 34 4.72 -5.38 -3.16
N ASN A 35 5.18 -4.18 -3.48
CA ASN A 35 5.19 -3.72 -4.86
C ASN A 35 6.05 -4.64 -5.71
N ARG A 36 5.61 -4.91 -6.94
CA ARG A 36 6.34 -5.78 -7.84
C ARG A 36 7.77 -5.28 -8.05
N HIS A 37 7.91 -3.99 -8.32
CA HIS A 37 9.22 -3.39 -8.52
C HIS A 37 10.04 -3.40 -7.22
N LEU A 38 9.41 -3.78 -6.12
CA LEU A 38 10.09 -3.82 -4.83
C LEU A 38 10.19 -5.24 -4.27
N ALA A 39 9.64 -6.23 -4.97
CA ALA A 39 9.70 -7.60 -4.50
C ALA A 39 10.95 -8.31 -5.01
N THR A 40 11.69 -8.92 -4.08
CA THR A 40 12.92 -9.62 -4.44
C THR A 40 12.60 -10.95 -5.13
N HIS A 41 13.59 -11.51 -5.80
CA HIS A 41 13.40 -12.78 -6.52
C HIS A 41 12.83 -13.85 -5.58
N VAL A 42 13.16 -13.73 -4.30
CA VAL A 42 12.68 -14.69 -3.31
C VAL A 42 11.18 -14.51 -3.09
N ASP A 43 10.70 -13.27 -3.21
CA ASP A 43 9.29 -12.99 -3.04
C ASP A 43 8.49 -13.63 -4.16
N TRP A 44 9.00 -13.48 -5.38
CA TRP A 44 8.34 -14.05 -6.55
C TRP A 44 8.51 -15.56 -6.60
N GLN A 45 9.68 -16.03 -6.18
CA GLN A 45 9.98 -17.46 -6.18
C GLN A 45 8.95 -18.23 -5.36
N ASN A 46 8.61 -17.69 -4.19
CA ASN A 46 7.64 -18.32 -3.31
C ASN A 46 6.36 -17.49 -3.26
N CYS A 47 6.05 -16.83 -4.38
CA CYS A 47 4.86 -16.00 -4.47
C CYS A 47 3.61 -16.83 -4.72
N VAL A 48 2.49 -16.33 -4.21
CA VAL A 48 1.20 -17.01 -4.37
C VAL A 48 0.31 -16.26 -5.35
N TRP A 49 0.34 -14.92 -5.29
CA TRP A 49 -0.49 -14.11 -6.19
C TRP A 49 0.26 -12.88 -6.69
N GLU A 50 -0.10 -12.43 -7.90
CA GLU A 50 0.53 -11.26 -8.52
C GLU A 50 -0.49 -10.49 -9.36
N ASP A 51 -0.74 -9.24 -9.00
CA ASP A 51 -1.68 -8.41 -9.74
C ASP A 51 -0.95 -7.34 -10.54
N TYR A 52 -0.88 -7.54 -11.86
CA TYR A 52 -0.20 -6.60 -12.75
C TYR A 52 -0.90 -5.24 -12.75
N ASN A 53 -2.21 -5.24 -12.54
CA ASN A 53 -2.98 -4.01 -12.53
C ASN A 53 -2.62 -3.15 -11.32
N ARG A 54 -2.19 -3.80 -10.25
CA ARG A 54 -1.82 -3.07 -9.04
C ARG A 54 -0.32 -3.19 -8.74
N ASP A 55 0.41 -3.82 -9.65
CA ASP A 55 1.86 -3.99 -9.48
C ASP A 55 2.17 -4.51 -8.07
N LEU A 56 1.31 -5.40 -7.58
CA LEU A 56 1.48 -5.96 -6.25
C LEU A 56 1.41 -7.48 -6.28
N LEU A 57 2.11 -8.12 -5.36
CA LEU A 57 2.13 -9.59 -5.27
C LEU A 57 2.21 -10.06 -3.84
N VAL A 58 1.73 -11.27 -3.59
CA VAL A 58 1.77 -11.84 -2.25
C VAL A 58 2.65 -13.07 -2.21
N SER A 59 3.56 -13.08 -1.24
CA SER A 59 4.48 -14.18 -1.05
C SER A 59 4.29 -14.79 0.34
N THR A 60 4.69 -16.04 0.50
CA THR A 60 4.53 -16.71 1.78
C THR A 60 5.81 -16.66 2.61
N THR A 61 5.66 -16.27 3.86
CA THR A 61 6.78 -16.15 4.78
C THR A 61 6.52 -16.93 6.06
N THR A 62 7.59 -17.24 6.79
CA THR A 62 7.47 -17.99 8.03
C THR A 62 7.98 -17.16 9.21
N ALA A 63 7.38 -15.99 9.40
CA ALA A 63 7.77 -15.10 10.50
C ALA A 63 6.55 -14.55 11.22
N HIS A 64 6.78 -13.62 12.14
CA HIS A 64 5.70 -13.02 12.91
C HIS A 64 5.36 -11.64 12.37
N GLY A 65 4.12 -11.46 11.95
CA GLY A 65 3.70 -10.18 11.41
C GLY A 65 3.37 -9.17 12.49
N CYS A 66 2.79 -8.03 12.10
CA CYS A 66 2.42 -6.99 13.05
C CYS A 66 1.29 -6.13 12.50
N ASP A 67 1.42 -5.73 11.23
CA ASP A 67 0.41 -4.91 10.59
C ASP A 67 -0.91 -5.66 10.48
N THR A 68 -2.02 -4.95 10.67
CA THR A 68 -3.35 -5.55 10.59
C THR A 68 -4.22 -4.80 9.59
N ILE A 69 -4.65 -5.50 8.54
CA ILE A 69 -5.50 -4.90 7.51
C ILE A 69 -6.95 -4.84 7.98
N ALA A 70 -7.60 -3.74 7.67
CA ALA A 70 -8.99 -3.54 8.06
C ALA A 70 -9.96 -3.86 6.92
N ARG A 71 -11.03 -4.58 7.25
CA ARG A 71 -12.04 -4.93 6.26
C ARG A 71 -13.14 -3.89 6.26
N CYS A 72 -12.72 -2.62 6.33
CA CYS A 72 -13.64 -1.49 6.37
C CYS A 72 -13.79 -0.84 5.00
N GLN A 73 -14.79 0.02 4.88
CA GLN A 73 -15.04 0.74 3.63
C GLN A 73 -14.96 2.24 3.88
N CYS A 74 -14.21 2.63 4.91
CA CYS A 74 -14.05 4.04 5.25
C CYS A 74 -13.32 4.79 4.14
N THR A 75 -13.78 6.01 3.86
CA THR A 75 -13.19 6.84 2.82
C THR A 75 -12.08 7.73 3.38
N THR A 76 -11.66 7.45 4.61
CA THR A 76 -10.60 8.23 5.25
C THR A 76 -9.47 7.33 5.73
N GLY A 77 -8.31 7.93 5.96
CA GLY A 77 -7.15 7.17 6.42
C GLY A 77 -5.91 8.02 6.54
N VAL A 78 -5.00 7.62 7.43
CA VAL A 78 -3.76 8.36 7.63
C VAL A 78 -2.59 7.63 6.97
N TYR A 79 -1.71 8.40 6.32
CA TYR A 79 -0.55 7.83 5.64
C TYR A 79 0.73 8.56 6.03
N PHE A 80 1.82 8.24 5.34
CA PHE A 80 3.13 8.86 5.58
C PHE A 80 3.76 8.33 6.87
N CYS A 81 3.50 8.98 8.00
CA CYS A 81 4.06 8.55 9.28
C CYS A 81 5.56 8.77 9.32
N ALA A 82 6.30 8.06 8.47
CA ALA A 82 7.75 8.17 8.43
C ALA A 82 8.19 9.37 7.60
N SER A 83 7.57 9.55 6.43
CA SER A 83 7.90 10.66 5.54
C SER A 83 7.95 11.99 6.30
N LYS A 84 6.77 12.46 6.71
CA LYS A 84 6.69 13.72 7.45
C LYS A 84 7.07 13.52 8.93
N SER A 85 7.39 12.28 9.30
CA SER A 85 7.78 11.97 10.68
C SER A 85 6.55 11.92 11.59
N LYS A 86 5.37 12.14 11.01
CA LYS A 86 4.14 12.12 11.78
C LYS A 86 3.01 11.46 10.97
N HIS A 87 1.91 11.19 11.64
CA HIS A 87 0.75 10.57 10.98
C HIS A 87 -0.12 11.63 10.33
N TYR A 88 -0.24 11.57 9.00
CA TYR A 88 -1.05 12.54 8.27
C TYR A 88 -2.38 11.92 7.86
N PRO A 89 -3.50 12.40 8.44
CA PRO A 89 -4.83 11.90 8.12
C PRO A 89 -5.36 12.50 6.82
N VAL A 90 -5.66 11.64 5.85
CA VAL A 90 -6.14 12.11 4.56
C VAL A 90 -7.36 11.31 4.09
N SER A 91 -8.24 11.99 3.35
CA SER A 91 -9.43 11.35 2.81
C SER A 91 -9.21 11.03 1.33
N PHE A 92 -9.46 9.80 0.94
CA PHE A 92 -9.25 9.39 -0.44
C PHE A 92 -10.44 8.61 -1.00
N GLU A 93 -10.41 8.41 -2.32
CA GLU A 93 -11.45 7.67 -3.01
C GLU A 93 -10.88 6.35 -3.51
N GLY A 94 -11.74 5.38 -3.77
CA GLY A 94 -11.27 4.09 -4.25
C GLY A 94 -11.54 3.87 -5.72
N PRO A 95 -10.90 4.64 -6.61
CA PRO A 95 -11.08 4.48 -8.05
C PRO A 95 -10.52 3.18 -8.57
N GLY A 96 -11.29 2.50 -9.41
CA GLY A 96 -10.88 1.24 -9.98
C GLY A 96 -9.59 1.37 -10.77
N LEU A 97 -9.71 1.70 -12.04
CA LEU A 97 -8.54 1.85 -12.90
C LEU A 97 -8.08 3.30 -12.97
N VAL A 98 -6.84 3.53 -12.54
CA VAL A 98 -6.25 4.86 -12.58
C VAL A 98 -4.96 4.83 -13.37
N GLU A 99 -4.89 5.65 -14.41
CA GLU A 99 -3.71 5.69 -15.27
C GLU A 99 -2.54 6.35 -14.55
N VAL A 100 -1.57 5.53 -14.16
CA VAL A 100 -0.39 6.03 -13.45
C VAL A 100 0.53 6.76 -14.41
N GLN A 101 0.69 8.06 -14.18
CA GLN A 101 1.56 8.90 -15.00
C GLN A 101 3.01 8.58 -14.69
N GLU A 102 3.89 8.74 -15.67
CA GLU A 102 5.30 8.45 -15.45
C GLU A 102 5.89 9.46 -14.47
N SER A 103 6.04 9.03 -13.22
CA SER A 103 6.59 9.87 -12.18
C SER A 103 7.41 9.05 -11.20
N GLU A 104 8.15 9.72 -10.32
CA GLU A 104 8.98 9.06 -9.31
C GLU A 104 9.78 7.89 -9.92
N TYR A 105 9.15 6.72 -10.01
CA TYR A 105 9.81 5.55 -10.58
C TYR A 105 8.76 4.59 -11.16
N TYR A 106 7.60 5.13 -11.52
CA TYR A 106 6.52 4.34 -12.09
C TYR A 106 6.21 4.77 -13.52
N PRO A 107 6.42 3.88 -14.50
CA PRO A 107 6.16 4.20 -15.91
C PRO A 107 4.69 4.53 -16.17
N LYS A 108 4.45 5.40 -17.15
CA LYS A 108 3.08 5.81 -17.49
C LYS A 108 2.24 4.59 -17.91
N ARG A 109 1.77 3.85 -16.91
CA ARG A 109 0.97 2.65 -17.18
C ARG A 109 -0.39 2.72 -16.47
N TYR A 110 -1.18 1.67 -16.67
CA TYR A 110 -2.52 1.57 -16.06
C TYR A 110 -2.45 0.81 -14.74
N GLN A 111 -3.07 1.36 -13.70
CA GLN A 111 -3.08 0.72 -12.38
C GLN A 111 -4.49 0.64 -11.81
N SER A 112 -4.93 -0.58 -11.48
CA SER A 112 -6.27 -0.78 -10.93
C SER A 112 -6.26 -0.88 -9.41
N HIS A 113 -7.42 -0.67 -8.80
CA HIS A 113 -7.57 -0.74 -7.35
C HIS A 113 -6.61 0.21 -6.64
N VAL A 114 -6.67 1.49 -6.98
CA VAL A 114 -5.81 2.48 -6.35
C VAL A 114 -6.61 3.61 -5.70
N LEU A 115 -6.17 4.04 -4.53
CA LEU A 115 -6.83 5.12 -3.80
C LEU A 115 -6.06 6.42 -3.98
N LEU A 116 -6.77 7.53 -4.15
CA LEU A 116 -6.11 8.82 -4.32
C LEU A 116 -6.71 9.92 -3.45
N ALA A 117 -5.85 10.79 -2.94
CA ALA A 117 -6.26 11.91 -2.10
C ALA A 117 -5.28 13.07 -2.23
N THR A 118 -5.79 14.29 -2.12
CA THR A 118 -4.94 15.47 -2.21
C THR A 118 -4.62 16.03 -0.83
N GLY A 119 -3.33 16.04 -0.50
CA GLY A 119 -2.88 16.55 0.79
C GLY A 119 -2.67 18.05 0.79
N PHE A 120 -2.77 18.66 -0.39
CA PHE A 120 -2.57 20.11 -0.53
C PHE A 120 -1.11 20.48 -0.26
N SER A 121 -0.69 20.36 0.98
CA SER A 121 0.68 20.69 1.37
C SER A 121 1.48 19.43 1.67
N GLU A 122 2.09 18.85 0.65
CA GLU A 122 2.88 17.64 0.81
C GLU A 122 4.34 17.88 0.44
N PRO A 123 5.29 17.25 1.15
CA PRO A 123 6.72 17.40 0.88
C PRO A 123 7.08 17.03 -0.56
N GLY A 124 6.86 15.77 -0.91
CA GLY A 124 7.16 15.31 -2.26
C GLY A 124 7.61 13.87 -2.29
N ASP A 125 8.22 13.41 -1.18
CA ASP A 125 8.71 12.05 -1.09
C ASP A 125 7.76 11.19 -0.26
N ALA A 126 7.56 9.95 -0.69
CA ALA A 126 6.68 9.03 0.02
C ALA A 126 7.25 7.62 0.03
N GLY A 127 6.73 6.78 0.92
CA GLY A 127 7.21 5.41 1.01
C GLY A 127 6.69 4.70 2.25
N GLY A 128 5.37 4.48 2.29
CA GLY A 128 4.78 3.81 3.43
C GLY A 128 3.42 3.22 3.11
N ILE A 129 2.83 2.53 4.08
CA ILE A 129 1.52 1.92 3.89
C ILE A 129 0.41 2.80 4.48
N LEU A 130 -0.75 2.79 3.85
CA LEU A 130 -1.87 3.59 4.33
C LEU A 130 -2.69 2.84 5.37
N ARG A 131 -2.66 3.33 6.60
CA ARG A 131 -3.39 2.71 7.70
C ARG A 131 -4.41 3.68 8.29
N CYS A 132 -5.60 3.17 8.59
CA CYS A 132 -6.66 3.98 9.19
C CYS A 132 -6.90 3.51 10.62
N GLU A 133 -7.81 4.21 11.31
CA GLU A 133 -8.13 3.86 12.69
C GLU A 133 -8.59 2.41 12.80
N HIS A 134 -9.02 1.82 11.68
CA HIS A 134 -9.50 0.45 11.66
C HIS A 134 -8.37 -0.54 11.36
N GLY A 135 -7.40 -0.13 10.53
CA GLY A 135 -6.29 -1.01 10.19
C GLY A 135 -5.57 -0.60 8.91
N VAL A 136 -5.01 -1.59 8.22
CA VAL A 136 -4.28 -1.34 6.97
C VAL A 136 -5.23 -1.26 5.78
N ILE A 137 -5.00 -0.27 4.92
CA ILE A 137 -5.83 -0.09 3.73
C ILE A 137 -5.04 -0.44 2.47
N GLY A 138 -3.83 0.10 2.35
CA GLY A 138 -3.02 -0.18 1.18
C GLY A 138 -1.57 0.27 1.33
N LEU A 139 -0.83 0.20 0.23
CA LEU A 139 0.58 0.59 0.23
C LEU A 139 0.82 1.75 -0.72
N VAL A 140 1.96 2.41 -0.58
CA VAL A 140 2.31 3.54 -1.43
C VAL A 140 2.38 3.12 -2.90
N THR A 141 1.57 3.76 -3.74
CA THR A 141 1.56 3.47 -5.17
C THR A 141 2.00 4.69 -5.97
N MET A 142 1.06 5.47 -6.51
CA MET A 142 1.42 6.66 -7.28
C MET A 142 1.58 7.86 -6.36
N GLY A 143 2.26 8.89 -6.86
CA GLY A 143 2.48 10.09 -6.06
C GLY A 143 2.49 11.35 -6.91
N GLY A 144 1.34 12.00 -7.02
CA GLY A 144 1.25 13.22 -7.82
C GLY A 144 1.87 14.41 -7.11
N GLU A 145 1.78 15.58 -7.74
CA GLU A 145 2.34 16.79 -7.16
C GLU A 145 1.50 17.27 -5.99
N GLY A 146 0.25 16.80 -5.92
CA GLY A 146 -0.63 17.20 -4.84
C GLY A 146 -1.54 16.08 -4.36
N VAL A 147 -1.53 14.95 -5.04
CA VAL A 147 -2.37 13.81 -4.66
C VAL A 147 -1.52 12.62 -4.25
N VAL A 148 -2.10 11.72 -3.44
CA VAL A 148 -1.40 10.54 -2.97
C VAL A 148 -2.00 9.25 -3.54
N GLY A 149 -1.19 8.51 -4.30
CA GLY A 149 -1.66 7.27 -4.88
C GLY A 149 -1.30 6.07 -4.04
N PHE A 150 -2.31 5.33 -3.57
CA PHE A 150 -2.07 4.16 -2.75
C PHE A 150 -2.75 2.92 -3.33
N ALA A 151 -2.09 1.77 -3.18
CA ALA A 151 -2.63 0.51 -3.68
C ALA A 151 -3.42 -0.19 -2.57
N ASP A 152 -4.72 -0.31 -2.77
CA ASP A 152 -5.60 -0.94 -1.78
C ASP A 152 -5.33 -2.43 -1.64
N VAL A 153 -5.25 -2.89 -0.39
CA VAL A 153 -5.03 -4.30 -0.10
C VAL A 153 -6.35 -4.99 0.21
N ARG A 154 -7.44 -4.24 0.12
CA ARG A 154 -8.77 -4.77 0.39
C ARG A 154 -9.23 -5.70 -0.73
N ASP A 155 -8.45 -5.79 -1.82
CA ASP A 155 -8.79 -6.64 -2.94
C ASP A 155 -8.11 -8.01 -2.83
N LEU A 156 -7.41 -8.23 -1.73
CA LEU A 156 -6.72 -9.50 -1.49
C LEU A 156 -6.35 -9.62 -0.03
N LEU A 157 -7.35 -9.54 0.83
CA LEU A 157 -7.16 -9.63 2.27
C LEU A 157 -6.82 -11.04 2.74
N TRP A 158 -7.04 -12.03 1.87
CA TRP A 158 -6.75 -13.42 2.24
C TRP A 158 -5.32 -13.57 2.76
N LEU A 159 -5.12 -13.23 4.04
CA LEU A 159 -3.82 -13.32 4.68
C LEU A 159 -3.98 -13.57 6.17
N GLU A 160 -4.89 -12.82 6.80
CA GLU A 160 -5.15 -12.96 8.22
C GLU A 160 -6.54 -12.43 8.57
N ASP A 161 -6.82 -12.32 9.87
CA ASP A 161 -8.11 -11.85 10.34
C ASP A 161 -8.38 -10.44 9.81
N ASP A 162 -9.65 -10.16 9.52
CA ASP A 162 -10.06 -8.85 9.01
C ASP A 162 -10.72 -8.03 10.12
N ALA A 163 -10.67 -6.71 9.99
CA ALA A 163 -11.27 -5.83 11.00
C ALA A 163 -12.79 -5.83 10.90
N MET A 164 -13.44 -6.02 12.04
CA MET A 164 -14.90 -6.06 12.09
C MET A 164 -15.40 -5.36 13.36
N GLU A 165 -16.72 -5.39 13.55
CA GLU A 165 -17.33 -4.77 14.72
C GLU A 165 -18.63 -5.47 15.11
N GLN A 166 -19.47 -5.73 14.11
CA GLN A 166 -20.75 -6.40 14.35
C GLN A 166 -21.64 -5.55 15.26
ZN ZN B . -10.89 2.12 7.92
N GLY A 17 11.64 3.60 13.95
CA GLY A 17 12.83 2.83 13.52
C GLY A 17 14.12 3.57 13.78
N PRO A 18 14.72 3.39 14.97
CA PRO A 18 15.98 4.06 15.34
C PRO A 18 17.07 3.85 14.29
N TYR A 19 17.09 2.65 13.69
CA TYR A 19 18.07 2.33 12.67
C TYR A 19 17.67 1.08 11.90
N GLY A 20 17.67 -0.07 12.58
CA GLY A 20 17.30 -1.31 11.95
C GLY A 20 15.81 -1.54 11.94
N HIS A 21 15.13 -0.92 10.98
CA HIS A 21 13.67 -1.05 10.87
C HIS A 21 13.29 -1.66 9.52
N GLN A 22 12.04 -2.10 9.42
CA GLN A 22 11.54 -2.72 8.19
C GLN A 22 10.20 -2.11 7.79
N SER A 23 10.24 -0.95 7.14
CA SER A 23 9.02 -0.28 6.70
C SER A 23 9.01 -0.11 5.19
N GLY A 24 7.82 -0.17 4.61
CA GLY A 24 7.68 -0.03 3.17
C GLY A 24 6.60 -0.94 2.60
N ALA A 25 6.53 -2.17 3.10
CA ALA A 25 5.55 -3.12 2.63
C ALA A 25 4.59 -3.51 3.75
N VAL A 26 3.62 -4.36 3.42
CA VAL A 26 2.63 -4.80 4.40
C VAL A 26 2.75 -6.30 4.66
N TYR A 27 3.27 -6.65 5.85
CA TYR A 27 3.44 -8.05 6.21
C TYR A 27 2.27 -8.53 7.06
N VAL A 28 1.51 -9.48 6.53
CA VAL A 28 0.36 -10.02 7.25
C VAL A 28 0.49 -11.53 7.47
N GLY A 29 0.68 -11.93 8.73
CA GLY A 29 0.81 -13.33 9.06
C GLY A 29 1.84 -14.06 8.23
N ASN A 30 1.43 -15.16 7.59
CA ASN A 30 2.33 -15.95 6.76
C ASN A 30 2.32 -15.47 5.31
N TYR A 31 1.83 -14.25 5.09
CA TYR A 31 1.77 -13.66 3.77
C TYR A 31 2.36 -12.25 3.80
N LYS A 32 3.04 -11.86 2.73
CA LYS A 32 3.63 -10.53 2.67
C LYS A 32 3.38 -9.89 1.31
N VAL A 33 2.62 -8.80 1.29
CA VAL A 33 2.32 -8.12 0.04
C VAL A 33 3.20 -6.88 -0.13
N VAL A 34 3.96 -6.86 -1.22
CA VAL A 34 4.85 -5.74 -1.52
C VAL A 34 4.77 -5.37 -3.00
N ASN A 35 5.21 -4.17 -3.33
CA ASN A 35 5.20 -3.71 -4.72
C ASN A 35 6.04 -4.65 -5.59
N ARG A 36 5.57 -4.91 -6.80
CA ARG A 36 6.28 -5.81 -7.71
C ARG A 36 7.71 -5.33 -7.95
N HIS A 37 7.86 -4.05 -8.24
CA HIS A 37 9.18 -3.48 -8.49
C HIS A 37 10.03 -3.48 -7.22
N LEU A 38 9.40 -3.80 -6.08
CA LEU A 38 10.11 -3.81 -4.81
C LEU A 38 10.18 -5.21 -4.20
N ALA A 39 9.63 -6.22 -4.88
CA ALA A 39 9.67 -7.58 -4.34
C ALA A 39 10.96 -8.29 -4.73
N THR A 40 11.61 -8.90 -3.75
CA THR A 40 12.85 -9.63 -3.98
C THR A 40 12.58 -10.95 -4.69
N HIS A 41 13.63 -11.53 -5.27
CA HIS A 41 13.50 -12.80 -5.98
C HIS A 41 12.85 -13.85 -5.10
N VAL A 42 13.05 -13.74 -3.80
CA VAL A 42 12.47 -14.68 -2.85
C VAL A 42 10.95 -14.52 -2.79
N ASP A 43 10.49 -13.29 -2.96
CA ASP A 43 9.06 -13.02 -2.93
C ASP A 43 8.40 -13.64 -4.14
N TRP A 44 9.04 -13.48 -5.29
CA TRP A 44 8.52 -14.04 -6.54
C TRP A 44 8.71 -15.55 -6.57
N GLN A 45 9.76 -16.03 -5.91
CA GLN A 45 10.05 -17.46 -5.87
C GLN A 45 8.91 -18.21 -5.21
N ASN A 46 8.40 -17.67 -4.11
CA ASN A 46 7.30 -18.29 -3.39
C ASN A 46 6.07 -17.39 -3.41
N CYS A 47 5.89 -16.67 -4.52
CA CYS A 47 4.76 -15.78 -4.67
C CYS A 47 3.46 -16.55 -4.88
N VAL A 48 2.50 -16.30 -4.02
CA VAL A 48 1.20 -16.97 -4.10
C VAL A 48 0.27 -16.21 -5.04
N TRP A 49 0.31 -14.88 -4.97
CA TRP A 49 -0.54 -14.04 -5.82
C TRP A 49 0.22 -12.81 -6.32
N GLU A 50 -0.16 -12.32 -7.51
CA GLU A 50 0.48 -11.16 -8.10
C GLU A 50 -0.46 -10.42 -9.05
N ASP A 51 -0.80 -9.18 -8.73
CA ASP A 51 -1.69 -8.38 -9.56
C ASP A 51 -0.92 -7.27 -10.28
N TYR A 52 -0.78 -7.42 -11.59
CA TYR A 52 -0.06 -6.44 -12.41
C TYR A 52 -0.78 -5.09 -12.40
N ASN A 53 -2.10 -5.11 -12.27
CA ASN A 53 -2.89 -3.89 -12.26
C ASN A 53 -2.54 -3.01 -11.07
N ARG A 54 -2.09 -3.63 -9.98
CA ARG A 54 -1.71 -2.89 -8.78
C ARG A 54 -0.23 -3.06 -8.45
N ASP A 55 0.51 -3.71 -9.35
CA ASP A 55 1.95 -3.94 -9.14
C ASP A 55 2.21 -4.46 -7.73
N LEU A 56 1.40 -5.43 -7.31
CA LEU A 56 1.53 -6.00 -5.98
C LEU A 56 1.49 -7.53 -6.03
N LEU A 57 2.16 -8.17 -5.08
CA LEU A 57 2.19 -9.63 -5.01
C LEU A 57 2.30 -10.11 -3.57
N VAL A 58 1.85 -11.34 -3.33
CA VAL A 58 1.89 -11.92 -1.99
C VAL A 58 2.77 -13.15 -1.98
N SER A 59 3.66 -13.21 -1.00
CA SER A 59 4.56 -14.32 -0.83
C SER A 59 4.39 -14.91 0.56
N THR A 60 4.76 -16.17 0.73
CA THR A 60 4.62 -16.81 2.04
C THR A 60 5.92 -16.80 2.82
N THR A 61 5.83 -16.34 4.06
CA THR A 61 6.99 -16.25 4.94
C THR A 61 6.77 -17.07 6.21
N THR A 62 7.85 -17.28 6.96
CA THR A 62 7.78 -18.04 8.20
C THR A 62 8.09 -17.16 9.40
N ALA A 63 7.61 -15.92 9.37
CA ALA A 63 7.83 -14.98 10.45
C ALA A 63 6.53 -14.64 11.17
N HIS A 64 6.57 -13.62 12.02
CA HIS A 64 5.40 -13.19 12.76
C HIS A 64 4.77 -11.96 12.13
N GLY A 65 3.45 -11.87 12.19
CA GLY A 65 2.75 -10.74 11.61
C GLY A 65 2.21 -9.80 12.68
N CYS A 66 2.50 -8.51 12.53
CA CYS A 66 2.03 -7.50 13.48
C CYS A 66 1.04 -6.56 12.84
N ASP A 67 1.22 -6.30 11.54
CA ASP A 67 0.33 -5.42 10.81
C ASP A 67 -1.04 -6.04 10.62
N THR A 68 -2.08 -5.25 10.88
CA THR A 68 -3.45 -5.72 10.74
C THR A 68 -4.20 -4.89 9.70
N ILE A 69 -4.63 -5.55 8.63
CA ILE A 69 -5.35 -4.88 7.55
C ILE A 69 -6.79 -4.59 7.95
N ALA A 70 -7.26 -3.40 7.58
CA ALA A 70 -8.62 -2.99 7.89
C ALA A 70 -9.56 -3.24 6.72
N ARG A 71 -10.33 -4.32 6.81
CA ARG A 71 -11.29 -4.67 5.75
C ARG A 71 -12.56 -3.83 5.90
N CYS A 72 -12.38 -2.51 5.84
CA CYS A 72 -13.49 -1.58 5.97
C CYS A 72 -13.63 -0.69 4.73
N GLN A 73 -14.82 -0.13 4.54
CA GLN A 73 -15.08 0.75 3.41
C GLN A 73 -14.92 2.20 3.82
N CYS A 74 -14.23 2.43 4.93
CA CYS A 74 -14.00 3.77 5.43
C CYS A 74 -13.29 4.64 4.39
N THR A 75 -13.86 5.82 4.13
CA THR A 75 -13.28 6.73 3.15
C THR A 75 -12.31 7.72 3.81
N THR A 76 -11.94 7.44 5.06
CA THR A 76 -11.02 8.29 5.79
C THR A 76 -9.89 7.48 6.41
N GLY A 77 -8.66 7.93 6.19
CA GLY A 77 -7.51 7.23 6.74
C GLY A 77 -6.33 8.15 6.96
N VAL A 78 -5.14 7.57 7.09
CA VAL A 78 -3.93 8.35 7.30
C VAL A 78 -2.76 7.78 6.51
N TYR A 79 -2.02 8.67 5.85
CA TYR A 79 -0.86 8.27 5.06
C TYR A 79 0.44 8.72 5.73
N PHE A 80 1.34 7.76 5.95
CA PHE A 80 2.62 8.06 6.58
C PHE A 80 3.77 7.85 5.61
N CYS A 81 4.69 8.81 5.59
CA CYS A 81 5.86 8.72 4.71
C CYS A 81 5.46 8.78 3.23
N ALA A 82 4.26 9.29 2.96
CA ALA A 82 3.78 9.40 1.59
C ALA A 82 4.13 10.75 0.99
N SER A 83 3.91 11.80 1.76
CA SER A 83 4.21 13.16 1.32
C SER A 83 5.32 13.77 2.18
N LYS A 84 5.26 13.47 3.48
CA LYS A 84 6.25 13.96 4.42
C LYS A 84 6.84 12.80 5.23
N SER A 85 7.66 13.11 6.23
CA SER A 85 8.26 12.07 7.06
C SER A 85 7.42 11.81 8.30
N LYS A 86 6.10 12.02 8.18
CA LYS A 86 5.17 11.83 9.27
C LYS A 86 3.85 11.26 8.76
N HIS A 87 2.98 10.87 9.70
CA HIS A 87 1.68 10.33 9.35
C HIS A 87 0.71 11.48 9.10
N TYR A 88 -0.09 11.38 8.05
CA TYR A 88 -1.04 12.43 7.71
C TYR A 88 -2.44 11.89 7.47
N PRO A 89 -3.42 12.27 8.33
CA PRO A 89 -4.80 11.84 8.16
C PRO A 89 -5.43 12.50 6.95
N VAL A 90 -5.89 11.70 6.00
CA VAL A 90 -6.48 12.24 4.78
C VAL A 90 -7.65 11.41 4.28
N SER A 91 -8.56 12.06 3.55
CA SER A 91 -9.71 11.39 2.97
C SER A 91 -9.40 11.00 1.54
N PHE A 92 -9.70 9.76 1.17
CA PHE A 92 -9.41 9.29 -0.18
C PHE A 92 -10.58 8.52 -0.78
N GLU A 93 -10.54 8.36 -2.09
CA GLU A 93 -11.56 7.64 -2.82
C GLU A 93 -10.97 6.35 -3.37
N GLY A 94 -11.83 5.37 -3.66
CA GLY A 94 -11.34 4.10 -4.18
C GLY A 94 -11.60 3.91 -5.66
N PRO A 95 -10.98 4.72 -6.53
CA PRO A 95 -11.17 4.60 -7.98
C PRO A 95 -10.57 3.30 -8.52
N GLY A 96 -11.34 2.62 -9.37
CA GLY A 96 -10.88 1.37 -9.95
C GLY A 96 -9.60 1.53 -10.73
N LEU A 97 -9.70 1.93 -11.98
CA LEU A 97 -8.53 2.11 -12.83
C LEU A 97 -8.08 3.57 -12.87
N VAL A 98 -6.84 3.80 -12.44
CA VAL A 98 -6.27 5.15 -12.46
C VAL A 98 -4.97 5.17 -13.25
N GLU A 99 -4.92 6.01 -14.27
CA GLU A 99 -3.74 6.12 -15.12
C GLU A 99 -2.61 6.81 -14.37
N VAL A 100 -1.60 6.04 -13.98
CA VAL A 100 -0.46 6.59 -13.25
C VAL A 100 0.48 7.36 -14.17
N GLN A 101 0.71 8.62 -13.81
CA GLN A 101 1.59 9.50 -14.58
C GLN A 101 3.05 9.07 -14.43
N GLU A 102 3.85 9.33 -15.45
CA GLU A 102 5.26 8.95 -15.42
C GLU A 102 6.01 9.78 -14.39
N SER A 103 6.27 9.16 -13.24
CA SER A 103 6.97 9.84 -12.16
C SER A 103 7.91 8.89 -11.42
N GLU A 104 8.81 9.45 -10.61
CA GLU A 104 9.75 8.67 -9.83
C GLU A 104 10.57 7.72 -10.72
N TYR A 105 9.99 6.57 -11.05
CA TYR A 105 10.67 5.58 -11.88
C TYR A 105 9.66 4.70 -12.60
N TYR A 106 8.43 5.19 -12.76
CA TYR A 106 7.39 4.43 -13.43
C TYR A 106 6.84 5.20 -14.62
N PRO A 107 6.69 4.53 -15.78
CA PRO A 107 6.16 5.15 -17.01
C PRO A 107 4.64 5.18 -17.04
N LYS A 108 4.08 6.20 -17.68
CA LYS A 108 2.62 6.36 -17.80
C LYS A 108 1.93 5.02 -18.04
N ARG A 109 1.51 4.37 -16.96
CA ARG A 109 0.86 3.07 -17.05
C ARG A 109 -0.52 3.10 -16.39
N TYR A 110 -1.19 1.94 -16.42
CA TYR A 110 -2.51 1.80 -15.83
C TYR A 110 -2.44 1.00 -14.53
N GLN A 111 -3.10 1.52 -13.48
CA GLN A 111 -3.11 0.86 -12.18
C GLN A 111 -4.54 0.71 -11.66
N SER A 112 -4.94 -0.53 -11.35
CA SER A 112 -6.29 -0.78 -10.85
C SER A 112 -6.32 -0.86 -9.33
N HIS A 113 -7.50 -0.60 -8.75
CA HIS A 113 -7.70 -0.65 -7.31
C HIS A 113 -6.74 0.29 -6.58
N VAL A 114 -6.79 1.57 -6.93
CA VAL A 114 -5.91 2.56 -6.30
C VAL A 114 -6.73 3.70 -5.67
N LEU A 115 -6.36 4.07 -4.45
CA LEU A 115 -7.04 5.14 -3.74
C LEU A 115 -6.21 6.42 -3.81
N LEU A 116 -6.87 7.57 -3.85
CA LEU A 116 -6.16 8.84 -3.95
C LEU A 116 -6.68 9.88 -2.95
N ALA A 117 -5.74 10.62 -2.37
CA ALA A 117 -6.07 11.66 -1.40
C ALA A 117 -5.11 12.84 -1.55
N THR A 118 -5.58 14.03 -1.22
CA THR A 118 -4.75 15.23 -1.34
C THR A 118 -4.40 15.78 0.05
N GLY A 119 -3.16 16.24 0.20
CA GLY A 119 -2.72 16.79 1.47
C GLY A 119 -2.00 18.11 1.30
N PHE A 120 -0.71 18.05 0.96
CA PHE A 120 0.08 19.25 0.77
C PHE A 120 0.70 19.28 -0.62
N SER A 121 1.05 20.48 -1.09
CA SER A 121 1.65 20.64 -2.41
C SER A 121 3.14 20.29 -2.37
N GLU A 122 3.47 19.05 -2.70
CA GLU A 122 4.85 18.61 -2.70
C GLU A 122 4.97 17.20 -3.30
N PRO A 123 6.14 16.88 -3.89
CA PRO A 123 6.37 15.56 -4.49
C PRO A 123 6.05 14.42 -3.54
N GLY A 124 6.75 14.39 -2.41
CA GLY A 124 6.53 13.35 -1.43
C GLY A 124 7.75 12.48 -1.20
N ASP A 125 8.23 11.84 -2.26
CA ASP A 125 9.41 10.99 -2.17
C ASP A 125 9.16 9.83 -1.21
N ALA A 126 10.08 8.87 -1.20
CA ALA A 126 9.98 7.71 -0.33
C ALA A 126 8.72 6.91 -0.65
N GLY A 127 8.42 5.91 0.19
CA GLY A 127 7.25 5.09 -0.02
C GLY A 127 6.77 4.44 1.26
N GLY A 128 5.46 4.50 1.50
CA GLY A 128 4.89 3.92 2.69
C GLY A 128 3.59 3.19 2.42
N ILE A 129 2.81 2.96 3.48
CA ILE A 129 1.53 2.28 3.34
C ILE A 129 0.41 3.10 3.96
N LEU A 130 -0.79 3.02 3.36
CA LEU A 130 -1.94 3.75 3.86
C LEU A 130 -2.67 2.94 4.91
N ARG A 131 -2.66 3.42 6.15
CA ARG A 131 -3.32 2.73 7.25
C ARG A 131 -4.41 3.59 7.87
N CYS A 132 -5.54 2.97 8.19
CA CYS A 132 -6.65 3.69 8.80
C CYS A 132 -6.73 3.34 10.29
N GLU A 133 -7.52 4.12 11.03
CA GLU A 133 -7.68 3.89 12.46
C GLU A 133 -8.15 2.47 12.75
N HIS A 134 -8.73 1.82 11.74
CA HIS A 134 -9.23 0.46 11.91
C HIS A 134 -8.17 -0.59 11.54
N GLY A 135 -7.17 -0.19 10.74
CA GLY A 135 -6.13 -1.12 10.35
C GLY A 135 -5.32 -0.64 9.16
N VAL A 136 -4.93 -1.58 8.32
CA VAL A 136 -4.15 -1.29 7.12
C VAL A 136 -5.03 -1.26 5.88
N ILE A 137 -4.82 -0.26 5.03
CA ILE A 137 -5.61 -0.13 3.80
C ILE A 137 -4.85 -0.70 2.61
N GLY A 138 -3.75 -0.06 2.25
CA GLY A 138 -2.96 -0.52 1.12
C GLY A 138 -1.51 -0.08 1.20
N LEU A 139 -0.87 0.02 0.04
CA LEU A 139 0.53 0.44 -0.01
C LEU A 139 0.74 1.55 -1.04
N VAL A 140 1.89 2.22 -0.94
CA VAL A 140 2.21 3.33 -1.84
C VAL A 140 2.19 2.91 -3.31
N THR A 141 1.26 3.48 -4.07
CA THR A 141 1.16 3.19 -5.50
C THR A 141 1.78 4.33 -6.30
N MET A 142 0.98 5.36 -6.61
CA MET A 142 1.49 6.49 -7.36
C MET A 142 1.03 7.82 -6.77
N GLY A 143 1.97 8.73 -6.55
CA GLY A 143 1.63 10.02 -5.98
C GLY A 143 1.76 11.15 -7.00
N GLY A 144 0.94 12.17 -6.84
CA GLY A 144 0.99 13.30 -7.75
C GLY A 144 1.65 14.52 -7.14
N GLU A 145 1.34 15.70 -7.67
CA GLU A 145 1.91 16.93 -7.17
C GLU A 145 1.33 17.30 -5.79
N GLY A 146 0.19 16.71 -5.46
CA GLY A 146 -0.44 16.99 -4.18
C GLY A 146 -1.42 15.92 -3.75
N VAL A 147 -1.35 14.75 -4.39
CA VAL A 147 -2.23 13.64 -4.06
C VAL A 147 -1.44 12.38 -3.76
N VAL A 148 -2.06 11.46 -3.01
CA VAL A 148 -1.40 10.22 -2.63
C VAL A 148 -2.13 9.01 -3.22
N GLY A 149 -1.44 8.25 -4.07
CA GLY A 149 -2.06 7.06 -4.66
C GLY A 149 -1.63 5.79 -3.95
N PHE A 150 -2.58 5.13 -3.30
CA PHE A 150 -2.29 3.90 -2.57
C PHE A 150 -3.08 2.72 -3.14
N ALA A 151 -2.41 1.58 -3.26
CA ALA A 151 -3.06 0.38 -3.77
C ALA A 151 -3.71 -0.39 -2.63
N ASP A 152 -5.02 -0.49 -2.68
CA ASP A 152 -5.78 -1.15 -1.63
C ASP A 152 -5.52 -2.65 -1.58
N VAL A 153 -5.46 -3.19 -0.36
CA VAL A 153 -5.24 -4.61 -0.14
C VAL A 153 -6.57 -5.35 -0.10
N ARG A 154 -7.65 -4.66 -0.46
CA ARG A 154 -8.98 -5.24 -0.45
C ARG A 154 -9.16 -6.26 -1.57
N ASP A 155 -8.15 -6.37 -2.45
CA ASP A 155 -8.21 -7.31 -3.56
C ASP A 155 -7.46 -8.60 -3.24
N LEU A 156 -7.07 -8.77 -1.98
CA LEU A 156 -6.34 -9.97 -1.57
C LEU A 156 -6.08 -9.94 -0.07
N LEU A 157 -7.13 -9.64 0.70
CA LEU A 157 -7.03 -9.57 2.15
C LEU A 157 -6.73 -10.93 2.77
N TRP A 158 -6.91 -12.00 1.99
CA TRP A 158 -6.67 -13.36 2.50
C TRP A 158 -5.26 -13.50 3.08
N LEU A 159 -5.11 -13.07 4.32
CA LEU A 159 -3.83 -13.15 5.03
C LEU A 159 -4.08 -13.32 6.53
N GLU A 160 -5.03 -12.54 7.06
CA GLU A 160 -5.38 -12.60 8.47
C GLU A 160 -6.84 -12.17 8.68
N ASP A 161 -7.23 -12.00 9.93
CA ASP A 161 -8.60 -11.60 10.25
C ASP A 161 -8.95 -10.27 9.59
N ASP A 162 -10.12 -10.24 8.95
CA ASP A 162 -10.57 -9.03 8.26
C ASP A 162 -11.48 -8.20 9.17
N ALA A 163 -11.53 -6.89 8.92
CA ALA A 163 -12.37 -6.00 9.71
C ALA A 163 -13.85 -6.19 9.38
N MET A 164 -14.69 -5.99 10.38
CA MET A 164 -16.13 -6.13 10.18
C MET A 164 -16.88 -4.91 10.73
N GLU A 165 -17.59 -4.22 9.84
CA GLU A 165 -18.35 -3.03 10.23
C GLU A 165 -19.85 -3.25 10.01
N GLN A 166 -20.28 -4.49 10.15
CA GLN A 166 -21.69 -4.84 9.98
C GLN A 166 -22.15 -4.49 8.57
ZN ZN B . -10.85 1.62 8.17
N GLY A 17 22.62 0.31 14.85
CA GLY A 17 21.36 1.08 14.68
C GLY A 17 20.20 0.47 15.43
N PRO A 18 19.99 0.87 16.70
CA PRO A 18 18.89 0.34 17.52
C PRO A 18 17.52 0.81 17.04
N TYR A 19 17.48 2.04 16.52
CA TYR A 19 16.24 2.62 16.03
C TYR A 19 16.30 2.84 14.52
N GLY A 20 15.19 3.27 13.94
CA GLY A 20 15.15 3.52 12.51
C GLY A 20 14.79 2.27 11.72
N HIS A 21 13.90 1.46 12.28
CA HIS A 21 13.47 0.23 11.62
C HIS A 21 12.75 0.53 10.31
N GLN A 22 11.62 1.23 10.42
CA GLN A 22 10.83 1.59 9.24
C GLN A 22 10.36 0.34 8.51
N SER A 23 9.61 0.55 7.43
CA SER A 23 9.10 -0.55 6.63
C SER A 23 8.88 -0.14 5.18
N GLY A 24 8.87 -1.11 4.28
CA GLY A 24 8.67 -0.82 2.87
C GLY A 24 7.69 -1.78 2.21
N ALA A 25 6.78 -2.32 3.00
CA ALA A 25 5.78 -3.25 2.50
C ALA A 25 4.78 -3.63 3.60
N VAL A 26 3.82 -4.49 3.23
CA VAL A 26 2.81 -4.93 4.19
C VAL A 26 2.91 -6.43 4.44
N TYR A 27 3.39 -6.81 5.62
CA TYR A 27 3.53 -8.22 5.96
C TYR A 27 2.36 -8.68 6.83
N VAL A 28 1.57 -9.63 6.30
CA VAL A 28 0.43 -10.15 7.03
C VAL A 28 0.54 -11.66 7.24
N GLY A 29 0.77 -12.06 8.49
CA GLY A 29 0.88 -13.48 8.82
C GLY A 29 1.85 -14.22 7.92
N ASN A 30 1.37 -15.31 7.31
CA ASN A 30 2.19 -16.13 6.42
C ASN A 30 2.13 -15.62 4.98
N TYR A 31 1.60 -14.42 4.78
CA TYR A 31 1.49 -13.82 3.45
C TYR A 31 2.03 -12.40 3.49
N LYS A 32 2.96 -12.08 2.60
CA LYS A 32 3.53 -10.74 2.54
C LYS A 32 3.27 -10.09 1.19
N VAL A 33 2.48 -9.01 1.19
CA VAL A 33 2.18 -8.32 -0.05
C VAL A 33 3.07 -7.08 -0.22
N VAL A 34 3.82 -7.05 -1.32
CA VAL A 34 4.71 -5.94 -1.62
C VAL A 34 4.63 -5.54 -3.08
N ASN A 35 5.08 -4.34 -3.41
CA ASN A 35 5.07 -3.86 -4.78
C ASN A 35 5.91 -4.78 -5.67
N ARG A 36 5.44 -5.03 -6.89
CA ARG A 36 6.16 -5.90 -7.81
C ARG A 36 7.58 -5.41 -8.05
N HIS A 37 7.75 -4.11 -8.24
CA HIS A 37 9.05 -3.53 -8.46
C HIS A 37 9.92 -3.63 -7.21
N LEU A 38 9.30 -3.98 -6.09
CA LEU A 38 10.03 -4.08 -4.82
C LEU A 38 10.07 -5.52 -4.29
N ALA A 39 9.47 -6.47 -5.01
CA ALA A 39 9.48 -7.85 -4.55
C ALA A 39 10.74 -8.58 -5.01
N THR A 40 11.44 -9.19 -4.06
CA THR A 40 12.66 -9.92 -4.35
C THR A 40 12.36 -11.24 -5.02
N HIS A 41 13.40 -11.85 -5.61
CA HIS A 41 13.24 -13.13 -6.31
C HIS A 41 12.57 -14.18 -5.44
N VAL A 42 12.77 -14.10 -4.13
CA VAL A 42 12.18 -15.05 -3.21
C VAL A 42 10.67 -14.82 -3.09
N ASP A 43 10.25 -13.56 -3.22
CA ASP A 43 8.83 -13.23 -3.14
C ASP A 43 8.11 -13.81 -4.34
N TRP A 44 8.71 -13.65 -5.51
CA TRP A 44 8.12 -14.17 -6.73
C TRP A 44 8.25 -15.69 -6.82
N GLN A 45 9.35 -16.20 -6.30
CA GLN A 45 9.59 -17.65 -6.30
C GLN A 45 8.47 -18.39 -5.59
N ASN A 46 8.02 -17.83 -4.48
CA ASN A 46 6.95 -18.43 -3.69
C ASN A 46 5.73 -17.51 -3.65
N CYS A 47 5.49 -16.79 -4.75
CA CYS A 47 4.36 -15.89 -4.83
C CYS A 47 3.06 -16.65 -5.07
N VAL A 48 2.08 -16.42 -4.21
CA VAL A 48 0.79 -17.06 -4.32
C VAL A 48 -0.13 -16.27 -5.23
N TRP A 49 -0.06 -14.94 -5.14
CA TRP A 49 -0.89 -14.07 -5.96
C TRP A 49 -0.09 -12.86 -6.45
N GLU A 50 -0.49 -12.30 -7.59
CA GLU A 50 0.20 -11.15 -8.15
C GLU A 50 -0.66 -10.42 -9.19
N ASP A 51 -0.94 -9.14 -8.93
CA ASP A 51 -1.74 -8.34 -9.85
C ASP A 51 -0.86 -7.33 -10.58
N TYR A 52 -0.49 -7.68 -11.81
CA TYR A 52 0.37 -6.83 -12.63
C TYR A 52 -0.24 -5.44 -12.83
N ASN A 53 -1.56 -5.36 -12.81
CA ASN A 53 -2.23 -4.08 -13.00
C ASN A 53 -1.91 -3.12 -11.87
N ARG A 54 -1.88 -3.64 -10.64
CA ARG A 54 -1.59 -2.83 -9.47
C ARG A 54 -0.14 -2.98 -9.04
N ASP A 55 0.60 -3.87 -9.70
CA ASP A 55 2.00 -4.09 -9.36
C ASP A 55 2.14 -4.56 -7.91
N LEU A 56 1.33 -5.54 -7.54
CA LEU A 56 1.35 -6.08 -6.19
C LEU A 56 1.28 -7.60 -6.21
N LEU A 57 1.95 -8.24 -5.25
CA LEU A 57 1.96 -9.70 -5.17
C LEU A 57 2.02 -10.19 -3.73
N VAL A 58 1.55 -11.40 -3.50
CA VAL A 58 1.57 -11.99 -2.17
C VAL A 58 2.44 -13.24 -2.15
N SER A 59 3.41 -13.25 -1.25
CA SER A 59 4.31 -14.37 -1.10
C SER A 59 4.17 -14.96 0.30
N THR A 60 4.55 -16.22 0.46
CA THR A 60 4.42 -16.87 1.75
C THR A 60 5.73 -16.85 2.53
N THR A 61 5.61 -16.67 3.84
CA THR A 61 6.77 -16.61 4.71
C THR A 61 6.52 -17.40 5.99
N THR A 62 7.57 -17.54 6.80
CA THR A 62 7.48 -18.29 8.06
C THR A 62 7.87 -17.40 9.23
N ALA A 63 7.52 -16.12 9.15
CA ALA A 63 7.84 -15.17 10.21
C ALA A 63 6.59 -14.79 11.01
N HIS A 64 6.72 -13.74 11.82
CA HIS A 64 5.60 -13.28 12.63
C HIS A 64 4.98 -12.02 12.03
N GLY A 65 3.68 -11.87 12.22
CA GLY A 65 2.98 -10.71 11.70
C GLY A 65 3.56 -9.40 12.19
N CYS A 66 2.92 -8.30 11.85
CA CYS A 66 3.38 -6.98 12.27
C CYS A 66 2.23 -5.97 12.31
N ASP A 67 1.40 -5.98 11.27
CA ASP A 67 0.26 -5.08 11.20
C ASP A 67 -1.01 -5.84 10.88
N THR A 68 -2.15 -5.14 10.97
CA THR A 68 -3.45 -5.76 10.70
C THR A 68 -4.20 -4.95 9.64
N ILE A 69 -4.58 -5.62 8.55
CA ILE A 69 -5.30 -4.96 7.46
C ILE A 69 -6.72 -4.64 7.87
N ALA A 70 -7.20 -3.46 7.47
CA ALA A 70 -8.55 -3.04 7.79
C ALA A 70 -9.54 -3.50 6.73
N ARG A 71 -10.55 -4.26 7.15
CA ARG A 71 -11.57 -4.75 6.24
C ARG A 71 -12.76 -3.79 6.23
N CYS A 72 -12.47 -2.51 6.49
CA CYS A 72 -13.50 -1.47 6.53
C CYS A 72 -13.53 -0.69 5.22
N GLN A 73 -14.58 0.10 5.04
CA GLN A 73 -14.73 0.90 3.83
C GLN A 73 -14.75 2.40 4.16
N CYS A 74 -14.08 2.78 5.26
CA CYS A 74 -14.03 4.19 5.66
C CYS A 74 -13.43 5.04 4.55
N THR A 75 -14.09 6.14 4.23
CA THR A 75 -13.62 7.04 3.18
C THR A 75 -12.54 7.99 3.71
N THR A 76 -12.22 7.87 4.99
CA THR A 76 -11.21 8.73 5.62
C THR A 76 -10.16 7.90 6.35
N GLY A 77 -8.91 8.10 5.98
CA GLY A 77 -7.81 7.38 6.62
C GLY A 77 -6.60 8.26 6.79
N VAL A 78 -5.46 7.66 7.15
CA VAL A 78 -4.23 8.42 7.34
C VAL A 78 -3.03 7.66 6.80
N TYR A 79 -2.19 8.36 6.04
CA TYR A 79 -1.00 7.77 5.46
C TYR A 79 0.25 8.51 5.95
N PHE A 80 1.25 7.74 6.38
CA PHE A 80 2.49 8.31 6.88
C PHE A 80 3.36 8.85 5.75
N CYS A 81 4.24 9.78 6.09
CA CYS A 81 5.14 10.40 5.11
C CYS A 81 4.36 11.21 4.08
N ALA A 82 3.65 12.23 4.55
CA ALA A 82 2.87 13.08 3.67
C ALA A 82 3.68 14.29 3.23
N SER A 83 4.37 14.92 4.19
CA SER A 83 5.20 16.09 3.90
C SER A 83 5.79 16.66 5.19
N LYS A 84 6.14 15.78 6.12
CA LYS A 84 6.72 16.21 7.39
C LYS A 84 7.13 15.03 8.26
N SER A 85 7.55 13.94 7.61
CA SER A 85 7.96 12.73 8.34
C SER A 85 6.98 12.39 9.45
N LYS A 86 5.71 12.72 9.21
CA LYS A 86 4.65 12.47 10.18
C LYS A 86 3.43 11.87 9.50
N HIS A 87 2.46 11.45 10.30
CA HIS A 87 1.24 10.86 9.76
C HIS A 87 0.27 11.98 9.38
N TYR A 88 -0.40 11.82 8.25
CA TYR A 88 -1.33 12.84 7.76
C TYR A 88 -2.71 12.25 7.49
N PRO A 89 -3.74 12.67 8.26
CA PRO A 89 -5.10 12.19 8.04
C PRO A 89 -5.63 12.73 6.72
N VAL A 90 -5.99 11.83 5.82
CA VAL A 90 -6.48 12.23 4.50
C VAL A 90 -7.65 11.38 4.02
N SER A 91 -8.60 12.02 3.37
CA SER A 91 -9.76 11.33 2.82
C SER A 91 -9.47 10.96 1.37
N PHE A 92 -9.75 9.72 0.99
CA PHE A 92 -9.47 9.28 -0.37
C PHE A 92 -10.63 8.47 -0.96
N GLU A 93 -10.56 8.28 -2.27
CA GLU A 93 -11.57 7.51 -2.99
C GLU A 93 -10.94 6.22 -3.51
N GLY A 94 -11.76 5.23 -3.79
CA GLY A 94 -11.24 3.96 -4.26
C GLY A 94 -11.45 3.73 -5.74
N PRO A 95 -10.79 4.52 -6.62
CA PRO A 95 -10.92 4.36 -8.07
C PRO A 95 -10.32 3.04 -8.55
N GLY A 96 -11.08 2.36 -9.42
CA GLY A 96 -10.62 1.10 -9.95
C GLY A 96 -9.26 1.18 -10.61
N LEU A 97 -9.24 1.61 -11.87
CA LEU A 97 -7.99 1.73 -12.60
C LEU A 97 -7.55 3.19 -12.74
N VAL A 98 -6.37 3.50 -12.22
CA VAL A 98 -5.82 4.84 -12.30
C VAL A 98 -4.48 4.82 -13.02
N GLU A 99 -4.39 5.57 -14.12
CA GLU A 99 -3.16 5.64 -14.89
C GLU A 99 -2.11 6.51 -14.20
N VAL A 100 -1.08 5.88 -13.65
CA VAL A 100 -0.02 6.60 -12.96
C VAL A 100 0.88 7.32 -13.95
N GLN A 101 1.01 8.63 -13.76
CA GLN A 101 1.84 9.47 -14.63
C GLN A 101 3.32 9.15 -14.43
N GLU A 102 4.11 9.31 -15.47
CA GLU A 102 5.54 9.03 -15.39
C GLU A 102 6.23 10.03 -14.47
N SER A 103 6.52 9.60 -13.25
CA SER A 103 7.18 10.45 -12.26
C SER A 103 8.15 9.65 -11.40
N GLU A 104 9.09 10.35 -10.77
CA GLU A 104 10.07 9.72 -9.89
C GLU A 104 10.86 8.63 -10.61
N TYR A 105 10.27 7.44 -10.70
CA TYR A 105 10.92 6.32 -11.36
C TYR A 105 9.88 5.31 -11.86
N TYR A 106 8.67 5.80 -12.13
CA TYR A 106 7.59 4.95 -12.60
C TYR A 106 7.06 5.46 -13.94
N PRO A 107 7.05 4.61 -14.98
CA PRO A 107 6.56 4.97 -16.31
C PRO A 107 5.04 5.03 -16.39
N LYS A 108 4.52 5.92 -17.24
CA LYS A 108 3.08 6.07 -17.42
C LYS A 108 2.39 4.72 -17.56
N ARG A 109 1.99 4.13 -16.43
CA ARG A 109 1.33 2.82 -16.45
C ARG A 109 -0.03 2.86 -15.76
N TYR A 110 -0.74 1.74 -15.84
CA TYR A 110 -2.06 1.60 -15.23
C TYR A 110 -1.98 0.86 -13.90
N GLN A 111 -2.64 1.41 -12.88
CA GLN A 111 -2.65 0.80 -11.55
C GLN A 111 -4.07 0.43 -11.12
N SER A 112 -4.31 -0.87 -10.91
CA SER A 112 -5.63 -1.34 -10.51
C SER A 112 -5.83 -1.22 -8.99
N HIS A 113 -7.06 -0.94 -8.60
CA HIS A 113 -7.41 -0.81 -7.18
C HIS A 113 -6.49 0.16 -6.44
N VAL A 114 -6.55 1.43 -6.81
CA VAL A 114 -5.71 2.43 -6.16
C VAL A 114 -6.56 3.56 -5.57
N LEU A 115 -6.16 4.06 -4.40
CA LEU A 115 -6.89 5.14 -3.75
C LEU A 115 -6.14 6.45 -3.94
N LEU A 116 -6.89 7.55 -4.13
CA LEU A 116 -6.25 8.84 -4.35
C LEU A 116 -6.87 9.95 -3.49
N ALA A 117 -6.02 10.84 -2.99
CA ALA A 117 -6.45 11.96 -2.16
C ALA A 117 -5.49 13.14 -2.30
N THR A 118 -6.02 14.35 -2.23
CA THR A 118 -5.20 15.54 -2.34
C THR A 118 -4.88 16.14 -0.98
N GLY A 119 -3.60 16.40 -0.73
CA GLY A 119 -3.18 16.96 0.53
C GLY A 119 -2.70 18.40 0.40
N PHE A 120 -1.42 18.62 0.67
CA PHE A 120 -0.84 19.96 0.59
C PHE A 120 0.63 19.88 0.17
N SER A 121 0.97 18.85 -0.59
CA SER A 121 2.34 18.66 -1.06
C SER A 121 2.51 19.18 -2.48
N GLU A 122 3.59 18.77 -3.14
CA GLU A 122 3.87 19.18 -4.51
C GLU A 122 4.85 18.24 -5.18
N PRO A 123 6.10 18.19 -4.71
CA PRO A 123 7.13 17.30 -5.28
C PRO A 123 6.86 15.83 -4.98
N GLY A 124 6.42 15.55 -3.76
CA GLY A 124 6.13 14.18 -3.38
C GLY A 124 7.30 13.49 -2.72
N ASP A 125 7.03 12.75 -1.66
CA ASP A 125 8.08 12.04 -0.93
C ASP A 125 7.92 10.53 -1.07
N ALA A 126 6.67 10.07 -1.09
CA ALA A 126 6.38 8.65 -1.23
C ALA A 126 6.96 7.85 -0.07
N GLY A 127 6.63 6.57 -0.01
CA GLY A 127 7.13 5.72 1.06
C GLY A 127 6.21 5.71 2.27
N GLY A 128 5.52 4.58 2.48
CA GLY A 128 4.62 4.47 3.61
C GLY A 128 3.34 3.73 3.25
N ILE A 129 2.68 3.17 4.26
CA ILE A 129 1.45 2.44 4.04
C ILE A 129 0.25 3.21 4.60
N LEU A 130 -0.89 3.09 3.94
CA LEU A 130 -2.11 3.78 4.38
C LEU A 130 -2.87 2.91 5.37
N ARG A 131 -3.00 3.41 6.60
CA ARG A 131 -3.71 2.68 7.65
C ARG A 131 -4.94 3.43 8.15
N CYS A 132 -5.97 2.68 8.51
CA CYS A 132 -7.21 3.24 9.04
C CYS A 132 -7.29 2.95 10.53
N GLU A 133 -8.19 3.64 11.22
CA GLU A 133 -8.35 3.41 12.65
C GLU A 133 -8.66 1.94 12.93
N HIS A 134 -9.07 1.21 11.89
CA HIS A 134 -9.41 -0.20 12.01
C HIS A 134 -8.20 -1.08 11.68
N GLY A 135 -7.39 -0.68 10.70
CA GLY A 135 -6.23 -1.47 10.33
C GLY A 135 -5.41 -0.89 9.18
N VAL A 136 -5.00 -1.76 8.26
CA VAL A 136 -4.20 -1.36 7.10
C VAL A 136 -5.01 -1.32 5.81
N ILE A 137 -4.82 -0.27 5.02
CA ILE A 137 -5.50 -0.14 3.74
C ILE A 137 -4.61 -0.67 2.62
N GLY A 138 -3.32 -0.37 2.71
CA GLY A 138 -2.38 -0.82 1.71
C GLY A 138 -1.08 -0.06 1.73
N LEU A 139 -0.38 -0.05 0.60
CA LEU A 139 0.90 0.64 0.49
C LEU A 139 0.82 1.77 -0.54
N VAL A 140 1.79 2.67 -0.50
CA VAL A 140 1.82 3.79 -1.42
C VAL A 140 2.11 3.33 -2.85
N THR A 141 1.30 3.82 -3.79
CA THR A 141 1.46 3.47 -5.20
C THR A 141 2.12 4.62 -5.95
N MET A 142 1.32 5.56 -6.45
CA MET A 142 1.87 6.69 -7.19
C MET A 142 1.29 8.02 -6.68
N GLY A 143 1.96 9.11 -7.02
CA GLY A 143 1.51 10.42 -6.58
C GLY A 143 1.51 11.44 -7.70
N GLY A 144 0.61 12.42 -7.62
CA GLY A 144 0.54 13.45 -8.64
C GLY A 144 1.14 14.76 -8.18
N GLU A 145 0.65 15.86 -8.75
CA GLU A 145 1.15 17.19 -8.38
C GLU A 145 0.66 17.60 -6.99
N GLY A 146 -0.39 16.94 -6.52
CA GLY A 146 -0.92 17.25 -5.20
C GLY A 146 -1.85 16.18 -4.66
N VAL A 147 -1.80 14.99 -5.25
CA VAL A 147 -2.63 13.87 -4.82
C VAL A 147 -1.78 12.69 -4.37
N VAL A 148 -2.36 11.84 -3.54
CA VAL A 148 -1.65 10.67 -3.03
C VAL A 148 -2.29 9.37 -3.51
N GLY A 149 -1.52 8.58 -4.26
CA GLY A 149 -2.04 7.32 -4.75
C GLY A 149 -1.56 6.15 -3.92
N PHE A 150 -2.50 5.37 -3.40
CA PHE A 150 -2.16 4.22 -2.57
C PHE A 150 -2.81 2.94 -3.11
N ALA A 151 -2.05 1.84 -3.06
CA ALA A 151 -2.54 0.55 -3.52
C ALA A 151 -3.25 -0.18 -2.39
N ASP A 152 -4.55 -0.38 -2.55
CA ASP A 152 -5.36 -1.04 -1.51
C ASP A 152 -5.10 -2.54 -1.44
N VAL A 153 -5.18 -3.08 -0.23
CA VAL A 153 -4.99 -4.51 0.01
C VAL A 153 -6.35 -5.19 0.28
N ARG A 154 -7.42 -4.41 0.12
CA ARG A 154 -8.76 -4.93 0.33
C ARG A 154 -9.18 -5.89 -0.79
N ASP A 155 -8.35 -5.98 -1.83
CA ASP A 155 -8.65 -6.86 -2.95
C ASP A 155 -7.99 -8.23 -2.79
N LEU A 156 -7.41 -8.47 -1.62
CA LEU A 156 -6.74 -9.73 -1.32
C LEU A 156 -6.38 -9.79 0.16
N LEU A 157 -7.41 -9.71 1.00
CA LEU A 157 -7.24 -9.74 2.44
C LEU A 157 -6.91 -11.14 2.96
N TRP A 158 -7.12 -12.16 2.12
CA TRP A 158 -6.84 -13.53 2.53
C TRP A 158 -5.40 -13.69 3.03
N LEU A 159 -5.18 -13.33 4.28
CA LEU A 159 -3.86 -13.42 4.91
C LEU A 159 -4.01 -13.66 6.41
N GLU A 160 -4.88 -12.87 7.04
CA GLU A 160 -5.13 -12.98 8.48
C GLU A 160 -6.53 -12.48 8.83
N ASP A 161 -6.80 -12.34 10.12
CA ASP A 161 -8.10 -11.87 10.57
C ASP A 161 -8.42 -10.49 10.00
N ASP A 162 -9.67 -10.29 9.60
CA ASP A 162 -10.10 -9.02 9.04
C ASP A 162 -10.68 -8.10 10.13
N ALA A 163 -10.62 -6.79 9.90
CA ALA A 163 -11.13 -5.83 10.87
C ALA A 163 -12.65 -5.72 10.77
N MET A 164 -13.28 -5.42 11.90
CA MET A 164 -14.73 -5.28 11.95
C MET A 164 -15.19 -4.92 13.37
N GLU A 165 -14.54 -5.52 14.36
CA GLU A 165 -14.89 -5.26 15.76
C GLU A 165 -13.64 -4.94 16.58
N GLN A 166 -12.65 -4.34 15.93
CA GLN A 166 -11.40 -3.99 16.60
C GLN A 166 -11.50 -2.61 17.24
ZN ZN B . -11.78 2.14 8.95
N GLY A 17 10.67 -9.60 13.58
CA GLY A 17 10.92 -9.73 12.12
C GLY A 17 12.07 -8.85 11.65
N PRO A 18 12.06 -8.43 10.37
CA PRO A 18 13.11 -7.59 9.81
C PRO A 18 13.07 -6.17 10.38
N TYR A 19 14.25 -5.56 10.52
CA TYR A 19 14.35 -4.20 11.05
C TYR A 19 15.51 -3.45 10.40
N GLY A 20 15.20 -2.38 9.69
CA GLY A 20 16.23 -1.59 9.04
C GLY A 20 16.01 -0.10 9.21
N HIS A 21 16.34 0.65 8.16
CA HIS A 21 16.18 2.11 8.19
C HIS A 21 15.02 2.55 7.30
N GLN A 22 15.00 2.03 6.08
CA GLN A 22 13.94 2.36 5.13
C GLN A 22 13.07 1.15 4.82
N SER A 23 11.81 1.40 4.51
CA SER A 23 10.88 0.31 4.20
C SER A 23 9.57 0.87 3.64
N GLY A 24 8.64 -0.02 3.32
CA GLY A 24 7.36 0.40 2.77
C GLY A 24 6.54 -0.76 2.23
N ALA A 25 6.52 -1.85 2.98
CA ALA A 25 5.76 -3.03 2.58
C ALA A 25 4.84 -3.51 3.69
N VAL A 26 3.79 -4.23 3.31
CA VAL A 26 2.83 -4.74 4.29
C VAL A 26 3.02 -6.25 4.51
N TYR A 27 3.35 -6.61 5.75
CA TYR A 27 3.56 -8.02 6.09
C TYR A 27 2.39 -8.54 6.92
N VAL A 28 1.66 -9.51 6.38
CA VAL A 28 0.52 -10.10 7.08
C VAL A 28 0.70 -11.60 7.29
N GLY A 29 0.82 -12.01 8.55
CA GLY A 29 0.98 -13.41 8.88
C GLY A 29 2.03 -14.12 8.03
N ASN A 30 1.62 -15.19 7.36
CA ASN A 30 2.52 -15.96 6.50
C ASN A 30 2.52 -15.43 5.07
N TYR A 31 2.01 -14.22 4.88
CA TYR A 31 1.96 -13.60 3.57
C TYR A 31 2.52 -12.18 3.65
N LYS A 32 3.14 -11.72 2.56
CA LYS A 32 3.69 -10.37 2.53
C LYS A 32 3.42 -9.72 1.17
N VAL A 33 2.61 -8.66 1.19
CA VAL A 33 2.29 -7.97 -0.06
C VAL A 33 3.13 -6.70 -0.20
N VAL A 34 3.89 -6.63 -1.30
CA VAL A 34 4.75 -5.48 -1.57
C VAL A 34 4.63 -5.05 -3.03
N ASN A 35 5.05 -3.80 -3.30
CA ASN A 35 5.00 -3.27 -4.65
C ASN A 35 5.88 -4.09 -5.58
N ARG A 36 5.43 -4.30 -6.82
CA ARG A 36 6.18 -5.08 -7.79
C ARG A 36 7.58 -4.49 -7.99
N HIS A 37 7.63 -3.18 -8.17
CA HIS A 37 8.90 -2.50 -8.37
C HIS A 37 9.73 -2.50 -7.08
N LEU A 38 9.10 -2.91 -5.98
CA LEU A 38 9.77 -2.95 -4.69
C LEU A 38 10.03 -4.39 -4.24
N ALA A 39 9.41 -5.36 -4.91
CA ALA A 39 9.60 -6.76 -4.56
C ALA A 39 11.00 -7.23 -4.91
N THR A 40 11.49 -8.19 -4.16
CA THR A 40 12.83 -8.73 -4.39
C THR A 40 12.74 -10.10 -5.05
N HIS A 41 13.87 -10.61 -5.52
CA HIS A 41 13.92 -11.91 -6.18
C HIS A 41 13.32 -12.99 -5.27
N VAL A 42 13.45 -12.78 -3.97
CA VAL A 42 12.92 -13.71 -2.97
C VAL A 42 11.40 -13.61 -2.87
N ASP A 43 10.86 -12.42 -3.10
CA ASP A 43 9.43 -12.22 -3.03
C ASP A 43 8.74 -12.97 -4.14
N TRP A 44 9.32 -12.87 -5.34
CA TRP A 44 8.79 -13.56 -6.49
C TRP A 44 9.07 -15.05 -6.43
N GLN A 45 10.21 -15.41 -5.83
CA GLN A 45 10.60 -16.81 -5.70
C GLN A 45 9.53 -17.59 -4.94
N ASN A 46 9.00 -16.98 -3.89
CA ASN A 46 7.96 -17.62 -3.08
C ASN A 46 6.66 -16.83 -3.17
N CYS A 47 6.42 -16.23 -4.33
CA CYS A 47 5.21 -15.44 -4.55
C CYS A 47 4.01 -16.31 -4.84
N VAL A 48 2.92 -16.08 -4.11
CA VAL A 48 1.70 -16.84 -4.29
C VAL A 48 0.77 -16.12 -5.28
N TRP A 49 0.70 -14.80 -5.17
CA TRP A 49 -0.17 -14.02 -6.06
C TRP A 49 0.51 -12.72 -6.50
N GLU A 50 0.10 -12.22 -7.66
CA GLU A 50 0.65 -10.98 -8.21
C GLU A 50 -0.36 -10.33 -9.16
N ASP A 51 -0.76 -9.10 -8.82
CA ASP A 51 -1.73 -8.37 -9.64
C ASP A 51 -1.03 -7.34 -10.54
N TYR A 52 -1.16 -7.54 -11.85
CA TYR A 52 -0.57 -6.64 -12.83
C TYR A 52 -1.21 -5.27 -12.76
N ASN A 53 -2.54 -5.23 -12.66
CA ASN A 53 -3.27 -3.98 -12.58
C ASN A 53 -3.04 -3.29 -11.24
N ARG A 54 -2.44 -4.01 -10.30
CA ARG A 54 -2.17 -3.44 -8.98
C ARG A 54 -0.68 -3.37 -8.70
N ASP A 55 0.13 -3.90 -9.62
CA ASP A 55 1.59 -3.89 -9.45
C ASP A 55 1.95 -4.35 -8.05
N LEU A 56 1.17 -5.27 -7.51
CA LEU A 56 1.39 -5.80 -6.17
C LEU A 56 1.45 -7.32 -6.19
N LEU A 57 2.16 -7.90 -5.23
CA LEU A 57 2.29 -9.35 -5.15
C LEU A 57 2.38 -9.83 -3.71
N VAL A 58 2.01 -11.09 -3.48
CA VAL A 58 2.05 -11.67 -2.15
C VAL A 58 2.98 -12.86 -2.13
N SER A 59 3.89 -12.87 -1.15
CA SER A 59 4.84 -13.94 -0.98
C SER A 59 4.66 -14.57 0.40
N THR A 60 5.10 -15.81 0.56
CA THR A 60 4.96 -16.50 1.84
C THR A 60 6.24 -16.43 2.64
N THR A 61 6.12 -15.99 3.89
CA THR A 61 7.25 -15.87 4.79
C THR A 61 7.29 -17.01 5.80
N THR A 62 6.12 -17.47 6.20
CA THR A 62 6.01 -18.56 7.17
C THR A 62 6.49 -18.12 8.55
N ALA A 63 5.85 -17.09 9.10
CA ALA A 63 6.21 -16.57 10.40
C ALA A 63 5.02 -15.93 11.10
N HIS A 64 5.28 -15.22 12.18
CA HIS A 64 4.21 -14.55 12.94
C HIS A 64 3.84 -13.22 12.28
N GLY A 65 2.57 -12.85 12.41
CA GLY A 65 2.10 -11.60 11.82
C GLY A 65 2.15 -10.44 12.81
N CYS A 66 2.28 -9.23 12.28
CA CYS A 66 2.33 -8.03 13.11
C CYS A 66 1.28 -7.02 12.66
N ASP A 67 1.41 -6.54 11.43
CA ASP A 67 0.47 -5.57 10.88
C ASP A 67 -0.89 -6.21 10.65
N THR A 68 -1.96 -5.42 10.82
CA THR A 68 -3.31 -5.92 10.62
C THR A 68 -4.06 -5.09 9.59
N ILE A 69 -4.45 -5.73 8.50
CA ILE A 69 -5.17 -5.04 7.43
C ILE A 69 -6.60 -4.74 7.86
N ALA A 70 -7.08 -3.55 7.51
CA ALA A 70 -8.44 -3.16 7.86
C ALA A 70 -9.39 -3.41 6.71
N ARG A 71 -10.45 -4.18 6.98
CA ARG A 71 -11.45 -4.49 5.97
C ARG A 71 -12.57 -3.45 5.96
N CYS A 72 -12.20 -2.21 6.26
CA CYS A 72 -13.16 -1.11 6.29
C CYS A 72 -13.11 -0.30 5.00
N GLN A 73 -14.10 0.55 4.81
CA GLN A 73 -14.17 1.39 3.61
C GLN A 73 -14.23 2.87 3.98
N CYS A 74 -13.47 3.27 4.99
CA CYS A 74 -13.44 4.66 5.42
C CYS A 74 -12.78 5.54 4.37
N THR A 75 -13.43 6.65 4.03
CA THR A 75 -12.88 7.58 3.05
C THR A 75 -11.77 8.42 3.65
N THR A 76 -11.57 8.29 4.97
CA THR A 76 -10.54 9.05 5.66
C THR A 76 -9.51 8.11 6.29
N GLY A 77 -8.25 8.32 5.93
CA GLY A 77 -7.17 7.50 6.46
C GLY A 77 -5.87 8.29 6.56
N VAL A 78 -4.93 7.79 7.34
CA VAL A 78 -3.65 8.48 7.50
C VAL A 78 -2.55 7.86 6.64
N TYR A 79 -1.80 8.73 5.96
CA TYR A 79 -0.72 8.30 5.08
C TYR A 79 0.62 8.86 5.54
N PHE A 80 1.65 8.70 4.70
CA PHE A 80 2.99 9.18 5.01
C PHE A 80 3.61 8.40 6.18
N CYS A 81 3.42 8.88 7.41
CA CYS A 81 3.97 8.20 8.58
C CYS A 81 5.49 8.35 8.64
N ALA A 82 6.17 7.79 7.64
CA ALA A 82 7.63 7.85 7.60
C ALA A 82 8.12 9.08 6.84
N SER A 83 7.43 9.42 5.75
CA SER A 83 7.81 10.57 4.93
C SER A 83 8.11 11.80 5.80
N LYS A 84 7.07 12.34 6.44
CA LYS A 84 7.22 13.50 7.30
C LYS A 84 7.57 13.09 8.72
N SER A 85 7.87 11.80 8.92
CA SER A 85 8.21 11.28 10.24
C SER A 85 7.01 11.36 11.18
N LYS A 86 5.82 11.61 10.63
CA LYS A 86 4.61 11.70 11.42
C LYS A 86 3.41 11.13 10.67
N HIS A 87 2.31 10.94 11.38
CA HIS A 87 1.09 10.40 10.78
C HIS A 87 0.24 11.52 10.20
N TYR A 88 0.04 11.50 8.88
CA TYR A 88 -0.75 12.53 8.23
C TYR A 88 -2.12 11.97 7.79
N PRO A 89 -3.21 12.46 8.41
CA PRO A 89 -4.57 12.01 8.08
C PRO A 89 -5.09 12.70 6.82
N VAL A 90 -5.77 11.95 5.97
CA VAL A 90 -6.31 12.49 4.72
C VAL A 90 -7.56 11.75 4.28
N SER A 91 -8.32 12.39 3.40
CA SER A 91 -9.53 11.79 2.85
C SER A 91 -9.29 11.39 1.41
N PHE A 92 -9.56 10.14 1.07
CA PHE A 92 -9.33 9.66 -0.29
C PHE A 92 -10.56 8.97 -0.87
N GLU A 93 -10.51 8.78 -2.18
CA GLU A 93 -11.57 8.11 -2.91
C GLU A 93 -11.06 6.77 -3.43
N GLY A 94 -11.97 5.86 -3.74
CA GLY A 94 -11.55 4.55 -4.22
C GLY A 94 -11.82 4.32 -5.70
N PRO A 95 -11.17 5.08 -6.60
CA PRO A 95 -11.36 4.90 -8.04
C PRO A 95 -10.82 3.57 -8.54
N GLY A 96 -11.57 2.92 -9.42
CA GLY A 96 -11.17 1.64 -9.95
C GLY A 96 -9.87 1.72 -10.75
N LEU A 97 -9.99 1.96 -12.05
CA LEU A 97 -8.82 2.04 -12.92
C LEU A 97 -8.25 3.45 -12.97
N VAL A 98 -6.99 3.58 -12.56
CA VAL A 98 -6.29 4.85 -12.60
C VAL A 98 -5.00 4.71 -13.39
N GLU A 99 -4.85 5.52 -14.42
CA GLU A 99 -3.66 5.46 -15.26
C GLU A 99 -2.45 6.02 -14.53
N VAL A 100 -1.55 5.13 -14.14
CA VAL A 100 -0.34 5.53 -13.42
C VAL A 100 0.74 6.00 -14.40
N GLN A 101 1.07 7.28 -14.32
CA GLN A 101 2.07 7.88 -15.17
C GLN A 101 3.47 7.47 -14.73
N GLU A 102 4.41 7.39 -15.67
CA GLU A 102 5.76 6.99 -15.32
C GLU A 102 6.41 8.05 -14.45
N SER A 103 6.44 7.79 -13.15
CA SER A 103 7.03 8.72 -12.19
C SER A 103 7.70 7.95 -11.05
N GLU A 104 8.40 8.69 -10.19
CA GLU A 104 9.06 8.09 -9.04
C GLU A 104 9.81 6.80 -9.43
N TYR A 105 9.09 5.68 -9.43
CA TYR A 105 9.67 4.38 -9.78
C TYR A 105 8.61 3.48 -10.40
N TYR A 106 7.56 4.09 -10.95
CA TYR A 106 6.47 3.34 -11.57
C TYR A 106 6.38 3.65 -13.06
N PRO A 107 6.00 2.64 -13.88
CA PRO A 107 5.88 2.79 -15.33
C PRO A 107 4.51 3.34 -15.74
N LYS A 108 4.49 4.08 -16.86
CA LYS A 108 3.26 4.66 -17.36
C LYS A 108 2.29 3.57 -17.82
N ARG A 109 1.70 2.86 -16.86
CA ARG A 109 0.76 1.79 -17.17
C ARG A 109 -0.60 2.01 -16.49
N TYR A 110 -1.50 1.06 -16.69
CA TYR A 110 -2.84 1.13 -16.10
C TYR A 110 -2.88 0.35 -14.79
N GLN A 111 -3.44 0.97 -13.74
CA GLN A 111 -3.53 0.33 -12.44
C GLN A 111 -4.94 0.43 -11.87
N SER A 112 -5.52 -0.71 -11.50
CA SER A 112 -6.87 -0.74 -10.95
C SER A 112 -6.86 -0.91 -9.43
N HIS A 113 -7.92 -0.42 -8.78
CA HIS A 113 -8.05 -0.52 -7.33
C HIS A 113 -7.06 0.40 -6.61
N VAL A 114 -7.08 1.68 -6.96
CA VAL A 114 -6.18 2.64 -6.33
C VAL A 114 -6.95 3.80 -5.70
N LEU A 115 -6.49 4.26 -4.54
CA LEU A 115 -7.13 5.36 -3.83
C LEU A 115 -6.28 6.61 -3.93
N LEU A 116 -6.92 7.78 -3.99
CA LEU A 116 -6.18 9.03 -4.11
C LEU A 116 -6.69 10.09 -3.12
N ALA A 117 -5.75 10.74 -2.45
CA ALA A 117 -6.07 11.79 -1.48
C ALA A 117 -5.14 12.98 -1.65
N THR A 118 -5.62 14.16 -1.32
CA THR A 118 -4.83 15.38 -1.45
C THR A 118 -4.44 15.91 -0.07
N GLY A 119 -3.15 16.18 0.12
CA GLY A 119 -2.68 16.69 1.39
C GLY A 119 -2.69 18.21 1.46
N PHE A 120 -1.92 18.76 2.38
CA PHE A 120 -1.85 20.21 2.55
C PHE A 120 -0.88 20.83 1.54
N SER A 121 0.40 20.50 1.67
CA SER A 121 1.42 21.02 0.76
C SER A 121 1.86 19.95 -0.23
N GLU A 122 2.77 20.33 -1.12
CA GLU A 122 3.26 19.41 -2.14
C GLU A 122 4.18 18.35 -1.51
N PRO A 123 4.01 17.08 -1.90
CA PRO A 123 4.82 15.97 -1.36
C PRO A 123 6.23 15.97 -1.92
N GLY A 124 7.22 16.09 -1.04
CA GLY A 124 8.61 16.09 -1.47
C GLY A 124 9.21 14.70 -1.49
N ASP A 125 8.73 13.84 -0.60
CA ASP A 125 9.24 12.47 -0.52
C ASP A 125 8.09 11.47 -0.60
N ALA A 126 8.36 10.32 -1.22
CA ALA A 126 7.35 9.28 -1.37
C ALA A 126 6.85 8.81 -0.01
N GLY A 127 5.81 7.97 -0.03
CA GLY A 127 5.26 7.46 1.21
C GLY A 127 5.44 5.97 1.36
N GLY A 128 4.89 5.41 2.42
CA GLY A 128 5.00 3.97 2.66
C GLY A 128 3.70 3.24 2.40
N ILE A 129 2.94 3.01 3.47
CA ILE A 129 1.66 2.30 3.35
C ILE A 129 0.53 3.12 3.97
N LEU A 130 -0.65 3.01 3.38
CA LEU A 130 -1.82 3.73 3.88
C LEU A 130 -2.54 2.91 4.95
N ARG A 131 -2.63 3.46 6.15
CA ARG A 131 -3.27 2.75 7.25
C ARG A 131 -4.50 3.50 7.77
N CYS A 132 -5.47 2.75 8.27
CA CYS A 132 -6.70 3.33 8.81
C CYS A 132 -6.80 3.04 10.30
N GLU A 133 -7.66 3.79 10.99
CA GLU A 133 -7.85 3.58 12.43
C GLU A 133 -8.24 2.13 12.73
N HIS A 134 -8.74 1.44 11.70
CA HIS A 134 -9.14 0.04 11.85
C HIS A 134 -8.00 -0.91 11.55
N GLY A 135 -7.15 -0.55 10.59
CA GLY A 135 -6.03 -1.42 10.23
C GLY A 135 -5.21 -0.89 9.08
N VAL A 136 -4.80 -1.79 8.20
CA VAL A 136 -4.00 -1.44 7.03
C VAL A 136 -4.84 -1.35 5.77
N ILE A 137 -4.62 -0.31 4.98
CA ILE A 137 -5.37 -0.14 3.73
C ILE A 137 -4.58 -0.68 2.54
N GLY A 138 -3.41 -0.11 2.30
CA GLY A 138 -2.60 -0.55 1.18
C GLY A 138 -1.24 0.13 1.11
N LEU A 139 -0.59 0.03 -0.04
CA LEU A 139 0.72 0.64 -0.25
C LEU A 139 0.67 1.70 -1.34
N VAL A 140 1.41 2.79 -1.13
CA VAL A 140 1.43 3.89 -2.08
C VAL A 140 1.89 3.43 -3.48
N THR A 141 1.38 4.11 -4.50
CA THR A 141 1.74 3.79 -5.89
C THR A 141 2.16 5.06 -6.62
N MET A 142 1.20 5.78 -7.21
CA MET A 142 1.53 7.01 -7.92
C MET A 142 1.07 8.24 -7.12
N GLY A 143 1.91 9.27 -7.11
CA GLY A 143 1.59 10.48 -6.40
C GLY A 143 1.61 11.70 -7.30
N GLY A 144 0.54 12.49 -7.27
CA GLY A 144 0.46 13.68 -8.10
C GLY A 144 1.21 14.85 -7.50
N GLU A 145 0.88 16.05 -7.95
CA GLU A 145 1.53 17.27 -7.45
C GLU A 145 1.07 17.56 -6.01
N GLY A 146 -0.06 16.99 -5.63
CA GLY A 146 -0.58 17.21 -4.29
C GLY A 146 -1.53 16.10 -3.85
N VAL A 147 -1.48 14.96 -4.52
CA VAL A 147 -2.34 13.83 -4.18
C VAL A 147 -1.51 12.57 -3.91
N VAL A 148 -2.08 11.64 -3.17
CA VAL A 148 -1.39 10.40 -2.82
C VAL A 148 -2.14 9.17 -3.36
N GLY A 149 -1.47 8.42 -4.24
CA GLY A 149 -2.08 7.22 -4.79
C GLY A 149 -1.75 5.99 -3.97
N PHE A 150 -2.77 5.28 -3.52
CA PHE A 150 -2.56 4.10 -2.69
C PHE A 150 -3.23 2.85 -3.28
N ALA A 151 -2.50 1.75 -3.29
CA ALA A 151 -3.03 0.49 -3.81
C ALA A 151 -3.73 -0.28 -2.69
N ASP A 152 -5.05 -0.41 -2.80
CA ASP A 152 -5.83 -1.09 -1.77
C ASP A 152 -5.54 -2.59 -1.70
N VAL A 153 -5.42 -3.08 -0.47
CA VAL A 153 -5.16 -4.51 -0.23
C VAL A 153 -6.48 -5.27 -0.12
N ARG A 154 -7.58 -4.58 -0.41
CA ARG A 154 -8.90 -5.19 -0.33
C ARG A 154 -9.13 -6.20 -1.46
N ASP A 155 -8.18 -6.27 -2.40
CA ASP A 155 -8.29 -7.20 -3.51
C ASP A 155 -7.51 -8.48 -3.26
N LEU A 156 -7.07 -8.67 -2.01
CA LEU A 156 -6.31 -9.86 -1.64
C LEU A 156 -6.02 -9.88 -0.15
N LEU A 157 -7.08 -9.73 0.64
CA LEU A 157 -6.96 -9.72 2.10
C LEU A 157 -6.60 -11.09 2.65
N TRP A 158 -6.74 -12.13 1.84
CA TRP A 158 -6.44 -13.50 2.28
C TRP A 158 -5.02 -13.60 2.84
N LEU A 159 -4.87 -13.24 4.11
CA LEU A 159 -3.59 -13.29 4.79
C LEU A 159 -3.79 -13.53 6.29
N GLU A 160 -4.75 -12.80 6.86
CA GLU A 160 -5.07 -12.93 8.28
C GLU A 160 -6.51 -12.49 8.56
N ASP A 161 -6.80 -12.22 9.83
CA ASP A 161 -8.14 -11.79 10.22
C ASP A 161 -8.48 -10.43 9.60
N ASP A 162 -9.75 -10.24 9.26
CA ASP A 162 -10.20 -8.99 8.67
C ASP A 162 -10.98 -8.16 9.68
N ALA A 163 -11.00 -6.84 9.48
CA ALA A 163 -11.71 -5.94 10.38
C ALA A 163 -13.20 -5.93 10.08
N MET A 164 -14.00 -6.31 11.06
CA MET A 164 -15.45 -6.35 10.91
C MET A 164 -16.15 -5.58 12.03
N GLU A 165 -17.15 -4.80 11.67
CA GLU A 165 -17.90 -4.01 12.64
C GLU A 165 -19.41 -4.18 12.44
N GLN A 166 -19.95 -5.25 12.98
CA GLN A 166 -21.38 -5.53 12.87
C GLN A 166 -21.97 -5.93 14.22
ZN ZN B . -11.29 2.48 8.68
N GLY A 17 20.86 -20.64 8.32
CA GLY A 17 21.15 -19.32 7.68
C GLY A 17 20.55 -18.16 8.46
N PRO A 18 21.06 -16.93 8.24
CA PRO A 18 20.56 -15.74 8.93
C PRO A 18 19.15 -15.36 8.47
N TYR A 19 18.45 -14.60 9.32
CA TYR A 19 17.10 -14.16 9.00
C TYR A 19 17.11 -12.88 8.17
N GLY A 20 16.15 -12.77 7.26
CA GLY A 20 16.06 -11.60 6.41
C GLY A 20 14.82 -10.78 6.67
N HIS A 21 14.89 -9.48 6.39
CA HIS A 21 13.76 -8.59 6.60
C HIS A 21 13.79 -7.44 5.60
N GLN A 22 12.64 -6.80 5.40
CA GLN A 22 12.53 -5.68 4.48
C GLN A 22 11.44 -4.71 4.91
N SER A 23 11.58 -3.45 4.51
CA SER A 23 10.59 -2.43 4.85
C SER A 23 9.97 -1.82 3.61
N GLY A 24 9.03 -0.89 3.80
CA GLY A 24 8.38 -0.26 2.68
C GLY A 24 7.05 -0.90 2.33
N ALA A 25 6.94 -2.20 2.60
CA ALA A 25 5.72 -2.95 2.33
C ALA A 25 4.97 -3.28 3.61
N VAL A 26 3.97 -4.13 3.50
CA VAL A 26 3.18 -4.53 4.67
C VAL A 26 3.16 -6.05 4.83
N TYR A 27 3.67 -6.54 5.95
CA TYR A 27 3.72 -7.96 6.22
C TYR A 27 2.56 -8.39 7.11
N VAL A 28 1.68 -9.23 6.59
CA VAL A 28 0.54 -9.72 7.35
C VAL A 28 0.56 -11.24 7.50
N GLY A 29 0.38 -11.71 8.73
CA GLY A 29 0.37 -13.15 8.99
C GLY A 29 1.50 -13.88 8.31
N ASN A 30 1.15 -14.89 7.51
CA ASN A 30 2.15 -15.68 6.79
C ASN A 30 2.28 -15.20 5.34
N TYR A 31 1.83 -13.98 5.08
CA TYR A 31 1.90 -13.39 3.75
C TYR A 31 2.51 -12.00 3.81
N LYS A 32 3.16 -11.58 2.73
CA LYS A 32 3.78 -10.26 2.68
C LYS A 32 3.53 -9.61 1.32
N VAL A 33 2.77 -8.52 1.32
CA VAL A 33 2.47 -7.84 0.07
C VAL A 33 3.32 -6.58 -0.11
N VAL A 34 4.08 -6.55 -1.20
CA VAL A 34 4.95 -5.42 -1.53
C VAL A 34 4.82 -5.05 -2.99
N ASN A 35 5.24 -3.84 -3.34
CA ASN A 35 5.19 -3.39 -4.73
C ASN A 35 6.10 -4.25 -5.60
N ARG A 36 5.64 -4.57 -6.81
CA ARG A 36 6.43 -5.39 -7.73
C ARG A 36 7.79 -4.76 -8.00
N HIS A 37 7.82 -3.43 -8.12
CA HIS A 37 9.06 -2.72 -8.38
C HIS A 37 9.97 -2.75 -7.15
N LEU A 38 9.43 -3.22 -6.02
CA LEU A 38 10.20 -3.29 -4.78
C LEU A 38 10.45 -4.74 -4.36
N ALA A 39 9.83 -5.70 -5.06
CA ALA A 39 10.00 -7.09 -4.72
C ALA A 39 11.30 -7.63 -5.29
N THR A 40 11.87 -8.63 -4.62
CA THR A 40 13.13 -9.23 -5.05
C THR A 40 12.85 -10.59 -5.70
N HIS A 41 13.87 -11.14 -6.34
CA HIS A 41 13.73 -12.44 -7.00
C HIS A 41 13.22 -13.49 -6.02
N VAL A 42 13.55 -13.31 -4.75
CA VAL A 42 13.12 -14.23 -3.69
C VAL A 42 11.65 -14.05 -3.38
N ASP A 43 11.14 -12.83 -3.52
CA ASP A 43 9.74 -12.55 -3.24
C ASP A 43 8.87 -13.26 -4.26
N TRP A 44 9.28 -13.17 -5.51
CA TRP A 44 8.56 -13.82 -6.59
C TRP A 44 8.78 -15.33 -6.56
N GLN A 45 9.95 -15.73 -6.10
CA GLN A 45 10.29 -17.15 -6.00
C GLN A 45 9.27 -17.89 -5.14
N ASN A 46 8.92 -17.29 -4.01
CA ASN A 46 7.95 -17.88 -3.10
C ASN A 46 6.67 -17.05 -3.08
N CYS A 47 6.37 -16.39 -4.20
CA CYS A 47 5.18 -15.57 -4.32
C CYS A 47 3.95 -16.41 -4.60
N VAL A 48 2.86 -16.09 -3.91
CA VAL A 48 1.60 -16.81 -4.08
C VAL A 48 0.71 -16.09 -5.08
N TRP A 49 0.66 -14.76 -5.00
CA TRP A 49 -0.17 -13.97 -5.89
C TRP A 49 0.54 -12.69 -6.35
N GLU A 50 0.17 -12.19 -7.53
CA GLU A 50 0.76 -10.97 -8.07
C GLU A 50 -0.08 -10.42 -9.22
N ASP A 51 -0.70 -9.27 -8.99
CA ASP A 51 -1.53 -8.63 -10.01
C ASP A 51 -0.86 -7.40 -10.60
N TYR A 52 -0.76 -7.37 -11.93
CA TYR A 52 -0.13 -6.27 -12.63
C TYR A 52 -0.96 -5.00 -12.52
N ASN A 53 -2.29 -5.14 -12.49
CA ASN A 53 -3.18 -4.00 -12.36
C ASN A 53 -2.90 -3.24 -11.08
N ARG A 54 -2.31 -3.92 -10.10
CA ARG A 54 -1.98 -3.30 -8.83
C ARG A 54 -0.47 -3.29 -8.60
N ASP A 55 0.28 -3.90 -9.51
CA ASP A 55 1.73 -3.97 -9.38
C ASP A 55 2.11 -4.44 -7.98
N LEU A 56 1.30 -5.31 -7.43
CA LEU A 56 1.52 -5.83 -6.08
C LEU A 56 1.57 -7.36 -6.09
N LEU A 57 2.30 -7.92 -5.13
CA LEU A 57 2.42 -9.38 -5.03
C LEU A 57 2.46 -9.83 -3.58
N VAL A 58 2.08 -11.08 -3.34
CA VAL A 58 2.09 -11.64 -2.00
C VAL A 58 2.98 -12.86 -1.94
N SER A 59 3.86 -12.87 -0.95
CA SER A 59 4.78 -13.98 -0.74
C SER A 59 4.57 -14.54 0.66
N THR A 60 4.96 -15.79 0.86
CA THR A 60 4.78 -16.43 2.16
C THR A 60 6.05 -16.36 3.00
N THR A 61 5.93 -15.82 4.20
CA THR A 61 7.06 -15.68 5.11
C THR A 61 7.14 -16.87 6.06
N THR A 62 5.99 -17.44 6.40
CA THR A 62 5.92 -18.58 7.29
C THR A 62 6.41 -18.20 8.69
N ALA A 63 6.06 -17.00 9.12
CA ALA A 63 6.46 -16.51 10.44
C ALA A 63 5.29 -15.81 11.13
N HIS A 64 5.57 -15.24 12.30
CA HIS A 64 4.54 -14.53 13.07
C HIS A 64 4.18 -13.21 12.41
N GLY A 65 2.89 -13.02 12.14
CA GLY A 65 2.44 -11.79 11.51
C GLY A 65 2.70 -10.57 12.36
N CYS A 66 2.43 -9.39 11.81
CA CYS A 66 2.64 -8.13 12.52
C CYS A 66 1.55 -7.13 12.19
N ASP A 67 1.60 -6.59 10.97
CA ASP A 67 0.62 -5.62 10.53
C ASP A 67 -0.77 -6.25 10.39
N THR A 68 -1.80 -5.47 10.66
CA THR A 68 -3.18 -5.95 10.57
C THR A 68 -3.97 -5.12 9.57
N ILE A 69 -4.46 -5.76 8.52
CA ILE A 69 -5.24 -5.07 7.50
C ILE A 69 -6.65 -4.79 7.99
N ALA A 70 -7.16 -3.59 7.66
CA ALA A 70 -8.49 -3.21 8.06
C ALA A 70 -9.47 -3.36 6.89
N ARG A 71 -10.47 -4.23 7.07
CA ARG A 71 -11.47 -4.46 6.04
C ARG A 71 -12.64 -3.51 6.21
N CYS A 72 -12.34 -2.26 6.51
CA CYS A 72 -13.37 -1.24 6.71
C CYS A 72 -13.54 -0.38 5.46
N GLN A 73 -14.61 0.39 5.41
CA GLN A 73 -14.90 1.25 4.27
C GLN A 73 -14.87 2.73 4.65
N CYS A 74 -13.94 3.10 5.51
CA CYS A 74 -13.81 4.48 5.95
C CYS A 74 -13.24 5.35 4.83
N THR A 75 -13.93 6.45 4.52
CA THR A 75 -13.48 7.36 3.48
C THR A 75 -12.21 8.10 3.90
N THR A 76 -11.88 8.01 5.19
CA THR A 76 -10.71 8.68 5.72
C THR A 76 -9.62 7.67 6.09
N GLY A 77 -8.39 8.15 6.17
CA GLY A 77 -7.27 7.29 6.50
C GLY A 77 -5.97 8.07 6.61
N VAL A 78 -5.07 7.62 7.47
CA VAL A 78 -3.79 8.31 7.64
C VAL A 78 -2.65 7.55 6.98
N TYR A 79 -1.79 8.29 6.29
CA TYR A 79 -0.64 7.69 5.61
C TYR A 79 0.66 8.36 6.06
N PHE A 80 1.71 7.56 6.21
CA PHE A 80 3.01 8.08 6.64
C PHE A 80 3.48 9.19 5.71
N CYS A 81 3.69 10.38 6.27
CA CYS A 81 4.14 11.52 5.48
C CYS A 81 5.59 11.34 5.02
N ALA A 82 5.86 11.75 3.78
CA ALA A 82 7.21 11.63 3.23
C ALA A 82 8.06 12.82 3.61
N SER A 83 7.49 14.01 3.49
CA SER A 83 8.20 15.24 3.83
C SER A 83 8.31 15.39 5.34
N LYS A 84 7.32 14.86 6.05
CA LYS A 84 7.30 14.93 7.51
C LYS A 84 7.41 13.54 8.12
N SER A 85 7.94 13.46 9.33
CA SER A 85 8.09 12.18 10.01
C SER A 85 6.92 11.94 10.96
N LYS A 86 5.74 12.38 10.55
CA LYS A 86 4.54 12.24 11.35
C LYS A 86 3.42 11.57 10.54
N HIS A 87 2.35 11.20 11.24
CA HIS A 87 1.20 10.56 10.60
C HIS A 87 0.28 11.63 10.02
N TYR A 88 -0.04 11.50 8.74
CA TYR A 88 -0.90 12.47 8.07
C TYR A 88 -2.26 11.88 7.73
N PRO A 89 -3.34 12.38 8.35
CA PRO A 89 -4.69 11.91 8.09
C PRO A 89 -5.24 12.53 6.81
N VAL A 90 -5.59 11.68 5.85
CA VAL A 90 -6.09 12.14 4.56
C VAL A 90 -7.32 11.37 4.12
N SER A 91 -8.27 12.09 3.51
CA SER A 91 -9.49 11.48 2.99
C SER A 91 -9.29 11.18 1.52
N PHE A 92 -9.54 9.93 1.12
CA PHE A 92 -9.34 9.54 -0.27
C PHE A 92 -10.55 8.80 -0.83
N GLU A 93 -10.53 8.65 -2.15
CA GLU A 93 -11.59 7.94 -2.87
C GLU A 93 -11.01 6.65 -3.44
N GLY A 94 -11.87 5.68 -3.74
CA GLY A 94 -11.38 4.42 -4.27
C GLY A 94 -11.73 4.18 -5.73
N PRO A 95 -11.17 4.98 -6.67
CA PRO A 95 -11.44 4.79 -8.10
C PRO A 95 -10.85 3.49 -8.62
N GLY A 96 -11.60 2.84 -9.52
CA GLY A 96 -11.16 1.58 -10.08
C GLY A 96 -9.86 1.70 -10.86
N LEU A 97 -9.98 1.89 -12.18
CA LEU A 97 -8.80 2.00 -13.03
C LEU A 97 -8.25 3.42 -13.09
N VAL A 98 -7.01 3.57 -12.67
CA VAL A 98 -6.33 4.86 -12.71
C VAL A 98 -5.03 4.72 -13.50
N GLU A 99 -4.89 5.53 -14.55
CA GLU A 99 -3.70 5.45 -15.39
C GLU A 99 -2.49 6.03 -14.65
N VAL A 100 -1.59 5.14 -14.24
CA VAL A 100 -0.40 5.55 -13.52
C VAL A 100 0.61 6.19 -14.47
N GLN A 101 0.86 7.48 -14.27
CA GLN A 101 1.81 8.21 -15.10
C GLN A 101 3.23 7.86 -14.65
N GLU A 102 4.18 7.92 -15.57
CA GLU A 102 5.55 7.59 -15.22
C GLU A 102 6.11 8.63 -14.27
N SER A 103 6.13 8.30 -12.99
CA SER A 103 6.63 9.19 -11.96
C SER A 103 7.32 8.40 -10.85
N GLU A 104 8.16 9.07 -10.09
CA GLU A 104 8.87 8.43 -8.97
C GLU A 104 9.57 7.14 -9.41
N TYR A 105 8.80 6.05 -9.48
CA TYR A 105 9.35 4.75 -9.89
C TYR A 105 8.24 3.85 -10.43
N TYR A 106 7.18 4.48 -10.94
CA TYR A 106 6.06 3.74 -11.50
C TYR A 106 5.90 4.03 -13.00
N PRO A 107 6.08 3.01 -13.85
CA PRO A 107 5.96 3.16 -15.31
C PRO A 107 4.58 3.64 -15.74
N LYS A 108 4.54 4.40 -16.85
CA LYS A 108 3.29 4.93 -17.39
C LYS A 108 2.36 3.80 -17.79
N ARG A 109 1.77 3.12 -16.81
CA ARG A 109 0.87 2.00 -17.08
C ARG A 109 -0.50 2.21 -16.44
N TYR A 110 -1.39 1.23 -16.63
CA TYR A 110 -2.73 1.27 -16.07
C TYR A 110 -2.81 0.42 -14.81
N GLN A 111 -3.40 0.97 -13.76
CA GLN A 111 -3.53 0.25 -12.49
C GLN A 111 -4.95 0.34 -11.95
N SER A 112 -5.51 -0.81 -11.57
CA SER A 112 -6.88 -0.85 -11.05
C SER A 112 -6.89 -0.99 -9.53
N HIS A 113 -7.91 -0.41 -8.90
CA HIS A 113 -8.07 -0.47 -7.45
C HIS A 113 -7.07 0.44 -6.72
N VAL A 114 -7.07 1.73 -7.06
CA VAL A 114 -6.15 2.67 -6.42
C VAL A 114 -6.93 3.83 -5.80
N LEU A 115 -6.46 4.30 -4.65
CA LEU A 115 -7.10 5.41 -3.95
C LEU A 115 -6.29 6.69 -4.13
N LEU A 116 -6.98 7.82 -4.26
CA LEU A 116 -6.30 9.10 -4.45
C LEU A 116 -6.84 10.19 -3.54
N ALA A 117 -5.94 11.03 -3.03
CA ALA A 117 -6.32 12.13 -2.14
C ALA A 117 -5.34 13.29 -2.27
N THR A 118 -5.84 14.51 -2.16
CA THR A 118 -5.00 15.69 -2.26
C THR A 118 -4.67 16.24 -0.88
N GLY A 119 -3.38 16.40 -0.60
CA GLY A 119 -2.95 16.91 0.70
C GLY A 119 -3.18 18.40 0.83
N PHE A 120 -2.79 19.15 -0.20
CA PHE A 120 -2.95 20.60 -0.20
C PHE A 120 -2.12 21.23 0.93
N SER A 121 -1.01 20.59 1.28
CA SER A 121 -0.14 21.08 2.33
C SER A 121 1.32 20.93 1.95
N GLU A 122 1.74 19.68 1.72
CA GLU A 122 3.12 19.40 1.34
C GLU A 122 3.19 18.18 0.42
N PRO A 123 4.07 18.23 -0.60
CA PRO A 123 4.23 17.11 -1.54
C PRO A 123 5.05 15.97 -0.97
N GLY A 124 5.32 14.96 -1.79
CA GLY A 124 6.10 13.82 -1.34
C GLY A 124 5.23 12.62 -1.00
N ASP A 125 5.82 11.43 -1.07
CA ASP A 125 5.10 10.21 -0.76
C ASP A 125 6.03 9.16 -0.17
N ALA A 126 7.17 8.95 -0.82
CA ALA A 126 8.15 7.97 -0.35
C ALA A 126 7.52 6.58 -0.21
N GLY A 127 8.25 5.68 0.43
CA GLY A 127 7.76 4.32 0.63
C GLY A 127 6.98 4.17 1.92
N GLY A 128 5.66 4.10 1.80
CA GLY A 128 4.81 3.94 2.97
C GLY A 128 3.51 3.23 2.66
N ILE A 129 2.73 2.96 3.69
CA ILE A 129 1.45 2.27 3.53
C ILE A 129 0.31 3.07 4.16
N LEU A 130 -0.87 3.00 3.53
CA LEU A 130 -2.03 3.71 4.03
C LEU A 130 -2.77 2.85 5.06
N ARG A 131 -2.81 3.32 6.30
CA ARG A 131 -3.47 2.57 7.37
C ARG A 131 -4.64 3.36 7.96
N CYS A 132 -5.65 2.62 8.40
CA CYS A 132 -6.84 3.21 9.00
C CYS A 132 -6.87 2.92 10.50
N GLU A 133 -7.70 3.65 11.23
CA GLU A 133 -7.81 3.45 12.67
C GLU A 133 -8.16 1.99 12.99
N HIS A 134 -8.69 1.28 11.99
CA HIS A 134 -9.07 -0.11 12.15
C HIS A 134 -7.89 -1.04 11.82
N GLY A 135 -7.11 -0.67 10.81
CA GLY A 135 -5.97 -1.49 10.42
C GLY A 135 -5.22 -0.94 9.23
N VAL A 136 -4.88 -1.82 8.29
CA VAL A 136 -4.14 -1.43 7.09
C VAL A 136 -5.05 -1.37 5.87
N ILE A 137 -4.91 -0.32 5.08
CA ILE A 137 -5.71 -0.16 3.87
C ILE A 137 -4.94 -0.64 2.64
N GLY A 138 -3.87 0.08 2.30
CA GLY A 138 -3.08 -0.29 1.14
C GLY A 138 -1.66 0.25 1.21
N LEU A 139 -0.95 0.16 0.09
CA LEU A 139 0.42 0.63 0.00
C LEU A 139 0.54 1.79 -1.00
N VAL A 140 1.64 2.51 -0.95
CA VAL A 140 1.85 3.64 -1.85
C VAL A 140 2.12 3.19 -3.28
N THR A 141 1.51 3.87 -4.24
CA THR A 141 1.69 3.56 -5.66
C THR A 141 2.03 4.83 -6.44
N MET A 142 1.02 5.52 -6.97
CA MET A 142 1.26 6.75 -7.70
C MET A 142 1.33 7.94 -6.76
N GLY A 143 2.17 8.91 -7.08
CA GLY A 143 2.32 10.07 -6.24
C GLY A 143 2.59 11.34 -7.02
N GLY A 144 1.59 12.21 -7.12
CA GLY A 144 1.76 13.45 -7.85
C GLY A 144 2.24 14.58 -6.97
N GLU A 145 2.17 15.81 -7.48
CA GLU A 145 2.60 16.98 -6.73
C GLU A 145 1.42 17.61 -5.98
N GLY A 146 0.35 16.85 -5.82
CA GLY A 146 -0.82 17.37 -5.12
C GLY A 146 -1.72 16.26 -4.59
N VAL A 147 -1.76 15.13 -5.28
CA VAL A 147 -2.59 14.00 -4.86
C VAL A 147 -1.73 12.79 -4.49
N VAL A 148 -2.30 11.91 -3.67
CA VAL A 148 -1.59 10.72 -3.22
C VAL A 148 -2.26 9.44 -3.73
N GLY A 149 -1.54 8.67 -4.53
CA GLY A 149 -2.08 7.43 -5.06
C GLY A 149 -1.67 6.23 -4.24
N PHE A 150 -2.66 5.49 -3.73
CA PHE A 150 -2.40 4.32 -2.90
C PHE A 150 -3.08 3.08 -3.45
N ALA A 151 -2.38 1.95 -3.42
CA ALA A 151 -2.91 0.69 -3.89
C ALA A 151 -3.66 -0.04 -2.76
N ASP A 152 -4.96 -0.20 -2.92
CA ASP A 152 -5.77 -0.86 -1.90
C ASP A 152 -5.46 -2.35 -1.80
N VAL A 153 -5.43 -2.86 -0.56
CA VAL A 153 -5.16 -4.27 -0.31
C VAL A 153 -6.48 -5.07 -0.28
N ARG A 154 -7.57 -4.41 -0.65
CA ARG A 154 -8.88 -5.05 -0.68
C ARG A 154 -8.98 -6.09 -1.80
N ASP A 155 -7.95 -6.18 -2.64
CA ASP A 155 -7.95 -7.14 -3.74
C ASP A 155 -7.18 -8.40 -3.38
N LEU A 156 -6.84 -8.56 -2.10
CA LEU A 156 -6.11 -9.74 -1.65
C LEU A 156 -5.93 -9.72 -0.14
N LEU A 157 -7.03 -9.49 0.56
CA LEU A 157 -7.02 -9.43 2.01
C LEU A 157 -6.73 -10.79 2.63
N TRP A 158 -6.82 -11.85 1.84
CA TRP A 158 -6.56 -13.20 2.33
C TRP A 158 -5.16 -13.32 2.92
N LEU A 159 -5.01 -12.89 4.17
CA LEU A 159 -3.74 -12.95 4.88
C LEU A 159 -3.97 -13.28 6.34
N GLU A 160 -4.91 -12.58 6.96
CA GLU A 160 -5.23 -12.81 8.37
C GLU A 160 -6.68 -12.39 8.67
N ASP A 161 -6.99 -12.21 9.95
CA ASP A 161 -8.33 -11.81 10.36
C ASP A 161 -8.66 -10.41 9.83
N ASP A 162 -9.74 -10.31 9.06
CA ASP A 162 -10.17 -9.03 8.50
C ASP A 162 -11.04 -8.26 9.49
N ALA A 163 -11.06 -6.95 9.36
CA ALA A 163 -11.85 -6.10 10.24
C ALA A 163 -13.31 -6.07 9.81
N MET A 164 -14.19 -6.50 10.70
CA MET A 164 -15.63 -6.53 10.41
C MET A 164 -16.35 -5.41 11.15
N GLU A 165 -17.61 -5.20 10.80
CA GLU A 165 -18.42 -4.15 11.42
C GLU A 165 -18.55 -4.39 12.92
N GLN A 166 -18.18 -3.38 13.71
CA GLN A 166 -18.24 -3.48 15.17
C GLN A 166 -19.65 -3.16 15.67
ZN ZN B . -11.42 2.31 9.07
#